data_3KSZ
#
_entry.id   3KSZ
#
_cell.length_a   67.872
_cell.length_b   93.596
_cell.length_c   89.884
_cell.angle_alpha   90.00
_cell.angle_beta   107.61
_cell.angle_gamma   90.00
#
_symmetry.space_group_name_H-M   'P 1 21 1'
#
loop_
_entity.id
_entity.type
_entity.pdbx_description
1 polymer 'Glyceraldehyde-3-phosphate dehydrogenase 1'
2 non-polymer NICOTINAMIDE-ADENINE-DINUCLEOTIDE
3 non-polymer '3-PHOSPHOGLYCERIC ACID'
4 water water
#
_entity_poly.entity_id   1
_entity_poly.type   'polypeptide(L)'
_entity_poly.pdbx_seq_one_letter_code
;MAVKVAINGFGRIGRLAFRRIQEVEGLEVVAVNDLTDDDMLAHLLKYDTMQGRFTGEVEVVDGGFRVNGKEVKSFSEPDA
SKLPWKDLNIDVVLECTGFYTDKDKAQAHIEAGAKKVLISAPATGDLKTIVFNTNHQELDGSETVVSGASSTTNSLAPVA
KVLNDDFGLVEGLMTTINAYTGDQNTQDAPHRKGDKRRARAAAENIIPNSTGAAKAIGKVIPEIDGKLDGGAQRVPVATG
SLTELTVVLEKQDVTVEQVNEAMKNASNESFGYTEDEIVSSDVVGMTYGSLFDATQTRVMSVGDRQLVKVAAWYDNEMSY
TAQLVRTLAYLAELSK
;
_entity_poly.pdbx_strand_id   O,P,R,Q
#
loop_
_chem_comp.id
_chem_comp.type
_chem_comp.name
_chem_comp.formula
3PG non-polymer '3-PHOSPHOGLYCERIC ACID' 'C3 H7 O7 P'
NAD non-polymer NICOTINAMIDE-ADENINE-DINUCLEOTIDE 'C21 H27 N7 O14 P2'
#
# COMPACT_ATOMS: atom_id res chain seq x y z
N ALA A 2 3.27 41.37 -16.10
CA ALA A 2 3.14 40.15 -15.23
C ALA A 2 4.33 39.97 -14.26
N VAL A 3 4.08 39.23 -13.16
CA VAL A 3 5.04 39.08 -12.07
C VAL A 3 5.92 37.90 -12.36
N LYS A 4 7.23 38.15 -12.44
CA LYS A 4 8.21 37.15 -12.89
C LYS A 4 8.65 36.23 -11.77
N VAL A 5 8.24 34.96 -11.86
CA VAL A 5 8.53 33.98 -10.85
C VAL A 5 9.57 32.98 -11.36
N ALA A 6 10.48 32.60 -10.46
CA ALA A 6 11.42 31.48 -10.67
C ALA A 6 11.19 30.50 -9.53
N ILE A 7 11.09 29.22 -9.87
CA ILE A 7 10.95 28.14 -8.90
C ILE A 7 12.29 27.42 -8.70
N ASN A 8 12.85 27.54 -7.50
CA ASN A 8 14.06 26.79 -7.13
C ASN A 8 13.68 25.47 -6.48
N GLY A 9 13.89 24.38 -7.20
CA GLY A 9 13.53 23.03 -6.75
C GLY A 9 12.20 22.62 -7.35
N PHE A 10 12.27 21.94 -8.48
CA PHE A 10 11.06 21.52 -9.18
C PHE A 10 10.50 20.17 -8.65
N GLY A 11 10.40 20.03 -7.32
CA GLY A 11 9.88 18.84 -6.67
C GLY A 11 8.36 18.83 -6.55
N ARG A 12 7.85 18.18 -5.48
CA ARG A 12 6.41 18.07 -5.28
C ARG A 12 5.70 19.44 -5.15
N ILE A 13 6.20 20.28 -4.24
CA ILE A 13 5.68 21.61 -4.06
C ILE A 13 5.99 22.52 -5.26
N GLY A 14 7.22 22.47 -5.75
CA GLY A 14 7.64 23.26 -6.92
C GLY A 14 6.80 23.02 -8.18
N ARG A 15 6.56 21.74 -8.49
CA ARG A 15 5.75 21.42 -9.69
C ARG A 15 4.27 21.78 -9.51
N LEU A 16 3.72 21.53 -8.34
CA LEU A 16 2.33 21.93 -8.08
C LEU A 16 2.15 23.46 -8.07
N ALA A 17 3.11 24.17 -7.47
CA ALA A 17 3.17 25.64 -7.57
C ALA A 17 3.14 26.08 -9.04
N PHE A 18 3.95 25.41 -9.85
CA PHE A 18 3.90 25.65 -11.28
C PHE A 18 2.45 25.47 -11.83
N ARG A 19 1.79 24.36 -11.46
CA ARG A 19 0.49 24.05 -12.04
C ARG A 19 -0.55 25.07 -11.61
N ARG A 20 -0.56 25.34 -10.32
CA ARG A 20 -1.47 26.27 -9.69
C ARG A 20 -1.31 27.67 -10.26
N ILE A 21 -0.07 28.09 -10.57
CA ILE A 21 0.19 29.40 -11.19
C ILE A 21 -0.42 29.56 -12.60
N GLN A 22 -0.50 28.46 -13.35
CA GLN A 22 -1.19 28.48 -14.63
C GLN A 22 -2.64 28.91 -14.44
N GLU A 23 -3.29 28.46 -13.37
CA GLU A 23 -4.72 28.79 -13.10
C GLU A 23 -4.92 30.21 -12.62
N VAL A 24 -3.83 30.89 -12.22
CA VAL A 24 -3.92 32.20 -11.56
C VAL A 24 -3.33 33.35 -12.39
N GLU A 25 -4.21 34.26 -12.77
CA GLU A 25 -3.84 35.41 -13.62
C GLU A 25 -2.76 36.32 -13.00
N GLY A 26 -1.87 36.84 -13.85
CA GLY A 26 -0.87 37.81 -13.43
C GLY A 26 0.43 37.31 -12.83
N LEU A 27 0.54 36.00 -12.61
CA LEU A 27 1.79 35.37 -12.23
C LEU A 27 2.30 34.52 -13.40
N GLU A 28 3.60 34.65 -13.68
CA GLU A 28 4.22 33.92 -14.79
C GLU A 28 5.54 33.25 -14.33
N VAL A 29 5.60 31.91 -14.39
CA VAL A 29 6.85 31.21 -14.15
C VAL A 29 7.74 31.33 -15.39
N VAL A 30 8.88 31.99 -15.27
CA VAL A 30 9.77 32.11 -16.43
C VAL A 30 10.96 31.16 -16.37
N ALA A 31 11.25 30.63 -15.20
CA ALA A 31 12.38 29.73 -15.02
C ALA A 31 12.15 28.70 -13.92
N VAL A 32 12.83 27.56 -14.05
CA VAL A 32 12.94 26.58 -12.98
C VAL A 32 14.40 26.17 -12.84
N ASN A 33 14.79 25.78 -11.63
CA ASN A 33 16.06 25.18 -11.36
C ASN A 33 15.85 23.88 -10.63
N ASP A 34 16.56 22.84 -11.06
CA ASP A 34 16.59 21.58 -10.30
C ASP A 34 17.94 20.89 -10.53
N LEU A 35 18.04 19.58 -10.30
CA LEU A 35 19.32 18.90 -10.38
C LEU A 35 19.34 17.80 -11.43
N THR A 36 18.61 18.00 -12.51
CA THR A 36 18.40 16.92 -13.46
C THR A 36 18.23 17.50 -14.86
N ASP A 37 18.02 16.65 -15.86
CA ASP A 37 17.87 17.11 -17.23
C ASP A 37 16.42 17.60 -17.53
N ASP A 38 16.28 18.27 -18.68
CA ASP A 38 14.99 18.76 -19.19
C ASP A 38 13.91 17.71 -19.36
N ASP A 39 14.28 16.57 -19.92
CA ASP A 39 13.34 15.55 -20.28
C ASP A 39 12.60 15.09 -19.02
N MET A 40 13.35 15.00 -17.91
CA MET A 40 12.87 14.58 -16.62
C MET A 40 11.89 15.59 -16.07
N LEU A 41 12.29 16.85 -16.06
CA LEU A 41 11.46 17.93 -15.56
C LEU A 41 10.14 17.94 -16.28
N ALA A 42 10.20 17.94 -17.60
CA ALA A 42 8.99 17.98 -18.42
C ALA A 42 8.09 16.78 -18.13
N HIS A 43 8.67 15.59 -18.19
CA HIS A 43 7.96 14.35 -17.84
C HIS A 43 7.21 14.35 -16.50
N LEU A 44 7.88 14.84 -15.44
CA LEU A 44 7.27 14.88 -14.08
C LEU A 44 6.21 15.98 -13.86
N LEU A 45 6.17 16.97 -14.73
CA LEU A 45 5.11 17.96 -14.75
C LEU A 45 3.89 17.39 -15.50
N LYS A 46 4.13 16.69 -16.60
CA LYS A 46 3.03 16.09 -17.37
C LYS A 46 2.30 15.05 -16.51
N TYR A 47 3.07 14.13 -15.96
CA TYR A 47 2.55 13.00 -15.24
C TYR A 47 2.71 13.14 -13.74
N ASP A 48 1.63 12.91 -12.99
CA ASP A 48 1.65 13.03 -11.52
C ASP A 48 0.81 11.95 -10.88
N THR A 49 1.48 11.06 -10.15
CA THR A 49 0.85 9.89 -9.54
C THR A 49 -0.46 10.21 -8.80
N MET A 50 -0.39 11.17 -7.88
CA MET A 50 -1.53 11.45 -7.01
C MET A 50 -2.35 12.62 -7.46
N GLN A 51 -1.70 13.57 -8.17
CA GLN A 51 -2.38 14.80 -8.61
C GLN A 51 -2.97 14.76 -10.02
N GLY A 52 -2.64 13.74 -10.81
CA GLY A 52 -3.20 13.57 -12.14
C GLY A 52 -2.43 14.23 -13.28
N ARG A 53 -2.85 13.97 -14.51
CA ARG A 53 -2.10 14.41 -15.64
C ARG A 53 -2.27 15.90 -15.77
N PHE A 54 -1.21 16.57 -16.22
CA PHE A 54 -1.28 17.97 -16.53
C PHE A 54 -2.18 18.09 -17.77
N THR A 55 -3.05 19.09 -17.74
CA THR A 55 -4.05 19.28 -18.80
C THR A 55 -3.41 19.81 -20.11
N GLY A 56 -2.64 20.90 -20.02
CA GLY A 56 -2.02 21.49 -21.20
C GLY A 56 -0.98 20.65 -21.92
N GLU A 57 -0.34 21.24 -22.92
CA GLU A 57 0.67 20.54 -23.68
C GLU A 57 2.04 20.90 -23.09
N VAL A 58 2.92 19.91 -23.00
CA VAL A 58 4.27 20.12 -22.48
C VAL A 58 5.29 19.56 -23.46
N GLU A 59 6.22 20.39 -23.89
CA GLU A 59 7.19 20.00 -24.91
C GLU A 59 8.59 20.41 -24.46
N VAL A 60 9.55 19.52 -24.59
CA VAL A 60 10.94 19.86 -24.27
C VAL A 60 11.55 20.69 -25.41
N VAL A 61 12.21 21.80 -25.07
CA VAL A 61 13.13 22.50 -25.96
C VAL A 61 14.52 22.56 -25.28
N ASP A 62 15.48 23.35 -25.76
CA ASP A 62 16.79 23.38 -25.05
C ASP A 62 16.83 24.40 -23.95
N GLY A 63 16.28 25.60 -24.17
CA GLY A 63 16.08 26.50 -23.05
C GLY A 63 15.65 25.72 -21.80
N GLY A 64 14.80 24.71 -22.01
CA GLY A 64 14.10 24.03 -20.95
C GLY A 64 12.90 23.35 -21.57
N PHE A 65 11.71 23.90 -21.33
CA PHE A 65 10.48 23.31 -21.87
C PHE A 65 9.37 24.36 -22.13
N ARG A 66 8.38 23.94 -22.92
CA ARG A 66 7.30 24.81 -23.41
C ARG A 66 5.96 24.29 -22.88
N VAL A 67 5.23 25.16 -22.20
CA VAL A 67 3.96 24.74 -21.65
C VAL A 67 2.87 25.61 -22.25
N ASN A 68 1.96 24.98 -22.99
CA ASN A 68 0.95 25.71 -23.77
C ASN A 68 1.57 26.88 -24.52
N GLY A 69 2.64 26.62 -25.26
CA GLY A 69 3.30 27.66 -26.06
C GLY A 69 4.25 28.58 -25.32
N LYS A 70 4.10 28.69 -23.98
CA LYS A 70 5.01 29.54 -23.17
C LYS A 70 6.34 28.86 -22.86
N GLU A 71 7.46 29.52 -23.21
CA GLU A 71 8.79 28.99 -22.93
C GLU A 71 9.09 29.10 -21.44
N VAL A 72 9.79 28.09 -20.90
CA VAL A 72 10.26 28.08 -19.51
C VAL A 72 11.70 27.66 -19.53
N LYS A 73 12.60 28.56 -19.14
CA LYS A 73 14.01 28.28 -19.07
C LYS A 73 14.23 27.36 -17.88
N SER A 74 15.18 26.43 -17.99
CA SER A 74 15.48 25.54 -16.89
C SER A 74 16.97 25.42 -16.66
N PHE A 75 17.32 25.25 -15.40
CA PHE A 75 18.72 25.21 -14.99
C PHE A 75 19.04 24.01 -14.11
N SER A 76 20.33 23.75 -13.99
CA SER A 76 20.82 22.56 -13.35
C SER A 76 21.93 22.92 -12.37
N GLU A 77 21.64 23.83 -11.43
CA GLU A 77 22.66 24.53 -10.68
C GLU A 77 22.39 24.47 -9.17
N PRO A 78 23.17 23.66 -8.45
CA PRO A 78 22.98 23.39 -7.03
C PRO A 78 23.16 24.62 -6.15
N ASP A 79 23.99 25.55 -6.61
CA ASP A 79 24.31 26.75 -5.85
C ASP A 79 23.49 27.97 -6.32
N ALA A 80 22.55 28.39 -5.48
CA ALA A 80 21.56 29.39 -5.83
C ALA A 80 22.17 30.73 -6.28
N SER A 81 23.27 31.13 -5.67
CA SER A 81 23.87 32.43 -5.98
C SER A 81 24.40 32.55 -7.43
N LYS A 82 24.52 31.41 -8.10
CA LYS A 82 25.01 31.38 -9.47
C LYS A 82 23.91 31.43 -10.53
N LEU A 83 22.65 31.36 -10.12
CA LEU A 83 21.54 31.42 -11.07
C LEU A 83 21.38 32.81 -11.71
N PRO A 84 20.98 32.85 -13.00
CA PRO A 84 20.96 34.15 -13.69
C PRO A 84 19.65 34.89 -13.44
N TRP A 85 19.32 35.09 -12.17
CA TRP A 85 18.07 35.73 -11.80
C TRP A 85 18.04 37.19 -12.26
N LYS A 86 19.15 37.90 -12.05
CA LYS A 86 19.33 39.29 -12.50
C LYS A 86 19.00 39.48 -14.00
N ASP A 87 19.53 38.58 -14.84
CA ASP A 87 19.39 38.67 -16.30
C ASP A 87 18.02 38.31 -16.82
N LEU A 88 17.20 37.66 -16.00
CA LEU A 88 15.84 37.29 -16.39
C LEU A 88 14.81 38.12 -15.66
N ASN A 89 15.26 39.18 -14.97
CA ASN A 89 14.43 40.02 -14.10
C ASN A 89 13.43 39.25 -13.27
N ILE A 90 13.93 38.36 -12.44
CA ILE A 90 13.06 37.62 -11.54
C ILE A 90 12.56 38.55 -10.44
N ASP A 91 11.25 38.55 -10.27
CA ASP A 91 10.64 39.29 -9.18
C ASP A 91 10.73 38.46 -7.90
N VAL A 92 10.19 37.25 -7.93
CA VAL A 92 10.17 36.42 -6.73
C VAL A 92 10.65 35.00 -7.04
N VAL A 93 11.52 34.47 -6.19
CA VAL A 93 11.87 33.07 -6.24
C VAL A 93 11.02 32.33 -5.26
N LEU A 94 10.40 31.25 -5.72
CA LEU A 94 9.80 30.31 -4.84
C LEU A 94 10.89 29.29 -4.48
N GLU A 95 11.27 29.25 -3.24
CA GLU A 95 12.35 28.34 -2.81
C GLU A 95 11.78 27.02 -2.23
N CYS A 96 11.86 25.98 -3.04
CA CYS A 96 11.23 24.69 -2.77
C CYS A 96 12.22 23.49 -2.74
N THR A 97 13.53 23.74 -2.60
CA THR A 97 14.54 22.69 -2.52
C THR A 97 14.58 21.93 -1.21
N GLY A 98 14.13 22.56 -0.13
CA GLY A 98 14.37 22.03 1.20
C GLY A 98 15.77 22.32 1.72
N PHE A 99 16.62 22.95 0.92
CA PHE A 99 18.01 23.25 1.35
C PHE A 99 18.35 24.74 1.63
N TYR A 100 17.35 25.61 1.59
CA TYR A 100 17.58 27.01 1.87
C TYR A 100 16.62 27.54 2.93
N THR A 101 16.28 26.71 3.93
CA THR A 101 15.24 27.07 4.89
C THR A 101 15.79 27.98 6.00
N ASP A 102 16.56 28.98 5.61
CA ASP A 102 17.10 29.91 6.54
C ASP A 102 17.17 31.29 5.88
N LYS A 103 16.74 32.33 6.58
CA LYS A 103 16.82 33.68 6.01
C LYS A 103 18.19 34.05 5.38
N ASP A 104 19.30 33.73 6.08
CA ASP A 104 20.65 34.00 5.54
C ASP A 104 21.03 33.18 4.30
N LYS A 105 20.76 31.88 4.32
CA LYS A 105 20.95 31.04 3.12
C LYS A 105 20.15 31.54 1.91
N ALA A 106 18.82 31.70 2.07
CA ALA A 106 17.92 32.16 1.01
C ALA A 106 18.37 33.51 0.38
N GLN A 107 19.19 34.24 1.12
CA GLN A 107 19.68 35.55 0.67
C GLN A 107 20.50 35.40 -0.62
N ALA A 108 20.93 34.18 -0.92
CA ALA A 108 21.72 33.87 -2.10
C ALA A 108 20.95 34.24 -3.37
N HIS A 109 19.65 33.96 -3.37
CA HIS A 109 18.81 34.30 -4.52
C HIS A 109 18.83 35.78 -4.77
N ILE A 110 18.90 36.57 -3.70
CA ILE A 110 18.85 38.01 -3.83
C ILE A 110 20.14 38.49 -4.48
N GLU A 111 21.26 37.90 -4.07
CA GLU A 111 22.58 38.23 -4.65
C GLU A 111 22.63 37.84 -6.13
N ALA A 112 21.97 36.75 -6.47
CA ALA A 112 21.84 36.35 -7.85
C ALA A 112 20.99 37.32 -8.69
N GLY A 113 20.18 38.16 -8.05
CA GLY A 113 19.38 39.18 -8.74
C GLY A 113 17.88 39.20 -8.50
N ALA A 114 17.32 38.21 -7.79
CA ALA A 114 15.89 38.19 -7.55
C ALA A 114 15.51 39.32 -6.57
N LYS A 115 14.23 39.70 -6.51
CA LYS A 115 13.83 40.82 -5.67
C LYS A 115 13.24 40.35 -4.32
N LYS A 116 12.70 39.13 -4.30
CA LYS A 116 12.13 38.57 -3.09
C LYS A 116 12.25 37.04 -3.14
N VAL A 117 12.26 36.42 -1.96
CA VAL A 117 12.21 34.97 -1.83
C VAL A 117 11.10 34.52 -0.89
N LEU A 118 10.35 33.51 -1.33
CA LEU A 118 9.31 32.90 -0.51
C LEU A 118 9.67 31.47 -0.29
N ILE A 119 9.93 31.10 0.95
CA ILE A 119 10.38 29.76 1.29
C ILE A 119 9.22 28.85 1.56
N SER A 120 9.18 27.71 0.88
CA SER A 120 8.04 26.79 1.03
C SER A 120 8.18 25.85 2.22
N ALA A 121 8.54 26.37 3.37
CA ALA A 121 8.70 25.61 4.62
C ALA A 121 9.00 26.58 5.75
N PRO A 122 8.85 26.11 7.00
CA PRO A 122 9.37 26.93 8.10
C PRO A 122 10.89 27.25 7.90
N ALA A 123 11.31 28.43 8.30
CA ALA A 123 12.69 28.84 8.03
C ALA A 123 13.22 29.60 9.22
N THR A 124 14.45 29.32 9.61
CA THR A 124 15.06 29.96 10.76
C THR A 124 15.48 31.39 10.42
N GLY A 125 15.73 32.23 11.43
CA GLY A 125 16.17 33.60 11.21
C GLY A 125 15.13 34.70 11.31
N ASP A 126 15.54 35.90 10.97
CA ASP A 126 14.77 37.12 11.24
C ASP A 126 13.69 37.43 10.18
N LEU A 127 12.73 36.53 10.00
CA LEU A 127 11.70 36.71 8.98
C LEU A 127 10.25 36.40 9.47
N LYS A 128 9.26 36.85 8.70
CA LYS A 128 7.88 36.60 9.00
C LYS A 128 7.45 35.21 8.45
N THR A 129 6.51 34.57 9.14
CA THR A 129 6.00 33.28 8.74
C THR A 129 4.51 33.47 8.55
N ILE A 130 4.05 33.16 7.34
CA ILE A 130 2.72 33.53 6.88
C ILE A 130 1.87 32.31 6.54
N VAL A 131 0.68 32.28 7.14
CA VAL A 131 -0.37 31.44 6.72
C VAL A 131 -1.39 32.38 6.14
N PHE A 132 -1.67 32.23 4.84
CA PHE A 132 -2.64 33.07 4.18
C PHE A 132 -4.03 32.98 4.81
N ASN A 133 -4.63 34.16 4.98
CA ASN A 133 -5.98 34.34 5.58
C ASN A 133 -5.99 34.16 7.09
N THR A 134 -4.79 34.00 7.66
CA THR A 134 -4.65 34.07 9.10
C THR A 134 -3.78 35.27 9.51
N ASN A 135 -2.66 35.50 8.82
CA ASN A 135 -1.74 36.58 9.18
C ASN A 135 -0.96 37.25 8.02
N HIS A 136 -1.46 37.13 6.80
CA HIS A 136 -0.79 37.71 5.63
C HIS A 136 -0.82 39.23 5.67
N GLN A 137 -1.73 39.76 6.52
CA GLN A 137 -1.87 41.20 6.71
C GLN A 137 -0.66 41.78 7.43
N GLU A 138 0.21 40.93 7.96
CA GLU A 138 1.44 41.33 8.62
C GLU A 138 2.47 41.82 7.63
N LEU A 139 2.25 41.50 6.35
CA LEU A 139 3.16 41.91 5.29
C LEU A 139 2.89 43.36 4.85
N ASP A 140 3.95 44.16 4.86
CA ASP A 140 3.89 45.54 4.44
C ASP A 140 4.56 45.75 3.07
N GLY A 141 5.19 44.71 2.54
CA GLY A 141 5.80 44.80 1.22
C GLY A 141 7.28 45.17 1.17
N SER A 142 7.86 45.50 2.32
CA SER A 142 9.31 45.75 2.37
C SER A 142 10.09 44.45 2.63
N GLU A 143 9.36 43.37 2.92
CA GLU A 143 9.99 42.09 3.18
C GLU A 143 10.79 41.59 1.97
N THR A 144 11.94 41.00 2.27
CA THR A 144 12.80 40.49 1.22
C THR A 144 12.83 38.96 1.19
N VAL A 145 12.81 38.35 2.37
CA VAL A 145 12.68 36.89 2.50
C VAL A 145 11.53 36.56 3.45
N VAL A 146 10.60 35.72 3.01
CA VAL A 146 9.43 35.31 3.81
C VAL A 146 9.28 33.78 3.85
N SER A 147 8.72 33.24 4.94
CA SER A 147 8.37 31.82 5.01
C SER A 147 6.88 31.58 4.83
N GLY A 148 6.55 30.57 4.05
CA GLY A 148 5.16 30.15 3.89
C GLY A 148 4.64 29.17 4.92
N ALA A 149 5.39 28.99 6.00
CA ALA A 149 5.11 28.00 7.05
C ALA A 149 5.12 26.57 6.51
N SER A 150 4.50 25.64 7.23
CA SER A 150 4.43 24.24 6.82
C SER A 150 2.99 23.90 6.43
N SER A 151 2.79 22.69 5.92
CA SER A 151 1.45 22.24 5.60
C SER A 151 0.61 22.12 6.87
N THR A 152 1.17 21.51 7.91
CA THR A 152 0.43 21.32 9.17
C THR A 152 0.03 22.67 9.81
N THR A 153 0.92 23.65 9.70
CA THR A 153 0.68 24.97 10.29
C THR A 153 -0.52 25.62 9.59
N ASN A 154 -0.55 25.51 8.26
CA ASN A 154 -1.66 25.97 7.46
C ASN A 154 -2.96 25.25 7.77
N SER A 155 -2.89 23.98 8.15
CA SER A 155 -4.11 23.24 8.49
C SER A 155 -4.62 23.61 9.91
N LEU A 156 -3.70 24.09 10.73
CA LEU A 156 -3.97 24.29 12.14
C LEU A 156 -4.27 25.76 12.52
N ALA A 157 -3.54 26.71 11.92
CA ALA A 157 -3.73 28.14 12.25
C ALA A 157 -5.20 28.63 12.29
N PRO A 158 -5.96 28.40 11.18
CA PRO A 158 -7.33 28.89 11.20
C PRO A 158 -8.21 28.21 12.28
N VAL A 159 -7.89 26.97 12.65
CA VAL A 159 -8.65 26.28 13.70
C VAL A 159 -8.31 26.83 15.10
N ALA A 160 -7.02 27.05 15.35
CA ALA A 160 -6.58 27.59 16.65
C ALA A 160 -7.01 29.06 16.82
N LYS A 161 -6.98 29.84 15.75
CA LYS A 161 -7.43 31.23 15.85
C LYS A 161 -8.91 31.29 16.31
N VAL A 162 -9.76 30.41 15.76
CA VAL A 162 -11.17 30.48 16.11
C VAL A 162 -11.38 30.03 17.54
N LEU A 163 -10.65 29.02 17.98
CA LEU A 163 -10.75 28.53 19.37
C LEU A 163 -10.26 29.57 20.36
N ASN A 164 -9.12 30.17 20.07
CA ASN A 164 -8.58 31.20 20.94
C ASN A 164 -9.43 32.47 20.97
N ASP A 165 -9.93 32.94 19.82
CA ASP A 165 -10.75 34.16 19.79
C ASP A 165 -12.07 33.93 20.52
N ASP A 166 -12.71 32.79 20.26
CA ASP A 166 -14.07 32.57 20.76
C ASP A 166 -14.21 31.94 22.12
N PHE A 167 -13.24 31.12 22.54
CA PHE A 167 -13.34 30.42 23.82
C PHE A 167 -12.16 30.64 24.79
N GLY A 168 -11.06 31.18 24.27
CA GLY A 168 -9.83 31.37 25.05
C GLY A 168 -9.12 30.04 25.07
N LEU A 169 -7.89 29.99 24.54
CA LEU A 169 -7.14 28.74 24.53
C LEU A 169 -6.19 28.68 25.71
N VAL A 170 -6.45 27.77 26.64
CA VAL A 170 -5.52 27.52 27.74
C VAL A 170 -4.29 26.74 27.26
N GLU A 171 -4.52 25.54 26.74
CA GLU A 171 -3.44 24.68 26.26
C GLU A 171 -4.01 23.53 25.44
N GLY A 172 -3.16 22.93 24.60
CA GLY A 172 -3.61 21.91 23.70
C GLY A 172 -2.51 21.06 23.15
N LEU A 173 -2.84 19.82 22.86
CA LEU A 173 -1.93 18.91 22.22
C LEU A 173 -2.46 18.42 20.88
N MET A 174 -1.54 18.37 19.93
CA MET A 174 -1.84 18.14 18.54
C MET A 174 -1.30 16.77 18.14
N THR A 175 -2.03 16.06 17.30
CA THR A 175 -1.49 14.93 16.57
C THR A 175 -1.87 15.07 15.11
N THR A 176 -0.88 15.00 14.23
CA THR A 176 -1.18 15.01 12.81
C THR A 176 -1.01 13.63 12.18
N ILE A 177 -2.05 13.11 11.53
CA ILE A 177 -1.95 11.82 10.86
C ILE A 177 -1.70 12.10 9.40
N ASN A 178 -0.46 11.87 9.00
CA ASN A 178 0.19 12.58 7.91
C ASN A 178 0.52 11.63 6.75
N ALA A 179 0.42 12.10 5.50
CA ALA A 179 0.95 11.30 4.36
C ALA A 179 2.47 11.21 4.43
N TYR A 180 3.03 10.13 3.88
CA TYR A 180 4.47 10.04 3.72
C TYR A 180 5.04 10.99 2.67
N THR A 181 6.27 11.43 2.86
CA THR A 181 6.84 12.41 1.94
C THR A 181 8.19 11.99 1.39
N GLY A 182 8.75 12.81 0.50
CA GLY A 182 9.98 12.49 -0.20
C GLY A 182 11.20 12.36 0.69
N ASP A 183 11.09 12.76 1.94
CA ASP A 183 12.28 12.60 2.77
C ASP A 183 12.21 11.33 3.66
N GLN A 184 11.31 10.42 3.30
CA GLN A 184 11.27 9.12 3.89
C GLN A 184 11.80 8.07 2.90
N ASN A 185 12.21 6.92 3.41
CA ASN A 185 12.76 5.90 2.57
C ASN A 185 11.72 4.87 2.10
N THR A 186 11.96 4.38 0.89
CA THR A 186 11.26 3.28 0.30
C THR A 186 11.43 1.98 1.10
N GLN A 187 12.67 1.61 1.41
CA GLN A 187 12.97 0.41 2.20
C GLN A 187 13.75 0.87 3.44
N ASP A 188 13.69 0.12 4.53
CA ASP A 188 14.53 0.41 5.69
C ASP A 188 15.99 0.66 5.26
N ALA A 189 16.50 1.86 5.51
CA ALA A 189 17.87 2.21 5.15
C ALA A 189 18.36 3.41 5.94
N PRO A 190 19.69 3.58 6.08
CA PRO A 190 20.23 4.82 6.72
C PRO A 190 19.63 6.11 6.17
N HIS A 191 19.38 7.07 7.05
CA HIS A 191 18.71 8.30 6.68
C HIS A 191 19.74 9.41 6.76
N ARG A 192 19.72 10.30 5.76
CA ARG A 192 20.64 11.45 5.69
C ARG A 192 20.74 12.27 6.98
N LYS A 193 19.58 12.53 7.61
CA LYS A 193 19.51 13.34 8.80
C LYS A 193 19.60 12.48 10.05
N GLY A 194 19.70 11.16 9.88
CA GLY A 194 19.98 10.27 11.01
C GLY A 194 18.76 9.97 11.87
N ASP A 195 17.58 10.28 11.33
CA ASP A 195 16.32 9.98 11.96
C ASP A 195 16.04 8.48 11.79
N LYS A 196 16.05 7.77 12.92
CA LYS A 196 15.84 6.31 12.93
C LYS A 196 14.45 5.86 12.55
N ARG A 197 13.53 6.83 12.44
CA ARG A 197 12.14 6.53 12.11
C ARG A 197 11.81 6.81 10.66
N ARG A 198 12.27 7.97 10.15
CA ARG A 198 12.16 8.29 8.71
C ARG A 198 13.06 7.35 7.92
N ALA A 199 13.89 6.59 8.60
CA ALA A 199 14.75 5.61 7.92
C ALA A 199 13.99 4.37 7.46
N ARG A 200 12.80 4.17 8.04
CA ARG A 200 12.03 2.94 7.85
C ARG A 200 11.17 2.97 6.60
N ALA A 201 10.80 1.77 6.12
CA ALA A 201 9.90 1.65 4.98
C ALA A 201 8.65 2.55 5.14
N ALA A 202 8.54 3.58 4.30
CA ALA A 202 7.43 4.56 4.40
C ALA A 202 6.02 3.96 4.19
N ALA A 203 5.88 3.05 3.23
CA ALA A 203 4.55 2.63 2.87
C ALA A 203 4.20 1.31 3.56
N GLU A 204 4.90 0.98 4.65
CA GLU A 204 4.62 -0.26 5.38
C GLU A 204 4.54 -0.04 6.87
N ASN A 205 4.43 1.21 7.27
CA ASN A 205 4.60 1.57 8.67
C ASN A 205 3.77 2.74 9.13
N ILE A 206 3.32 2.69 10.39
CA ILE A 206 2.90 3.89 11.12
C ILE A 206 4.18 4.41 11.77
N ILE A 207 4.60 5.63 11.41
CA ILE A 207 5.92 6.16 11.82
C ILE A 207 5.78 7.43 12.67
N PRO A 208 6.00 7.34 13.98
CA PRO A 208 5.97 8.62 14.74
C PRO A 208 7.06 9.61 14.34
N ASN A 209 6.73 10.89 14.36
CA ASN A 209 7.73 11.91 14.03
C ASN A 209 7.38 13.26 14.60
N SER A 210 8.35 14.17 14.60
CA SER A 210 8.17 15.52 15.11
C SER A 210 7.55 16.40 14.04
N THR A 211 6.94 17.50 14.48
CA THR A 211 6.29 18.40 13.53
C THR A 211 6.79 19.85 13.75
N GLY A 212 6.95 20.59 12.66
CA GLY A 212 7.25 22.05 12.76
C GLY A 212 6.07 22.71 13.46
N ALA A 213 4.90 22.51 12.85
CA ALA A 213 3.63 23.11 13.24
C ALA A 213 3.54 23.42 14.71
N ALA A 214 3.73 22.37 15.50
CA ALA A 214 3.79 22.44 16.97
C ALA A 214 4.20 23.84 17.48
N LYS A 215 5.20 24.46 16.83
CA LYS A 215 5.65 25.77 17.28
C LYS A 215 5.95 26.83 16.22
N ALA A 216 6.02 26.44 14.93
CA ALA A 216 5.75 27.44 13.86
C ALA A 216 4.45 28.20 14.20
N ILE A 217 3.54 27.53 14.90
CA ILE A 217 2.25 28.14 15.24
C ILE A 217 2.39 29.44 16.05
N GLY A 218 3.37 29.47 16.94
CA GLY A 218 3.53 30.63 17.82
C GLY A 218 3.95 31.88 17.05
N LYS A 219 4.60 31.66 15.90
CA LYS A 219 5.03 32.73 15.01
C LYS A 219 3.88 33.34 14.18
N VAL A 220 2.81 32.57 14.01
CA VAL A 220 1.68 32.96 13.18
C VAL A 220 0.59 33.60 14.04
N ILE A 221 0.31 33.00 15.20
CA ILE A 221 -0.65 33.55 16.14
C ILE A 221 0.05 33.88 17.47
N PRO A 222 0.81 35.00 17.53
CA PRO A 222 1.65 35.27 18.70
C PRO A 222 1.01 34.99 20.07
N GLU A 223 -0.24 35.39 20.25
CA GLU A 223 -0.92 35.28 21.54
C GLU A 223 -1.18 33.84 22.06
N ILE A 224 -0.89 32.83 21.25
CA ILE A 224 -0.96 31.45 21.74
C ILE A 224 0.42 30.77 21.67
N ASP A 225 1.46 31.57 21.53
CA ASP A 225 2.84 31.07 21.52
C ASP A 225 3.07 30.13 22.71
N GLY A 226 3.63 28.97 22.42
CA GLY A 226 3.95 28.00 23.48
C GLY A 226 2.74 27.37 24.18
N LYS A 227 1.53 27.70 23.76
CA LYS A 227 0.38 27.00 24.31
C LYS A 227 0.05 25.65 23.62
N LEU A 228 0.69 25.37 22.48
CA LEU A 228 0.46 24.11 21.77
C LEU A 228 1.71 23.27 21.55
N ASP A 229 1.53 21.96 21.62
CA ASP A 229 2.57 21.04 21.19
C ASP A 229 1.96 19.79 20.59
N GLY A 230 2.80 18.87 20.09
CA GLY A 230 2.32 17.66 19.44
C GLY A 230 3.28 17.12 18.41
N GLY A 231 2.88 16.05 17.73
CA GLY A 231 3.76 15.40 16.77
C GLY A 231 3.00 14.87 15.58
N ALA A 232 3.67 14.03 14.79
CA ALA A 232 3.07 13.45 13.59
C ALA A 232 3.07 11.95 13.70
N GLN A 233 2.15 11.32 12.96
CA GLN A 233 2.19 9.90 12.68
C GLN A 233 2.15 9.84 11.17
N ARG A 234 3.27 9.45 10.55
CA ARG A 234 3.32 9.28 9.10
C ARG A 234 2.78 7.91 8.73
N VAL A 235 1.78 7.87 7.84
CA VAL A 235 1.09 6.62 7.46
C VAL A 235 1.09 6.40 5.92
N PRO A 236 0.89 5.13 5.48
CA PRO A 236 0.95 4.76 4.05
C PRO A 236 -0.15 5.26 3.11
N VAL A 237 -0.36 6.57 3.08
CA VAL A 237 -1.07 7.19 1.97
C VAL A 237 -0.06 8.14 1.33
N ALA A 238 -0.11 8.28 0.01
CA ALA A 238 0.90 9.13 -0.66
C ALA A 238 0.60 10.63 -0.54
N THR A 239 -0.66 11.01 -0.30
CA THR A 239 -0.98 12.42 -0.01
C THR A 239 -2.34 12.53 0.61
N GLY A 240 -2.59 13.63 1.32
CA GLY A 240 -3.79 13.80 2.14
C GLY A 240 -3.46 13.51 3.61
N SER A 241 -3.86 14.43 4.49
CA SER A 241 -3.52 14.36 5.91
C SER A 241 -4.64 14.90 6.79
N LEU A 242 -4.47 14.80 8.11
CA LEU A 242 -5.52 15.17 9.06
C LEU A 242 -4.87 15.62 10.36
N THR A 243 -5.24 16.80 10.85
CA THR A 243 -4.68 17.33 12.11
C THR A 243 -5.75 17.19 13.20
N GLU A 244 -5.41 16.47 14.27
CA GLU A 244 -6.29 16.31 15.40
C GLU A 244 -5.82 17.22 16.50
N LEU A 245 -6.75 17.94 17.11
CA LEU A 245 -6.38 18.86 18.16
C LEU A 245 -7.25 18.64 19.38
N THR A 246 -6.58 18.45 20.52
CA THR A 246 -7.23 18.24 21.80
C THR A 246 -6.80 19.32 22.74
N VAL A 247 -7.79 20.12 23.18
CA VAL A 247 -7.57 21.41 23.89
C VAL A 247 -8.38 21.62 25.18
N VAL A 248 -7.84 22.48 26.05
CA VAL A 248 -8.54 22.96 27.23
C VAL A 248 -8.80 24.43 26.94
N LEU A 249 -10.06 24.84 27.07
CA LEU A 249 -10.49 26.20 26.79
C LEU A 249 -10.82 27.00 28.04
N GLU A 250 -10.91 28.31 27.89
CA GLU A 250 -11.20 29.17 29.02
C GLU A 250 -12.66 29.13 29.40
N LYS A 251 -13.54 29.11 28.39
CA LYS A 251 -14.95 28.83 28.64
C LYS A 251 -15.16 27.34 28.88
N GLN A 252 -15.85 26.99 29.94
CA GLN A 252 -16.41 25.65 30.03
C GLN A 252 -17.90 25.72 29.65
N ASP A 253 -18.60 24.62 29.73
CA ASP A 253 -19.98 24.63 29.21
C ASP A 253 -20.02 24.92 27.69
N VAL A 254 -18.96 24.54 26.99
CA VAL A 254 -18.93 24.66 25.55
C VAL A 254 -19.69 23.45 24.97
N THR A 255 -20.34 23.63 23.83
CA THR A 255 -20.97 22.46 23.20
C THR A 255 -20.42 22.19 21.83
N VAL A 256 -20.63 20.95 21.37
CA VAL A 256 -20.19 20.50 20.05
C VAL A 256 -20.73 21.40 18.97
N GLU A 257 -21.99 21.75 19.14
CA GLU A 257 -22.72 22.67 18.28
C GLU A 257 -22.11 24.08 18.23
N GLN A 258 -21.65 24.61 19.37
CA GLN A 258 -21.02 25.94 19.41
C GLN A 258 -19.70 25.91 18.65
N VAL A 259 -18.89 24.88 18.90
CA VAL A 259 -17.57 24.82 18.31
C VAL A 259 -17.67 24.77 16.79
N ASN A 260 -18.55 23.88 16.31
CA ASN A 260 -18.81 23.73 14.90
C ASN A 260 -19.24 25.04 14.25
N GLU A 261 -20.28 25.66 14.81
CA GLU A 261 -20.76 26.93 14.30
C GLU A 261 -19.70 28.03 14.27
N ALA A 262 -18.85 28.05 15.27
CA ALA A 262 -17.80 29.01 15.33
C ALA A 262 -16.84 28.81 14.14
N MET A 263 -16.57 27.57 13.76
CA MET A 263 -15.71 27.27 12.60
C MET A 263 -16.35 27.65 11.26
N LYS A 264 -17.62 27.25 11.06
CA LYS A 264 -18.36 27.56 9.84
C LYS A 264 -18.36 29.06 9.61
N ASN A 265 -18.66 29.83 10.67
CA ASN A 265 -18.74 31.29 10.56
C ASN A 265 -17.42 31.91 10.15
N ALA A 266 -16.33 31.18 10.31
CA ALA A 266 -15.02 31.68 9.99
C ALA A 266 -14.53 31.22 8.61
N SER A 267 -15.35 30.46 7.89
CA SER A 267 -14.84 29.81 6.69
C SER A 267 -14.64 30.77 5.52
N ASN A 268 -13.60 30.52 4.74
CA ASN A 268 -13.32 31.33 3.54
C ASN A 268 -12.66 30.43 2.51
N GLU A 269 -11.88 31.03 1.63
CA GLU A 269 -11.23 30.22 0.60
C GLU A 269 -10.00 29.40 1.10
N SER A 270 -9.42 29.83 2.23
CA SER A 270 -8.34 29.12 2.90
C SER A 270 -8.84 28.09 3.92
N PHE A 271 -10.05 28.30 4.44
CA PHE A 271 -10.58 27.49 5.50
C PHE A 271 -11.96 27.01 5.10
N GLY A 272 -12.06 25.74 4.72
CA GLY A 272 -13.35 25.13 4.36
C GLY A 272 -14.07 24.52 5.55
N TYR A 273 -15.32 24.17 5.37
CA TYR A 273 -16.13 23.57 6.42
C TYR A 273 -16.96 22.45 5.79
N THR A 274 -17.00 21.27 6.43
CA THR A 274 -17.79 20.16 5.90
C THR A 274 -18.42 19.34 7.03
N GLU A 275 -19.54 18.69 6.73
CA GLU A 275 -20.23 17.81 7.68
C GLU A 275 -20.41 16.44 7.03
N ASP A 276 -19.74 16.24 5.88
CA ASP A 276 -19.76 14.96 5.18
C ASP A 276 -18.71 14.03 5.76
N GLU A 277 -19.02 12.73 5.81
CA GLU A 277 -18.10 11.75 6.35
C GLU A 277 -17.01 11.35 5.31
N ILE A 278 -16.16 12.31 4.98
CA ILE A 278 -15.15 12.12 3.96
C ILE A 278 -13.93 11.35 4.48
N VAL A 279 -13.09 10.84 3.58
CA VAL A 279 -11.81 10.23 3.99
C VAL A 279 -10.65 10.90 3.24
N SER A 280 -9.40 10.58 3.60
CA SER A 280 -8.22 11.30 3.06
C SER A 280 -8.19 11.53 1.55
N SER A 281 -8.40 10.50 0.74
CA SER A 281 -8.42 10.67 -0.71
C SER A 281 -9.40 11.74 -1.22
N ASP A 282 -10.49 11.98 -0.47
CA ASP A 282 -11.46 13.01 -0.78
C ASP A 282 -10.90 14.45 -0.73
N VAL A 283 -9.76 14.67 -0.10
CA VAL A 283 -9.20 16.01 -0.07
C VAL A 283 -8.01 16.18 -0.98
N VAL A 284 -7.58 15.11 -1.65
CA VAL A 284 -6.48 15.17 -2.61
C VAL A 284 -6.82 16.18 -3.68
N GLY A 285 -5.94 17.15 -3.91
CA GLY A 285 -6.15 18.15 -4.95
C GLY A 285 -6.89 19.41 -4.50
N MET A 286 -7.41 19.42 -3.27
CA MET A 286 -8.22 20.55 -2.80
C MET A 286 -7.37 21.81 -2.54
N THR A 287 -8.00 22.98 -2.66
CA THR A 287 -7.26 24.24 -2.54
C THR A 287 -7.60 25.05 -1.28
N TYR A 288 -8.50 24.55 -0.43
CA TYR A 288 -8.51 25.06 0.95
C TYR A 288 -7.17 24.73 1.62
N GLY A 289 -6.68 25.64 2.46
CA GLY A 289 -5.50 25.36 3.26
C GLY A 289 -5.82 24.43 4.41
N SER A 290 -7.11 24.36 4.75
CA SER A 290 -7.59 23.57 5.88
C SER A 290 -9.07 23.33 5.67
N LEU A 291 -9.55 22.12 5.99
CA LEU A 291 -10.97 21.84 5.88
C LEU A 291 -11.47 21.25 7.21
N PHE A 292 -12.17 22.07 7.98
CA PHE A 292 -12.72 21.63 9.25
C PHE A 292 -13.77 20.52 9.07
N ASP A 293 -13.57 19.39 9.75
CA ASP A 293 -14.50 18.26 9.65
C ASP A 293 -15.37 18.21 10.90
N ALA A 294 -16.62 18.64 10.79
CA ALA A 294 -17.46 18.79 11.96
C ALA A 294 -17.96 17.43 12.51
N THR A 295 -17.86 16.38 11.69
CA THR A 295 -18.23 15.05 12.21
C THR A 295 -17.28 14.52 13.29
N GLN A 296 -16.12 15.14 13.43
CA GLN A 296 -15.10 14.65 14.33
C GLN A 296 -14.99 15.45 15.61
N THR A 297 -15.84 16.47 15.76
CA THR A 297 -15.84 17.33 16.96
C THR A 297 -16.27 16.56 18.17
N ARG A 298 -15.47 16.58 19.23
CA ARG A 298 -15.84 15.94 20.53
C ARG A 298 -15.66 16.88 21.73
N VAL A 299 -16.60 16.78 22.66
CA VAL A 299 -16.51 17.49 23.93
C VAL A 299 -16.62 16.48 25.07
N MET A 300 -15.63 16.47 25.95
CA MET A 300 -15.58 15.56 27.08
C MET A 300 -15.78 16.40 28.35
N SER A 301 -16.89 16.14 29.06
CA SER A 301 -17.27 16.92 30.25
C SER A 301 -17.32 16.06 31.49
N VAL A 302 -16.44 16.33 32.45
CA VAL A 302 -16.46 15.63 33.72
C VAL A 302 -16.59 16.70 34.77
N GLY A 303 -17.75 16.70 35.41
CA GLY A 303 -18.11 17.71 36.39
C GLY A 303 -17.90 19.09 35.81
N ASP A 304 -17.05 19.88 36.47
CA ASP A 304 -16.74 21.25 36.08
C ASP A 304 -15.87 21.37 34.80
N ARG A 305 -15.15 20.30 34.45
CA ARG A 305 -13.99 20.42 33.56
C ARG A 305 -14.13 19.74 32.18
N GLN A 306 -13.69 20.47 31.15
CA GLN A 306 -13.92 20.04 29.77
C GLN A 306 -12.68 19.87 28.93
N LEU A 307 -12.64 18.76 28.20
CA LEU A 307 -11.70 18.56 27.12
C LEU A 307 -12.39 18.62 25.74
N VAL A 308 -11.82 19.35 24.78
CA VAL A 308 -12.42 19.53 23.47
C VAL A 308 -11.51 18.99 22.40
N LYS A 309 -12.08 18.27 21.42
CA LYS A 309 -11.29 17.70 20.33
C LYS A 309 -11.85 18.08 18.97
N VAL A 310 -10.98 18.55 18.08
CA VAL A 310 -11.39 18.90 16.71
C VAL A 310 -10.40 18.33 15.71
N ALA A 311 -10.79 18.34 14.42
CA ALA A 311 -9.94 17.80 13.35
C ALA A 311 -10.20 18.51 12.06
N ALA A 312 -9.13 18.75 11.31
CA ALA A 312 -9.20 19.45 10.06
C ALA A 312 -8.38 18.67 9.00
N TRP A 313 -8.95 18.48 7.81
CA TRP A 313 -8.22 17.81 6.73
C TRP A 313 -7.35 18.83 6.00
N TYR A 314 -6.35 18.31 5.28
CA TYR A 314 -5.53 19.11 4.37
C TYR A 314 -4.75 18.21 3.41
N ASP A 315 -4.70 18.58 2.12
CA ASP A 315 -3.80 17.93 1.18
C ASP A 315 -2.48 18.60 1.43
N ASN A 316 -1.57 17.88 2.08
CA ASN A 316 -0.31 18.47 2.43
C ASN A 316 0.43 18.98 1.18
N GLU A 317 0.10 18.43 0.02
CA GLU A 317 0.63 18.97 -1.21
C GLU A 317 -0.20 20.17 -1.72
N MET A 318 -1.43 19.93 -2.18
CA MET A 318 -2.16 21.02 -2.88
C MET A 318 -2.73 22.13 -1.98
N SER A 319 -3.19 21.77 -0.78
CA SER A 319 -3.67 22.75 0.20
C SER A 319 -2.56 23.73 0.52
N TYR A 320 -1.37 23.21 0.81
CA TYR A 320 -0.19 24.06 1.09
C TYR A 320 0.19 24.89 -0.14
N THR A 321 0.18 24.27 -1.32
CA THR A 321 0.56 24.93 -2.53
C THR A 321 -0.39 26.13 -2.83
N ALA A 322 -1.70 25.88 -2.69
CA ALA A 322 -2.71 26.89 -2.90
C ALA A 322 -2.44 28.10 -2.02
N GLN A 323 -2.09 27.80 -0.77
CA GLN A 323 -1.86 28.80 0.27
C GLN A 323 -0.60 29.53 -0.07
N LEU A 324 0.44 28.77 -0.41
CA LEU A 324 1.71 29.37 -0.82
C LEU A 324 1.53 30.39 -1.99
N VAL A 325 0.76 30.01 -3.02
CA VAL A 325 0.54 30.90 -4.16
C VAL A 325 -0.25 32.17 -3.80
N ARG A 326 -1.28 32.05 -2.95
CA ARG A 326 -2.04 33.25 -2.51
C ARG A 326 -1.13 34.25 -1.82
N THR A 327 -0.25 33.75 -0.95
CA THR A 327 0.81 34.54 -0.31
C THR A 327 1.76 35.12 -1.37
N LEU A 328 2.14 34.33 -2.38
CA LEU A 328 2.98 34.82 -3.47
C LEU A 328 2.30 36.04 -4.08
N ALA A 329 1.04 35.85 -4.49
CA ALA A 329 0.30 36.89 -5.18
C ALA A 329 0.15 38.15 -4.33
N TYR A 330 -0.03 37.96 -3.02
CA TYR A 330 -0.24 39.08 -2.13
C TYR A 330 1.05 39.83 -1.94
N LEU A 331 2.12 39.07 -1.66
CA LEU A 331 3.49 39.62 -1.55
C LEU A 331 3.91 40.41 -2.79
N ALA A 332 3.58 39.92 -3.97
CA ALA A 332 3.91 40.58 -5.22
C ALA A 332 3.11 41.86 -5.43
N GLU A 333 1.87 41.90 -4.95
CA GLU A 333 1.02 43.06 -5.17
C GLU A 333 1.46 44.26 -4.32
N LEU A 334 2.22 44.00 -3.27
CA LEU A 334 2.67 45.07 -2.36
C LEU A 334 4.02 45.70 -2.70
N SER A 335 4.86 45.11 -3.53
CA SER A 335 6.27 45.55 -3.58
C SER A 335 6.62 46.68 -4.54
N ALA B 2 -6.78 -32.81 29.17
CA ALA B 2 -6.70 -31.49 28.46
C ALA B 2 -8.04 -30.75 28.27
N VAL B 3 -7.97 -29.44 28.12
CA VAL B 3 -9.15 -28.62 28.02
C VAL B 3 -9.60 -28.59 26.56
N LYS B 4 -10.82 -29.05 26.32
CA LYS B 4 -11.37 -29.17 24.97
C LYS B 4 -11.94 -27.86 24.45
N VAL B 5 -11.29 -27.30 23.44
CA VAL B 5 -11.64 -26.01 22.89
C VAL B 5 -12.23 -26.20 21.49
N ALA B 6 -13.30 -25.46 21.19
CA ALA B 6 -13.84 -25.37 19.86
C ALA B 6 -13.83 -23.91 19.47
N ILE B 7 -13.33 -23.60 18.27
CA ILE B 7 -13.29 -22.23 17.74
C ILE B 7 -14.43 -21.97 16.73
N ASN B 8 -15.31 -21.04 17.07
CA ASN B 8 -16.37 -20.67 16.15
C ASN B 8 -15.98 -19.41 15.39
N GLY B 9 -15.65 -19.59 14.09
CA GLY B 9 -15.23 -18.53 13.21
C GLY B 9 -13.71 -18.60 13.06
N PHE B 10 -13.24 -19.37 12.09
CA PHE B 10 -11.82 -19.56 11.88
C PHE B 10 -11.26 -18.39 11.02
N GLY B 11 -11.54 -17.17 11.46
CA GLY B 11 -11.06 -15.94 10.81
C GLY B 11 -9.69 -15.56 11.31
N ARG B 12 -9.40 -14.27 11.28
CA ARG B 12 -8.11 -13.74 11.76
C ARG B 12 -7.84 -14.11 13.22
N ILE B 13 -8.74 -13.71 14.12
CA ILE B 13 -8.61 -14.07 15.54
C ILE B 13 -8.72 -15.61 15.81
N GLY B 14 -9.66 -16.30 15.16
CA GLY B 14 -9.78 -17.74 15.29
C GLY B 14 -8.51 -18.50 14.89
N ARG B 15 -7.93 -18.16 13.75
CA ARG B 15 -6.78 -18.91 13.30
C ARG B 15 -5.58 -18.62 14.17
N LEU B 16 -5.39 -17.37 14.55
CA LEU B 16 -4.27 -17.07 15.39
C LEU B 16 -4.47 -17.71 16.78
N ALA B 17 -5.70 -17.66 17.29
CA ALA B 17 -6.04 -18.37 18.55
C ALA B 17 -5.59 -19.81 18.42
N PHE B 18 -5.92 -20.44 17.29
CA PHE B 18 -5.45 -21.76 17.01
C PHE B 18 -3.94 -21.88 17.13
N ARG B 19 -3.19 -20.98 16.49
CA ARG B 19 -1.71 -21.07 16.47
C ARG B 19 -1.14 -20.90 17.86
N ARG B 20 -1.67 -19.93 18.60
CA ARG B 20 -1.19 -19.60 19.89
C ARG B 20 -1.43 -20.78 20.82
N ILE B 21 -2.58 -21.42 20.69
CA ILE B 21 -2.90 -22.60 21.51
C ILE B 21 -1.89 -23.74 21.36
N GLN B 22 -1.30 -23.89 20.18
CA GLN B 22 -0.25 -24.91 19.95
C GLN B 22 0.92 -24.65 20.86
N GLU B 23 1.30 -23.38 21.02
CA GLU B 23 2.36 -22.98 21.94
C GLU B 23 2.04 -23.16 23.43
N VAL B 24 0.77 -23.38 23.76
CA VAL B 24 0.37 -23.39 25.17
C VAL B 24 -0.12 -24.75 25.62
N GLU B 25 0.65 -25.33 26.55
CA GLU B 25 0.33 -26.64 27.15
C GLU B 25 -1.04 -26.70 27.85
N GLY B 26 -1.74 -27.82 27.69
CA GLY B 26 -3.01 -28.07 28.39
C GLY B 26 -4.30 -27.61 27.74
N LEU B 27 -4.19 -26.86 26.65
CA LEU B 27 -5.34 -26.49 25.83
C LEU B 27 -5.28 -27.27 24.53
N GLU B 28 -6.41 -27.80 24.10
CA GLU B 28 -6.46 -28.57 22.84
C GLU B 28 -7.63 -28.12 21.99
N VAL B 29 -7.36 -27.66 20.75
CA VAL B 29 -8.46 -27.37 19.82
C VAL B 29 -8.92 -28.66 19.16
N VAL B 30 -10.15 -29.07 19.42
CA VAL B 30 -10.66 -30.31 18.83
C VAL B 30 -11.62 -30.07 17.66
N ALA B 31 -12.11 -28.85 17.55
CA ALA B 31 -13.03 -28.54 16.47
C ALA B 31 -12.94 -27.09 16.01
N VAL B 32 -13.27 -26.84 14.74
CA VAL B 32 -13.51 -25.49 14.25
C VAL B 32 -14.80 -25.45 13.47
N ASN B 33 -15.44 -24.29 13.45
CA ASN B 33 -16.61 -24.03 12.62
C ASN B 33 -16.43 -22.75 11.80
N ASP B 34 -16.75 -22.83 10.52
CA ASP B 34 -16.73 -21.65 9.69
C ASP B 34 -17.72 -21.84 8.56
N LEU B 35 -17.63 -21.04 7.50
CA LEU B 35 -18.57 -21.14 6.39
C LEU B 35 -17.93 -21.53 5.05
N THR B 36 -17.00 -22.47 5.06
CA THR B 36 -16.24 -22.77 3.86
C THR B 36 -15.82 -24.22 3.88
N ASP B 37 -15.08 -24.68 2.87
CA ASP B 37 -14.59 -26.08 2.84
C ASP B 37 -13.29 -26.23 3.61
N ASP B 38 -12.90 -27.49 3.80
CA ASP B 38 -11.68 -27.88 4.53
C ASP B 38 -10.41 -27.34 3.91
N ASP B 39 -10.32 -27.45 2.59
CA ASP B 39 -9.12 -27.11 1.88
C ASP B 39 -8.75 -25.69 2.18
N MET B 40 -9.78 -24.84 2.22
CA MET B 40 -9.66 -23.40 2.52
C MET B 40 -9.16 -23.13 3.94
N LEU B 41 -9.84 -23.75 4.92
CA LEU B 41 -9.45 -23.64 6.32
C LEU B 41 -7.99 -24.04 6.53
N ALA B 42 -7.63 -25.21 6.02
CA ALA B 42 -6.28 -25.72 6.15
C ALA B 42 -5.26 -24.77 5.51
N HIS B 43 -5.58 -24.30 4.28
CA HIS B 43 -4.72 -23.40 3.50
C HIS B 43 -4.44 -22.07 4.24
N LEU B 44 -5.49 -21.50 4.83
CA LEU B 44 -5.40 -20.21 5.52
C LEU B 44 -4.76 -20.30 6.89
N LEU B 45 -4.63 -21.53 7.39
CA LEU B 45 -3.87 -21.76 8.61
C LEU B 45 -2.38 -21.89 8.26
N LYS B 46 -2.06 -22.57 7.17
CA LYS B 46 -0.69 -22.77 6.80
C LYS B 46 -0.05 -21.44 6.41
N TYR B 47 -0.77 -20.66 5.60
CA TYR B 47 -0.26 -19.43 5.02
C TYR B 47 -0.92 -18.18 5.61
N ASP B 48 -0.12 -17.21 6.00
CA ASP B 48 -0.63 -16.02 6.64
C ASP B 48 0.21 -14.83 6.18
N THR B 49 -0.45 -13.90 5.52
CA THR B 49 0.20 -12.74 4.91
C THR B 49 1.12 -11.98 5.89
N MET B 50 0.58 -11.55 7.03
CA MET B 50 1.28 -10.70 7.96
C MET B 50 1.92 -11.50 9.09
N GLN B 51 1.34 -12.65 9.44
CA GLN B 51 1.82 -13.42 10.61
C GLN B 51 2.78 -14.56 10.25
N GLY B 52 2.94 -14.86 8.97
CA GLY B 52 3.95 -15.82 8.55
C GLY B 52 3.49 -17.25 8.48
N ARG B 53 4.32 -18.11 7.88
CA ARG B 53 3.92 -19.51 7.65
C ARG B 53 3.74 -20.29 8.95
N PHE B 54 2.73 -21.15 8.98
CA PHE B 54 2.59 -22.04 10.09
C PHE B 54 3.73 -23.03 10.10
N THR B 55 4.36 -23.17 11.26
CA THR B 55 5.57 -23.95 11.40
C THR B 55 5.30 -25.45 11.16
N GLY B 56 4.30 -26.01 11.87
CA GLY B 56 4.00 -27.42 11.78
C GLY B 56 3.50 -27.93 10.44
N GLU B 57 3.06 -29.19 10.42
CA GLU B 57 2.53 -29.81 9.21
C GLU B 57 1.01 -29.78 9.23
N VAL B 58 0.39 -29.46 8.10
CA VAL B 58 -1.07 -29.35 8.05
C VAL B 58 -1.55 -30.15 6.86
N GLU B 59 -2.42 -31.10 7.14
CA GLU B 59 -2.94 -31.98 6.11
C GLU B 59 -4.47 -32.11 6.16
N VAL B 60 -5.13 -31.95 5.02
CA VAL B 60 -6.58 -32.04 4.93
C VAL B 60 -7.04 -33.50 4.96
N VAL B 61 -8.01 -33.81 5.80
CA VAL B 61 -8.66 -35.11 5.81
C VAL B 61 -10.15 -34.80 5.63
N ASP B 62 -11.03 -35.78 5.83
CA ASP B 62 -12.48 -35.51 5.68
C ASP B 62 -13.15 -34.97 6.96
N GLY B 63 -12.84 -35.55 8.13
CA GLY B 63 -13.21 -34.90 9.40
C GLY B 63 -13.05 -33.35 9.30
N GLY B 64 -11.94 -32.92 8.67
CA GLY B 64 -11.48 -31.56 8.72
C GLY B 64 -10.04 -31.57 8.31
N PHE B 65 -9.12 -31.46 9.27
CA PHE B 65 -7.69 -31.43 8.95
C PHE B 65 -6.83 -31.92 10.11
N ARG B 66 -5.57 -32.24 9.80
CA ARG B 66 -4.61 -32.79 10.74
C ARG B 66 -3.44 -31.82 10.91
N VAL B 67 -3.13 -31.47 12.15
CA VAL B 67 -2.01 -30.58 12.41
C VAL B 67 -1.04 -31.32 13.29
N ASN B 68 0.18 -31.51 12.77
CA ASN B 68 1.22 -32.24 13.50
C ASN B 68 0.62 -33.50 14.09
N GLY B 69 -0.02 -34.29 13.24
CA GLY B 69 -0.65 -35.53 13.66
C GLY B 69 -2.01 -35.45 14.36
N LYS B 70 -2.30 -34.37 15.06
CA LYS B 70 -3.56 -34.25 15.79
C LYS B 70 -4.73 -33.88 14.88
N GLU B 71 -5.80 -34.68 14.96
CA GLU B 71 -7.02 -34.41 14.17
C GLU B 71 -7.84 -33.24 14.68
N VAL B 72 -8.42 -32.48 13.75
CA VAL B 72 -9.29 -31.34 14.08
C VAL B 72 -10.53 -31.45 13.24
N LYS B 73 -11.67 -31.62 13.89
CA LYS B 73 -12.96 -31.77 13.20
C LYS B 73 -13.38 -30.39 12.79
N SER B 74 -13.96 -30.28 11.61
CA SER B 74 -14.34 -28.98 11.08
C SER B 74 -15.80 -29.00 10.62
N PHE B 75 -16.48 -27.86 10.77
CA PHE B 75 -17.90 -27.77 10.49
C PHE B 75 -18.26 -26.52 9.68
N SER B 76 -19.44 -26.56 9.11
CA SER B 76 -19.83 -25.61 8.07
C SER B 76 -21.26 -25.18 8.38
N GLU B 77 -21.47 -24.72 9.60
CA GLU B 77 -22.81 -24.59 10.17
C GLU B 77 -23.07 -23.20 10.77
N PRO B 78 -23.90 -22.37 10.09
CA PRO B 78 -24.06 -20.95 10.40
C PRO B 78 -24.72 -20.70 11.74
N ASP B 79 -25.53 -21.66 12.16
CA ASP B 79 -26.36 -21.56 13.36
C ASP B 79 -25.74 -22.32 14.53
N ALA B 80 -25.29 -21.58 15.53
CA ALA B 80 -24.39 -22.12 16.56
C ALA B 80 -25.01 -23.23 17.42
N SER B 81 -26.32 -23.13 17.62
CA SER B 81 -27.06 -24.10 18.40
C SER B 81 -27.14 -25.48 17.78
N LYS B 82 -26.70 -25.63 16.52
CA LYS B 82 -26.75 -26.92 15.82
C LYS B 82 -25.45 -27.69 15.87
N LEU B 83 -24.39 -27.02 16.35
CA LEU B 83 -23.06 -27.60 16.44
C LEU B 83 -22.97 -28.77 17.45
N PRO B 84 -22.23 -29.85 17.10
CA PRO B 84 -22.29 -31.03 17.97
C PRO B 84 -21.34 -30.92 19.16
N TRP B 85 -21.39 -29.77 19.85
CA TRP B 85 -20.52 -29.51 20.99
C TRP B 85 -20.66 -30.56 22.11
N LYS B 86 -21.91 -30.94 22.38
CA LYS B 86 -22.28 -31.94 23.36
C LYS B 86 -21.55 -33.26 23.10
N ASP B 87 -21.48 -33.65 21.83
CA ASP B 87 -20.96 -34.97 21.43
C ASP B 87 -19.45 -35.02 21.42
N LEU B 88 -18.82 -33.85 21.44
CA LEU B 88 -17.37 -33.76 21.43
C LEU B 88 -16.86 -33.29 22.77
N ASN B 89 -17.75 -33.22 23.78
CA ASN B 89 -17.47 -32.69 25.13
C ASN B 89 -16.63 -31.44 25.13
N ILE B 90 -17.12 -30.39 24.46
CA ILE B 90 -16.43 -29.11 24.38
C ILE B 90 -16.49 -28.45 25.74
N ASP B 91 -15.34 -28.04 26.24
CA ASP B 91 -15.24 -27.30 27.48
C ASP B 91 -15.48 -25.81 27.26
N VAL B 92 -14.78 -25.21 26.30
CA VAL B 92 -14.97 -23.80 26.04
C VAL B 92 -14.99 -23.47 24.52
N VAL B 93 -16.01 -22.74 24.07
CA VAL B 93 -16.02 -22.23 22.70
C VAL B 93 -15.35 -20.87 22.64
N LEU B 94 -14.43 -20.68 21.72
CA LEU B 94 -13.94 -19.34 21.45
C LEU B 94 -14.80 -18.76 20.34
N GLU B 95 -15.60 -17.76 20.66
CA GLU B 95 -16.56 -17.22 19.71
C GLU B 95 -15.93 -16.06 18.92
N CYS B 96 -15.61 -16.28 17.65
CA CYS B 96 -14.82 -15.31 16.87
C CYS B 96 -15.45 -14.92 15.54
N THR B 97 -16.75 -15.11 15.40
CA THR B 97 -17.43 -14.92 14.12
C THR B 97 -17.76 -13.46 13.92
N GLY B 98 -17.84 -12.70 15.03
CA GLY B 98 -18.36 -11.35 14.99
C GLY B 98 -19.89 -11.26 15.03
N PHE B 99 -20.61 -12.37 14.98
CA PHE B 99 -22.06 -12.33 14.91
C PHE B 99 -22.78 -12.80 16.19
N TYR B 100 -22.03 -13.04 17.26
CA TYR B 100 -22.64 -13.53 18.49
C TYR B 100 -22.15 -12.65 19.65
N THR B 101 -22.01 -11.36 19.39
CA THR B 101 -21.45 -10.47 20.39
C THR B 101 -22.47 -10.00 21.40
N ASP B 102 -23.28 -10.94 21.90
CA ASP B 102 -24.26 -10.61 22.90
C ASP B 102 -24.37 -11.83 23.82
N LYS B 103 -24.51 -11.60 25.13
CA LYS B 103 -24.72 -12.71 26.05
C LYS B 103 -25.81 -13.69 25.65
N ASP B 104 -26.99 -13.19 25.29
CA ASP B 104 -28.11 -14.05 24.90
C ASP B 104 -27.85 -14.83 23.64
N LYS B 105 -27.28 -14.18 22.63
CA LYS B 105 -26.93 -14.88 21.41
C LYS B 105 -25.93 -16.00 21.70
N ALA B 106 -24.81 -15.66 22.34
CA ALA B 106 -23.73 -16.64 22.65
C ALA B 106 -24.18 -17.87 23.48
N GLN B 107 -25.38 -17.78 24.02
CA GLN B 107 -25.96 -18.84 24.84
C GLN B 107 -26.25 -20.03 23.95
N ALA B 108 -26.34 -19.80 22.65
CA ALA B 108 -26.60 -20.86 21.68
C ALA B 108 -25.59 -22.00 21.84
N HIS B 109 -24.32 -21.64 22.03
CA HIS B 109 -23.22 -22.60 22.19
C HIS B 109 -23.41 -23.48 23.39
N ILE B 110 -24.07 -22.93 24.41
CA ILE B 110 -24.29 -23.67 25.64
C ILE B 110 -25.38 -24.71 25.45
N GLU B 111 -26.43 -24.32 24.73
CA GLU B 111 -27.51 -25.21 24.33
C GLU B 111 -26.96 -26.33 23.44
N ALA B 112 -25.96 -25.99 22.61
CA ALA B 112 -25.35 -26.98 21.75
C ALA B 112 -24.58 -28.03 22.57
N GLY B 113 -24.16 -27.63 23.77
CA GLY B 113 -23.47 -28.53 24.69
C GLY B 113 -22.12 -28.07 25.24
N ALA B 114 -21.66 -26.89 24.84
CA ALA B 114 -20.42 -26.36 25.40
C ALA B 114 -20.59 -25.89 26.84
N LYS B 115 -19.50 -25.85 27.59
CA LYS B 115 -19.58 -25.51 29.03
C LYS B 115 -19.38 -24.05 29.29
N LYS B 116 -18.58 -23.38 28.47
CA LYS B 116 -18.40 -21.93 28.56
C LYS B 116 -18.11 -21.32 27.20
N VAL B 117 -18.37 -20.02 27.06
CA VAL B 117 -18.13 -19.29 25.81
C VAL B 117 -17.30 -18.04 26.09
N LEU B 118 -16.26 -17.82 25.28
CA LEU B 118 -15.47 -16.63 25.44
C LEU B 118 -15.51 -15.81 24.17
N ILE B 119 -16.18 -14.66 24.22
CA ILE B 119 -16.39 -13.86 23.01
C ILE B 119 -15.17 -12.98 22.71
N SER B 120 -14.73 -12.99 21.44
CA SER B 120 -13.51 -12.30 21.07
C SER B 120 -13.76 -10.85 20.68
N ALA B 121 -14.65 -10.22 21.46
CA ALA B 121 -15.04 -8.83 21.26
C ALA B 121 -15.87 -8.28 22.44
N PRO B 122 -16.00 -6.94 22.52
CA PRO B 122 -17.02 -6.43 23.44
C PRO B 122 -18.40 -7.01 23.10
N ALA B 123 -19.20 -7.28 24.11
CA ALA B 123 -20.44 -7.97 23.90
C ALA B 123 -21.46 -7.28 24.78
N THR B 124 -22.70 -7.13 24.30
CA THR B 124 -23.75 -6.56 25.12
C THR B 124 -24.30 -7.60 26.12
N GLY B 125 -24.96 -7.13 27.17
CA GLY B 125 -25.64 -8.02 28.09
C GLY B 125 -25.00 -8.14 29.46
N ASP B 126 -25.56 -9.04 30.25
CA ASP B 126 -25.19 -9.21 31.64
C ASP B 126 -23.96 -10.10 31.86
N LEU B 127 -22.79 -9.64 31.41
CA LEU B 127 -21.56 -10.44 31.50
C LEU B 127 -20.30 -9.60 31.83
N LYS B 128 -19.27 -10.29 32.33
CA LYS B 128 -18.00 -9.64 32.65
C LYS B 128 -17.05 -9.44 31.45
N THR B 129 -16.32 -8.35 31.45
CA THR B 129 -15.47 -7.99 30.32
C THR B 129 -14.02 -7.97 30.79
N ILE B 130 -13.19 -8.82 30.20
CA ILE B 130 -11.89 -9.11 30.77
C ILE B 130 -10.76 -8.63 29.88
N VAL B 131 -9.86 -7.87 30.48
CA VAL B 131 -8.55 -7.66 29.90
C VAL B 131 -7.60 -8.38 30.86
N PHE B 132 -6.89 -9.39 30.35
CA PHE B 132 -5.96 -10.17 31.16
C PHE B 132 -4.84 -9.35 31.79
N ASN B 133 -4.63 -9.58 33.09
CA ASN B 133 -3.66 -8.83 33.94
C ASN B 133 -4.12 -7.42 34.29
N THR B 134 -5.35 -7.06 33.93
CA THR B 134 -5.96 -5.90 34.50
C THR B 134 -7.11 -6.29 35.40
N ASN B 135 -7.99 -7.17 34.93
CA ASN B 135 -9.15 -7.50 35.74
C ASN B 135 -9.64 -8.95 35.64
N HIS B 136 -8.76 -9.88 35.26
CA HIS B 136 -9.16 -11.29 35.18
C HIS B 136 -9.53 -11.91 36.54
N GLN B 137 -9.12 -11.25 37.63
CA GLN B 137 -9.32 -11.73 38.99
C GLN B 137 -10.78 -11.59 39.35
N GLU B 138 -11.55 -10.93 38.49
CA GLU B 138 -13.00 -10.77 38.64
C GLU B 138 -13.74 -12.08 38.40
N LEU B 139 -13.03 -13.03 37.80
CA LEU B 139 -13.64 -14.28 37.43
C LEU B 139 -13.57 -15.23 38.60
N ASP B 140 -14.72 -15.79 38.97
CA ASP B 140 -14.80 -16.76 40.06
C ASP B 140 -15.07 -18.16 39.57
N GLY B 141 -15.25 -18.31 38.26
CA GLY B 141 -15.37 -19.63 37.66
C GLY B 141 -16.80 -20.14 37.55
N SER B 142 -17.76 -19.37 38.04
CA SER B 142 -19.18 -19.67 37.78
C SER B 142 -19.76 -18.99 36.52
N GLU B 143 -18.93 -18.21 35.82
CA GLU B 143 -19.34 -17.55 34.62
C GLU B 143 -19.55 -18.55 33.52
N THR B 144 -20.52 -18.28 32.68
CA THR B 144 -20.87 -19.16 31.60
C THR B 144 -20.56 -18.51 30.23
N VAL B 145 -20.73 -17.18 30.16
CA VAL B 145 -20.40 -16.39 28.96
C VAL B 145 -19.63 -15.13 29.38
N VAL B 146 -18.49 -14.90 28.72
CA VAL B 146 -17.53 -13.87 29.08
C VAL B 146 -17.01 -13.19 27.82
N SER B 147 -16.73 -11.90 27.91
CA SER B 147 -16.15 -11.15 26.78
C SER B 147 -14.68 -10.83 27.00
N GLY B 148 -13.89 -11.01 25.95
CA GLY B 148 -12.47 -10.73 26.04
C GLY B 148 -12.13 -9.30 25.66
N ALA B 149 -13.14 -8.41 25.65
CA ALA B 149 -13.03 -7.00 25.31
C ALA B 149 -12.55 -6.86 23.88
N SER B 150 -11.94 -5.72 23.51
CA SER B 150 -11.50 -5.47 22.12
C SER B 150 -9.98 -5.30 22.12
N SER B 151 -9.36 -5.20 20.95
CA SER B 151 -7.91 -5.02 20.94
C SER B 151 -7.48 -3.65 21.51
N THR B 152 -8.20 -2.57 21.18
CA THR B 152 -7.88 -1.28 21.79
C THR B 152 -8.05 -1.24 23.31
N THR B 153 -9.08 -1.89 23.82
CA THR B 153 -9.31 -1.97 25.28
C THR B 153 -8.11 -2.64 25.96
N ASN B 154 -7.61 -3.70 25.34
CA ASN B 154 -6.45 -4.40 25.86
C ASN B 154 -5.16 -3.58 25.74
N SER B 155 -5.08 -2.68 24.78
CA SER B 155 -3.91 -1.82 24.66
C SER B 155 -3.96 -0.66 25.65
N LEU B 156 -5.17 -0.30 26.06
CA LEU B 156 -5.40 0.91 26.85
C LEU B 156 -5.52 0.65 28.36
N ALA B 157 -6.30 -0.37 28.73
CA ALA B 157 -6.60 -0.67 30.12
C ALA B 157 -5.39 -0.59 31.06
N PRO B 158 -4.29 -1.33 30.77
CA PRO B 158 -3.13 -1.25 31.67
C PRO B 158 -2.48 0.12 31.75
N VAL B 159 -2.62 0.94 30.72
CA VAL B 159 -2.14 2.34 30.72
C VAL B 159 -3.03 3.24 31.58
N ALA B 160 -4.33 3.14 31.38
CA ALA B 160 -5.29 3.89 32.19
C ALA B 160 -5.26 3.50 33.69
N LYS B 161 -5.08 2.22 33.99
CA LYS B 161 -5.02 1.82 35.37
C LYS B 161 -3.84 2.47 36.08
N VAL B 162 -2.68 2.48 35.41
CA VAL B 162 -1.49 3.12 36.01
C VAL B 162 -1.73 4.61 36.24
N LEU B 163 -2.29 5.30 35.25
CA LEU B 163 -2.54 6.72 35.40
C LEU B 163 -3.56 7.01 36.52
N ASN B 164 -4.63 6.21 36.55
CA ASN B 164 -5.65 6.42 37.57
C ASN B 164 -5.19 6.11 38.99
N ASP B 165 -4.43 5.01 39.15
CA ASP B 165 -3.85 4.64 40.44
C ASP B 165 -2.85 5.63 40.98
N ASP B 166 -1.94 6.12 40.13
CA ASP B 166 -0.79 6.87 40.62
C ASP B 166 -1.03 8.34 40.63
N PHE B 167 -1.93 8.85 39.79
CA PHE B 167 -2.03 10.29 39.60
C PHE B 167 -3.46 10.78 39.76
N GLY B 168 -4.41 9.85 39.67
CA GLY B 168 -5.85 10.20 39.65
C GLY B 168 -6.25 10.71 38.29
N LEU B 169 -7.19 10.03 37.67
CA LEU B 169 -7.62 10.42 36.32
C LEU B 169 -8.87 11.30 36.34
N VAL B 170 -8.70 12.57 35.99
CA VAL B 170 -9.85 13.47 35.84
C VAL B 170 -10.69 13.14 34.58
N GLU B 171 -10.05 13.23 33.41
CA GLU B 171 -10.70 12.95 32.12
C GLU B 171 -9.67 12.82 31.00
N GLY B 172 -10.09 12.19 29.92
CA GLY B 172 -9.16 11.97 28.86
C GLY B 172 -9.83 11.70 27.55
N LEU B 173 -9.09 11.98 26.48
CA LEU B 173 -9.52 11.66 25.13
C LEU B 173 -8.50 10.78 24.40
N MET B 174 -9.01 9.85 23.62
CA MET B 174 -8.22 8.80 23.07
C MET B 174 -8.28 8.89 21.55
N THR B 175 -7.17 8.66 20.89
CA THR B 175 -7.19 8.38 19.47
C THR B 175 -6.37 7.10 19.19
N THR B 176 -6.99 6.16 18.52
CA THR B 176 -6.25 5.01 18.11
C THR B 176 -5.93 5.03 16.59
N ILE B 177 -4.65 4.97 16.25
CA ILE B 177 -4.22 4.85 14.87
C ILE B 177 -4.03 3.35 14.50
N ASN B 178 -4.97 2.84 13.73
CA ASN B 178 -5.38 1.47 13.74
C ASN B 178 -5.06 0.83 12.36
N ALA B 179 -4.67 -0.43 12.34
CA ALA B 179 -4.63 -1.19 11.06
C ALA B 179 -6.04 -1.43 10.57
N TYR B 180 -6.19 -1.61 9.26
CA TYR B 180 -7.48 -1.92 8.66
C TYR B 180 -7.86 -3.40 8.93
N THR B 181 -9.16 -3.67 8.99
CA THR B 181 -9.61 -5.02 9.34
C THR B 181 -10.54 -5.56 8.28
N GLY B 182 -10.95 -6.81 8.45
CA GLY B 182 -11.82 -7.46 7.49
C GLY B 182 -13.21 -6.89 7.35
N ASP B 183 -13.61 -5.95 8.20
CA ASP B 183 -14.92 -5.40 7.99
C ASP B 183 -14.91 -4.04 7.25
N GLN B 184 -13.74 -3.72 6.70
CA GLN B 184 -13.59 -2.67 5.70
C GLN B 184 -13.54 -3.23 4.29
N ASN B 185 -13.94 -2.43 3.31
CA ASN B 185 -13.94 -2.85 1.93
C ASN B 185 -12.63 -2.62 1.22
N THR B 186 -12.36 -3.51 0.28
CA THR B 186 -11.25 -3.39 -0.67
C THR B 186 -11.33 -2.17 -1.59
N GLN B 187 -12.49 -1.97 -2.22
CA GLN B 187 -12.76 -0.81 -3.06
C GLN B 187 -13.99 -0.07 -2.47
N ASP B 188 -14.12 1.23 -2.74
CA ASP B 188 -15.31 1.99 -2.35
C ASP B 188 -16.53 1.17 -2.76
N ALA B 189 -17.38 0.82 -1.78
CA ALA B 189 -18.59 0.01 -2.04
C ALA B 189 -19.59 0.08 -0.87
N PRO B 190 -20.88 -0.23 -1.12
CA PRO B 190 -21.84 -0.26 0.00
C PRO B 190 -21.35 -1.14 1.15
N HIS B 191 -21.60 -0.68 2.38
CA HIS B 191 -21.18 -1.40 3.57
C HIS B 191 -22.40 -2.03 4.25
N ARG B 192 -22.23 -3.27 4.71
CA ARG B 192 -23.33 -4.04 5.33
C ARG B 192 -24.02 -3.27 6.46
N LYS B 193 -23.21 -2.63 7.29
CA LYS B 193 -23.71 -1.90 8.45
C LYS B 193 -24.03 -0.46 8.14
N GLY B 194 -23.87 -0.04 6.87
CA GLY B 194 -24.24 1.30 6.46
C GLY B 194 -23.26 2.40 6.88
N ASP B 195 -22.06 2.01 7.27
CA ASP B 195 -21.02 2.94 7.69
C ASP B 195 -20.36 3.50 6.46
N LYS B 196 -20.53 4.79 6.25
CA LYS B 196 -20.04 5.46 5.03
C LYS B 196 -18.52 5.60 4.94
N ARG B 197 -17.83 5.29 6.02
CA ARG B 197 -16.40 5.41 6.02
C ARG B 197 -15.74 4.02 5.92
N ARG B 198 -16.29 3.01 6.61
CA ARG B 198 -15.81 1.64 6.45
C ARG B 198 -16.14 1.11 5.05
N ALA B 199 -17.01 1.82 4.33
CA ALA B 199 -17.34 1.51 2.95
C ALA B 199 -16.21 1.82 1.95
N ARG B 200 -15.23 2.63 2.38
CA ARG B 200 -14.24 3.20 1.47
C ARG B 200 -13.03 2.28 1.30
N ALA B 201 -12.33 2.42 0.18
CA ALA B 201 -11.07 1.67 -0.04
C ALA B 201 -10.13 1.68 1.20
N ALA B 202 -9.92 0.50 1.78
CA ALA B 202 -9.26 0.40 3.07
C ALA B 202 -7.78 0.76 3.01
N ALA B 203 -7.13 0.42 1.91
CA ALA B 203 -5.67 0.58 1.85
C ALA B 203 -5.23 1.78 1.08
N GLU B 204 -6.14 2.74 0.87
CA GLU B 204 -5.82 4.01 0.17
C GLU B 204 -6.34 5.20 0.95
N ASN B 205 -6.60 5.02 2.24
CA ASN B 205 -7.29 6.06 2.99
C ASN B 205 -6.92 6.11 4.50
N ILE B 206 -6.98 7.34 5.06
CA ILE B 206 -7.11 7.55 6.49
C ILE B 206 -8.60 7.63 6.68
N ILE B 207 -9.13 6.77 7.53
CA ILE B 207 -10.59 6.57 7.68
C ILE B 207 -11.00 6.74 9.14
N PRO B 208 -11.66 7.88 9.49
CA PRO B 208 -12.11 8.05 10.88
C PRO B 208 -13.17 7.03 11.19
N ASN B 209 -13.19 6.55 12.43
CA ASN B 209 -14.21 5.62 12.86
C ASN B 209 -14.41 5.61 14.37
N SER B 210 -15.46 4.94 14.83
CA SER B 210 -15.70 4.84 16.26
C SER B 210 -14.86 3.69 16.85
N THR B 211 -14.72 3.67 18.18
CA THR B 211 -14.01 2.59 18.87
C THR B 211 -14.86 2.05 20.03
N GLY B 212 -14.80 0.74 20.24
CA GLY B 212 -15.48 0.11 21.40
C GLY B 212 -14.80 0.60 22.67
N ALA B 213 -13.50 0.41 22.70
CA ALA B 213 -12.61 0.80 23.77
C ALA B 213 -13.12 1.99 24.55
N ALA B 214 -13.37 3.08 23.84
CA ALA B 214 -13.86 4.32 24.43
C ALA B 214 -14.75 4.08 25.66
N LYS B 215 -15.59 3.04 25.63
CA LYS B 215 -16.48 2.75 26.78
C LYS B 215 -16.63 1.26 27.24
N ALA B 216 -16.14 0.31 26.46
CA ALA B 216 -15.70 -0.98 27.04
C ALA B 216 -14.73 -0.77 28.22
N ILE B 217 -14.00 0.36 28.22
CA ILE B 217 -13.02 0.65 29.26
C ILE B 217 -13.67 0.79 30.62
N GLY B 218 -14.86 1.38 30.67
CA GLY B 218 -15.57 1.60 31.91
C GLY B 218 -15.95 0.31 32.60
N LYS B 219 -16.11 -0.75 31.81
CA LYS B 219 -16.50 -2.09 32.29
C LYS B 219 -15.33 -2.88 32.85
N VAL B 220 -14.13 -2.52 32.43
CA VAL B 220 -12.89 -3.13 32.89
C VAL B 220 -12.34 -2.43 34.15
N ILE B 221 -12.36 -1.11 34.15
CA ILE B 221 -11.89 -0.31 35.28
C ILE B 221 -13.08 0.55 35.73
N PRO B 222 -13.99 -0.01 36.55
CA PRO B 222 -15.19 0.72 36.92
C PRO B 222 -14.94 2.14 37.41
N GLU B 223 -13.91 2.37 38.23
CA GLU B 223 -13.69 3.70 38.85
C GLU B 223 -13.34 4.84 37.89
N ILE B 224 -13.13 4.53 36.61
CA ILE B 224 -12.92 5.58 35.60
C ILE B 224 -14.01 5.54 34.51
N ASP B 225 -15.12 4.87 34.82
CA ASP B 225 -16.26 4.76 33.92
C ASP B 225 -16.73 6.13 33.48
N GLY B 226 -16.91 6.30 32.19
CA GLY B 226 -17.33 7.58 31.64
C GLY B 226 -16.32 8.71 31.65
N LYS B 227 -15.11 8.49 32.14
CA LYS B 227 -14.09 9.52 32.16
C LYS B 227 -13.30 9.62 30.84
N LEU B 228 -13.45 8.60 29.99
CA LEU B 228 -12.72 8.49 28.72
C LEU B 228 -13.61 8.35 27.49
N ASP B 229 -13.18 8.96 26.40
CA ASP B 229 -13.80 8.80 25.11
C ASP B 229 -12.78 9.01 24.00
N GLY B 230 -13.23 8.88 22.77
CA GLY B 230 -12.32 8.93 21.65
C GLY B 230 -12.73 8.05 20.49
N GLY B 231 -11.88 7.95 19.47
CA GLY B 231 -12.25 7.24 18.26
C GLY B 231 -11.05 6.62 17.60
N ALA B 232 -11.26 6.12 16.37
CA ALA B 232 -10.19 5.49 15.60
C ALA B 232 -9.84 6.29 14.32
N GLN B 233 -8.62 6.11 13.84
CA GLN B 233 -8.22 6.43 12.46
C GLN B 233 -7.65 5.14 11.88
N ARG B 234 -8.41 4.52 10.98
CA ARG B 234 -7.96 3.30 10.27
C ARG B 234 -7.01 3.74 9.13
N VAL B 235 -5.79 3.18 9.11
CA VAL B 235 -4.78 3.54 8.08
C VAL B 235 -4.27 2.29 7.30
N PRO B 236 -3.65 2.51 6.13
CA PRO B 236 -3.14 1.43 5.27
C PRO B 236 -1.92 0.60 5.75
N VAL B 237 -1.99 0.05 6.97
CA VAL B 237 -1.13 -1.08 7.38
C VAL B 237 -2.05 -2.28 7.67
N ALA B 238 -1.62 -3.50 7.34
CA ALA B 238 -2.54 -4.65 7.46
C ALA B 238 -2.67 -5.17 8.91
N THR B 239 -1.68 -4.86 9.77
CA THR B 239 -1.77 -5.13 11.19
C THR B 239 -0.70 -4.35 11.92
N GLY B 240 -0.88 -4.17 13.23
CA GLY B 240 -0.08 -3.24 14.03
C GLY B 240 -0.77 -1.88 14.20
N SER B 241 -0.95 -1.45 15.44
CA SER B 241 -1.71 -0.25 15.76
C SER B 241 -1.07 0.50 16.93
N LEU B 242 -1.59 1.71 17.19
CA LEU B 242 -1.07 2.59 18.26
C LEU B 242 -2.17 3.44 18.94
N THR B 243 -2.27 3.35 20.26
CA THR B 243 -3.27 4.12 21.02
C THR B 243 -2.62 5.34 21.64
N GLU B 244 -3.10 6.51 21.26
CA GLU B 244 -2.65 7.76 21.89
C GLU B 244 -3.68 8.24 22.90
N LEU B 245 -3.23 8.62 24.07
CA LEU B 245 -4.13 9.01 25.14
C LEU B 245 -3.71 10.31 25.76
N THR B 246 -4.64 11.27 25.75
CA THR B 246 -4.44 12.64 26.21
C THR B 246 -5.36 12.86 27.40
N VAL B 247 -4.75 13.14 28.56
CA VAL B 247 -5.48 13.17 29.82
C VAL B 247 -5.19 14.38 30.73
N VAL B 248 -6.20 14.71 31.55
CA VAL B 248 -6.07 15.60 32.68
C VAL B 248 -6.04 14.76 33.96
N LEU B 249 -4.99 14.94 34.78
CA LEU B 249 -4.80 14.17 36.00
C LEU B 249 -5.11 15.01 37.24
N GLU B 250 -5.23 14.34 38.38
CA GLU B 250 -5.42 15.04 39.65
C GLU B 250 -4.16 15.68 40.28
N LYS B 251 -3.04 14.98 40.27
CA LYS B 251 -1.78 15.62 40.60
C LYS B 251 -1.34 16.56 39.46
N GLN B 252 -0.90 17.76 39.82
CA GLN B 252 -0.14 18.56 38.87
C GLN B 252 1.34 18.47 39.24
N ASP B 253 2.21 19.15 38.50
CA ASP B 253 3.65 18.92 38.67
C ASP B 253 4.03 17.46 38.44
N VAL B 254 3.38 16.84 37.46
CA VAL B 254 3.74 15.49 36.98
C VAL B 254 4.85 15.65 35.96
N THR B 255 5.81 14.72 35.96
CA THR B 255 6.90 14.79 34.97
C THR B 255 6.88 13.62 34.00
N VAL B 256 7.48 13.83 32.84
CA VAL B 256 7.63 12.79 31.84
C VAL B 256 8.22 11.57 32.54
N GLU B 257 9.23 11.84 33.37
CA GLU B 257 10.04 10.83 34.02
C GLU B 257 9.19 10.02 34.98
N GLN B 258 8.30 10.69 35.71
CA GLN B 258 7.41 9.98 36.65
C GLN B 258 6.39 9.09 35.97
N VAL B 259 5.82 9.56 34.86
CA VAL B 259 4.86 8.80 34.10
C VAL B 259 5.54 7.57 33.56
N ASN B 260 6.70 7.72 32.91
CA ASN B 260 7.38 6.57 32.30
C ASN B 260 7.68 5.50 33.34
N GLU B 261 8.33 5.90 34.42
CA GLU B 261 8.69 5.01 35.51
C GLU B 261 7.49 4.30 36.11
N ALA B 262 6.38 5.02 36.25
CA ALA B 262 5.17 4.39 36.72
C ALA B 262 4.72 3.21 35.79
N MET B 263 4.84 3.43 34.48
CA MET B 263 4.55 2.38 33.50
C MET B 263 5.52 1.20 33.57
N LYS B 264 6.82 1.45 33.64
CA LYS B 264 7.81 0.41 33.65
C LYS B 264 7.61 -0.47 34.90
N ASN B 265 7.38 0.17 36.03
CA ASN B 265 7.09 -0.54 37.26
C ASN B 265 5.85 -1.43 37.22
N ALA B 266 4.95 -1.19 36.30
CA ALA B 266 3.75 -2.00 36.21
C ALA B 266 3.87 -3.08 35.14
N SER B 267 4.98 -3.14 34.41
CA SER B 267 5.06 -4.04 33.26
C SER B 267 5.11 -5.52 33.62
N ASN B 268 4.46 -6.33 32.80
CA ASN B 268 4.37 -7.77 32.98
C ASN B 268 4.30 -8.44 31.62
N GLU B 269 3.81 -9.67 31.56
CA GLU B 269 3.67 -10.32 30.27
C GLU B 269 2.56 -9.75 29.39
N SER B 270 1.56 -9.07 29.97
CA SER B 270 0.49 -8.39 29.19
C SER B 270 0.81 -6.94 28.78
N PHE B 271 1.74 -6.32 29.51
CA PHE B 271 2.05 -4.91 29.39
C PHE B 271 3.56 -4.80 29.28
N GLY B 272 4.02 -4.51 28.08
CA GLY B 272 5.44 -4.30 27.87
C GLY B 272 5.86 -2.84 27.95
N TYR B 273 7.17 -2.62 28.10
CA TYR B 273 7.69 -1.29 28.17
C TYR B 273 8.89 -1.15 27.24
N THR B 274 8.97 -0.05 26.49
CA THR B 274 10.13 0.14 25.60
C THR B 274 10.55 1.60 25.50
N GLU B 275 11.82 1.81 25.19
CA GLU B 275 12.37 3.17 24.93
C GLU B 275 13.05 3.22 23.55
N ASP B 276 12.79 2.20 22.76
CA ASP B 276 13.31 2.11 21.41
C ASP B 276 12.39 2.80 20.45
N GLU B 277 12.98 3.47 19.47
CA GLU B 277 12.18 4.20 18.50
C GLU B 277 11.58 3.27 17.44
N ILE B 278 10.72 2.36 17.87
CA ILE B 278 10.11 1.35 16.99
C ILE B 278 9.02 1.93 16.11
N VAL B 279 8.60 1.16 15.11
CA VAL B 279 7.42 1.51 14.25
C VAL B 279 6.46 0.31 14.20
N SER B 280 5.25 0.51 13.66
CA SER B 280 4.19 -0.51 13.74
C SER B 280 4.68 -1.90 13.37
N SER B 281 5.27 -2.07 12.20
CA SER B 281 5.70 -3.41 11.81
C SER B 281 6.58 -4.15 12.86
N ASP B 282 7.22 -3.39 13.76
CA ASP B 282 8.04 -3.97 14.81
C ASP B 282 7.23 -4.71 15.89
N VAL B 283 5.95 -4.42 16.00
CA VAL B 283 5.07 -5.07 16.96
C VAL B 283 4.22 -6.17 16.34
N VAL B 284 4.35 -6.38 15.04
CA VAL B 284 3.68 -7.49 14.39
C VAL B 284 4.08 -8.83 15.01
N GLY B 285 3.11 -9.59 15.49
CA GLY B 285 3.41 -10.91 16.08
C GLY B 285 3.71 -10.92 17.57
N MET B 286 3.74 -9.75 18.19
CA MET B 286 4.12 -9.68 19.60
C MET B 286 2.98 -10.17 20.49
N THR B 287 3.34 -10.61 21.69
CA THR B 287 2.36 -11.25 22.56
C THR B 287 2.11 -10.46 23.84
N TYR B 288 2.70 -9.27 23.96
CA TYR B 288 2.19 -8.31 24.95
C TYR B 288 0.82 -7.82 24.47
N GLY B 289 -0.13 -7.64 25.39
CA GLY B 289 -1.43 -7.06 25.07
C GLY B 289 -1.29 -5.57 24.79
N SER B 290 -0.17 -4.97 25.20
CA SER B 290 0.02 -3.54 25.07
C SER B 290 1.50 -3.30 25.26
N LEU B 291 2.06 -2.33 24.51
CA LEU B 291 3.48 -2.00 24.67
C LEU B 291 3.73 -0.50 24.86
N PHE B 292 3.99 -0.09 26.10
CA PHE B 292 4.15 1.33 26.38
C PHE B 292 5.42 1.87 25.71
N ASP B 293 5.24 2.90 24.89
CA ASP B 293 6.34 3.57 24.22
C ASP B 293 6.71 4.87 24.96
N ALA B 294 7.79 4.82 25.73
CA ALA B 294 8.19 5.97 26.54
C ALA B 294 8.66 7.17 25.70
N THR B 295 9.14 6.94 24.48
CA THR B 295 9.63 8.03 23.62
C THR B 295 8.50 8.97 23.20
N GLN B 296 7.25 8.50 23.36
CA GLN B 296 6.06 9.27 22.99
C GLN B 296 5.34 10.01 24.12
N THR B 297 5.90 9.96 25.31
CA THR B 297 5.31 10.59 26.48
C THR B 297 5.53 12.11 26.39
N ARG B 298 4.44 12.86 26.58
CA ARG B 298 4.48 14.31 26.58
C ARG B 298 3.69 14.90 27.73
N VAL B 299 4.21 15.98 28.31
CA VAL B 299 3.53 16.71 29.37
C VAL B 299 3.54 18.17 28.96
N MET B 300 2.36 18.77 28.96
CA MET B 300 2.18 20.14 28.54
C MET B 300 1.75 20.91 29.80
N SER B 301 2.57 21.88 30.21
CA SER B 301 2.33 22.64 31.44
C SER B 301 2.19 24.11 31.09
N VAL B 302 1.01 24.67 31.35
CA VAL B 302 0.81 26.10 31.18
C VAL B 302 0.35 26.67 32.53
N GLY B 303 1.22 27.51 33.12
CA GLY B 303 1.08 27.94 34.49
C GLY B 303 0.75 26.74 35.37
N ASP B 304 -0.40 26.82 36.05
CA ASP B 304 -0.83 25.83 37.02
C ASP B 304 -1.21 24.47 36.40
N ARG B 305 -1.55 24.48 35.12
CA ARG B 305 -2.35 23.39 34.55
C ARG B 305 -1.68 22.53 33.49
N GLN B 306 -1.92 21.22 33.58
CA GLN B 306 -1.20 20.20 32.85
C GLN B 306 -2.05 19.31 32.00
N LEU B 307 -1.58 19.11 30.77
CA LEU B 307 -2.08 18.06 29.91
C LEU B 307 -1.01 16.98 29.70
N VAL B 308 -1.41 15.71 29.82
CA VAL B 308 -0.48 14.60 29.67
C VAL B 308 -0.84 13.72 28.48
N LYS B 309 0.14 13.38 27.65
CA LYS B 309 -0.04 12.48 26.53
C LYS B 309 0.86 11.22 26.57
N VAL B 310 0.25 10.05 26.35
CA VAL B 310 0.99 8.78 26.30
C VAL B 310 0.54 7.93 25.11
N ALA B 311 1.33 6.91 24.80
CA ALA B 311 1.06 6.06 23.68
C ALA B 311 1.49 4.64 23.93
N ALA B 312 0.65 3.69 23.50
CA ALA B 312 0.97 2.26 23.62
C ALA B 312 0.76 1.51 22.29
N TRP B 313 1.77 0.76 21.87
CA TRP B 313 1.60 -0.06 20.68
C TRP B 313 0.84 -1.34 21.01
N TYR B 314 0.32 -1.98 19.96
CA TYR B 314 -0.38 -3.28 20.00
C TYR B 314 -0.55 -3.87 18.59
N ASP B 315 -0.17 -5.14 18.41
CA ASP B 315 -0.62 -5.90 17.24
C ASP B 315 -2.09 -6.28 17.51
N ASN B 316 -3.00 -5.56 16.84
CA ASN B 316 -4.42 -5.76 17.07
C ASN B 316 -4.79 -7.25 16.87
N GLU B 317 -4.01 -7.95 16.06
CA GLU B 317 -4.21 -9.39 15.88
C GLU B 317 -3.59 -10.23 16.98
N MET B 318 -2.27 -10.25 17.06
CA MET B 318 -1.58 -11.18 17.97
C MET B 318 -1.59 -10.77 19.45
N SER B 319 -1.42 -9.47 19.72
CA SER B 319 -1.55 -8.92 21.08
C SER B 319 -2.91 -9.28 21.69
N TYR B 320 -3.98 -9.02 20.93
CA TYR B 320 -5.32 -9.40 21.40
C TYR B 320 -5.47 -10.92 21.56
N THR B 321 -5.00 -11.67 20.57
CA THR B 321 -5.03 -13.12 20.62
C THR B 321 -4.30 -13.67 21.84
N ALA B 322 -3.12 -13.12 22.14
CA ALA B 322 -2.32 -13.61 23.25
C ALA B 322 -3.09 -13.42 24.55
N GLN B 323 -3.73 -12.26 24.64
CA GLN B 323 -4.52 -11.87 25.81
C GLN B 323 -5.74 -12.76 25.94
N LEU B 324 -6.49 -12.92 24.84
CA LEU B 324 -7.63 -13.85 24.80
C LEU B 324 -7.29 -15.28 25.25
N VAL B 325 -6.12 -15.79 24.83
CA VAL B 325 -5.73 -17.15 25.20
C VAL B 325 -5.34 -17.29 26.64
N ARG B 326 -4.80 -16.21 27.24
CA ARG B 326 -4.49 -16.24 28.67
C ARG B 326 -5.80 -16.28 29.46
N THR B 327 -6.79 -15.53 28.97
CA THR B 327 -8.10 -15.47 29.58
C THR B 327 -8.82 -16.82 29.43
N LEU B 328 -8.65 -17.41 28.27
CA LEU B 328 -9.15 -18.77 28.08
C LEU B 328 -8.56 -19.73 29.10
N ALA B 329 -7.24 -19.72 29.24
CA ALA B 329 -6.56 -20.65 30.14
C ALA B 329 -6.95 -20.43 31.61
N TYR B 330 -7.15 -19.17 32.00
CA TYR B 330 -7.50 -18.84 33.38
C TYR B 330 -8.92 -19.29 33.65
N LEU B 331 -9.83 -18.91 32.76
CA LEU B 331 -11.24 -19.30 32.79
C LEU B 331 -11.45 -20.81 32.87
N ALA B 332 -10.59 -21.56 32.18
CA ALA B 332 -10.64 -23.05 32.20
C ALA B 332 -10.06 -23.66 33.46
N GLU B 333 -9.13 -22.96 34.12
CA GLU B 333 -8.53 -23.48 35.34
C GLU B 333 -9.47 -23.36 36.55
N LEU B 334 -10.41 -22.44 36.46
CA LEU B 334 -11.38 -22.21 37.53
C LEU B 334 -12.61 -23.11 37.42
N SER B 335 -12.79 -23.68 36.23
CA SER B 335 -14.05 -24.27 35.72
C SER B 335 -14.31 -25.73 36.14
N ALA C 2 38.20 -19.77 11.66
CA ALA C 2 36.98 -19.27 10.95
C ALA C 2 37.35 -18.34 9.79
N VAL C 3 36.43 -18.19 8.85
CA VAL C 3 36.62 -17.35 7.67
C VAL C 3 36.17 -15.91 7.90
N LYS C 4 37.12 -14.99 7.79
CA LYS C 4 36.93 -13.61 8.19
C LYS C 4 36.24 -12.79 7.10
N VAL C 5 35.01 -12.37 7.37
CA VAL C 5 34.21 -11.69 6.37
C VAL C 5 34.05 -10.23 6.76
N ALA C 6 34.10 -9.35 5.77
CA ALA C 6 33.74 -7.93 5.97
C ALA C 6 32.62 -7.63 5.00
N ILE C 7 31.62 -6.90 5.48
CA ILE C 7 30.49 -6.48 4.63
C ILE C 7 30.62 -5.00 4.24
N ASN C 8 30.76 -4.73 2.95
CA ASN C 8 30.76 -3.35 2.47
C ASN C 8 29.34 -2.99 2.01
N GLY C 9 28.72 -2.05 2.74
CA GLY C 9 27.34 -1.64 2.45
C GLY C 9 26.37 -2.47 3.27
N PHE C 10 26.01 -1.94 4.44
CA PHE C 10 25.13 -2.65 5.37
C PHE C 10 23.67 -2.32 5.05
N GLY C 11 23.33 -2.43 3.77
CA GLY C 11 21.96 -2.24 3.34
C GLY C 11 21.07 -3.47 3.49
N ARG C 12 20.10 -3.60 2.62
CA ARG C 12 19.17 -4.73 2.68
C ARG C 12 19.91 -6.07 2.56
N ILE C 13 20.64 -6.24 1.46
CA ILE C 13 21.43 -7.45 1.27
C ILE C 13 22.58 -7.61 2.32
N GLY C 14 23.28 -6.52 2.64
CA GLY C 14 24.33 -6.57 3.64
C GLY C 14 23.84 -7.06 4.98
N ARG C 15 22.75 -6.48 5.47
CA ARG C 15 22.22 -6.85 6.80
C ARG C 15 21.66 -8.28 6.84
N LEU C 16 21.00 -8.68 5.78
CA LEU C 16 20.47 -10.02 5.75
C LEU C 16 21.62 -11.05 5.62
N ALA C 17 22.63 -10.70 4.81
CA ALA C 17 23.83 -11.51 4.77
C ALA C 17 24.39 -11.67 6.18
N PHE C 18 24.44 -10.58 6.94
CA PHE C 18 24.89 -10.65 8.32
C PHE C 18 24.05 -11.66 9.13
N ARG C 19 22.72 -11.56 9.02
CA ARG C 19 21.80 -12.46 9.78
C ARG C 19 22.00 -13.92 9.41
N ARG C 20 22.13 -14.16 8.11
CA ARG C 20 22.19 -15.49 7.57
C ARG C 20 23.51 -16.12 7.98
N ILE C 21 24.57 -15.33 8.01
CA ILE C 21 25.88 -15.82 8.47
C ILE C 21 25.89 -16.27 9.94
N GLN C 22 25.03 -15.66 10.76
CA GLN C 22 24.87 -16.12 12.16
C GLN C 22 24.39 -17.58 12.20
N GLU C 23 23.50 -17.94 11.28
CA GLU C 23 22.96 -19.28 11.23
C GLU C 23 23.95 -20.28 10.66
N VAL C 24 25.04 -19.80 10.07
CA VAL C 24 25.97 -20.68 9.34
C VAL C 24 27.32 -20.76 10.00
N GLU C 25 27.63 -21.95 10.52
CA GLU C 25 28.93 -22.26 11.13
C GLU C 25 30.14 -21.99 10.22
N GLY C 26 31.22 -21.46 10.80
CA GLY C 26 32.51 -21.32 10.12
C GLY C 26 32.73 -20.03 9.36
N LEU C 27 31.69 -19.19 9.28
CA LEU C 27 31.82 -17.83 8.77
C LEU C 27 31.61 -16.84 9.89
N GLU C 28 32.48 -15.84 9.95
CA GLU C 28 32.44 -14.80 10.96
C GLU C 28 32.53 -13.40 10.31
N VAL C 29 31.51 -12.56 10.51
CA VAL C 29 31.58 -11.16 10.11
C VAL C 29 32.36 -10.39 11.17
N VAL C 30 33.52 -9.84 10.81
CA VAL C 30 34.32 -9.11 11.78
C VAL C 30 34.22 -7.61 11.64
N ALA C 31 33.73 -7.16 10.47
CA ALA C 31 33.62 -5.73 10.19
C ALA C 31 32.50 -5.42 9.20
N VAL C 32 31.93 -4.22 9.35
CA VAL C 32 31.00 -3.65 8.37
C VAL C 32 31.38 -2.20 8.03
N ASN C 33 31.10 -1.81 6.79
CA ASN C 33 31.31 -0.45 6.37
C ASN C 33 30.03 0.11 5.77
N ASP C 34 29.65 1.31 6.19
CA ASP C 34 28.55 2.01 5.56
C ASP C 34 28.78 3.53 5.62
N LEU C 35 27.71 4.31 5.49
CA LEU C 35 27.86 5.76 5.45
C LEU C 35 27.09 6.46 6.57
N THR C 36 27.08 5.89 7.78
CA THR C 36 26.22 6.38 8.85
C THR C 36 26.85 6.06 10.21
N ASP C 37 26.22 6.47 11.30
CA ASP C 37 26.73 6.12 12.64
C ASP C 37 26.39 4.71 13.12
N ASP C 38 26.95 4.37 14.26
CA ASP C 38 26.81 3.04 14.87
C ASP C 38 25.39 2.73 15.31
N ASP C 39 24.78 3.72 15.95
CA ASP C 39 23.44 3.60 16.47
C ASP C 39 22.47 3.15 15.39
N MET C 40 22.61 3.75 14.21
CA MET C 40 21.80 3.46 13.03
C MET C 40 21.99 2.03 12.59
N LEU C 41 23.24 1.66 12.37
CA LEU C 41 23.56 0.31 11.89
C LEU C 41 22.93 -0.75 12.79
N ALA C 42 23.20 -0.62 14.09
CA ALA C 42 22.71 -1.52 15.11
C ALA C 42 21.17 -1.58 15.12
N HIS C 43 20.53 -0.42 15.14
CA HIS C 43 19.08 -0.34 15.05
C HIS C 43 18.49 -1.08 13.84
N LEU C 44 19.06 -0.86 12.66
CA LEU C 44 18.51 -1.44 11.46
C LEU C 44 18.74 -2.96 11.34
N LEU C 45 19.69 -3.47 12.13
CA LEU C 45 19.91 -4.89 12.22
C LEU C 45 18.87 -5.54 13.15
N LYS C 46 18.63 -4.90 14.29
CA LYS C 46 17.66 -5.38 15.26
C LYS C 46 16.25 -5.41 14.67
N TYR C 47 15.86 -4.32 14.02
CA TYR C 47 14.50 -4.16 13.55
C TYR C 47 14.46 -4.24 12.04
N ASP C 48 13.51 -5.00 11.50
CA ASP C 48 13.41 -5.19 10.06
C ASP C 48 11.94 -5.30 9.68
N THR C 49 11.48 -4.35 8.86
CA THR C 49 10.08 -4.19 8.53
C THR C 49 9.46 -5.48 7.99
N MET C 50 10.11 -6.08 6.99
CA MET C 50 9.57 -7.23 6.30
C MET C 50 10.20 -8.53 6.81
N GLN C 51 11.43 -8.47 7.29
CA GLN C 51 12.13 -9.71 7.64
C GLN C 51 12.02 -10.08 9.10
N GLY C 52 11.51 -9.16 9.92
CA GLY C 52 11.29 -9.39 11.35
C GLY C 52 12.44 -9.01 12.29
N ARG C 53 12.17 -9.05 13.58
CA ARG C 53 13.16 -8.67 14.58
C ARG C 53 14.33 -9.63 14.57
N PHE C 54 15.53 -9.11 14.78
CA PHE C 54 16.68 -9.95 15.03
C PHE C 54 16.55 -10.64 16.39
N THR C 55 16.80 -11.94 16.36
CA THR C 55 16.60 -12.77 17.52
C THR C 55 17.57 -12.45 18.66
N GLY C 56 18.87 -12.50 18.36
CA GLY C 56 19.91 -12.25 19.36
C GLY C 56 19.94 -10.87 19.96
N GLU C 57 20.93 -10.62 20.82
CA GLU C 57 21.09 -9.32 21.47
C GLU C 57 22.02 -8.43 20.63
N VAL C 58 21.67 -7.16 20.49
CA VAL C 58 22.52 -6.22 19.76
C VAL C 58 22.78 -5.00 20.64
N GLU C 59 24.04 -4.63 20.76
CA GLU C 59 24.42 -3.53 21.64
C GLU C 59 25.47 -2.66 20.94
N VAL C 60 25.30 -1.36 21.01
CA VAL C 60 26.27 -0.45 20.43
C VAL C 60 27.48 -0.29 21.37
N VAL C 61 28.69 -0.43 20.81
CA VAL C 61 29.93 -0.02 21.48
C VAL C 61 30.66 1.05 20.62
N ASP C 62 31.91 1.39 20.93
CA ASP C 62 32.61 2.36 20.07
C ASP C 62 33.24 1.77 18.82
N GLY C 63 33.93 0.64 18.98
CA GLY C 63 34.37 -0.11 17.80
C GLY C 63 33.31 -0.15 16.72
N GLY C 64 32.06 -0.36 17.15
CA GLY C 64 30.92 -0.62 16.27
C GLY C 64 29.76 -1.10 17.10
N PHE C 65 29.50 -2.41 17.06
CA PHE C 65 28.44 -3.01 17.86
C PHE C 65 28.71 -4.48 18.20
N ARG C 66 27.95 -4.98 19.16
CA ARG C 66 28.14 -6.30 19.74
C ARG C 66 26.90 -7.12 19.52
N VAL C 67 27.05 -8.29 18.93
CA VAL C 67 25.92 -9.15 18.61
C VAL C 67 26.11 -10.49 19.28
N ASN C 68 25.20 -10.81 20.19
CA ASN C 68 25.38 -11.96 21.08
C ASN C 68 26.82 -12.09 21.59
N GLY C 69 27.34 -11.04 22.19
CA GLY C 69 28.71 -11.08 22.74
C GLY C 69 29.84 -10.80 21.76
N LYS C 70 29.65 -11.14 20.49
CA LYS C 70 30.71 -10.95 19.49
C LYS C 70 30.83 -9.51 18.99
N GLU C 71 32.03 -8.95 19.04
CA GLU C 71 32.27 -7.57 18.58
C GLU C 71 32.28 -7.49 17.07
N VAL C 72 31.78 -6.39 16.55
CA VAL C 72 31.84 -6.14 15.12
C VAL C 72 32.29 -4.72 14.90
N LYS C 73 33.47 -4.56 14.30
CA LYS C 73 34.05 -3.27 13.99
C LYS C 73 33.20 -2.66 12.89
N SER C 74 33.01 -1.34 12.92
CA SER C 74 32.20 -0.65 11.91
C SER C 74 32.89 0.61 11.43
N PHE C 75 32.74 0.89 10.14
CA PHE C 75 33.46 1.97 9.51
C PHE C 75 32.53 2.84 8.68
N SER C 76 33.02 4.01 8.31
CA SER C 76 32.19 5.08 7.78
C SER C 76 32.97 5.72 6.62
N GLU C 77 33.42 4.88 5.70
CA GLU C 77 34.44 5.27 4.71
C GLU C 77 33.96 4.94 3.31
N PRO C 78 33.63 5.96 2.51
CA PRO C 78 33.05 5.84 1.17
C PRO C 78 33.98 5.20 0.15
N ASP C 79 35.28 5.31 0.39
CA ASP C 79 36.31 4.85 -0.56
C ASP C 79 36.91 3.53 -0.07
N ALA C 80 36.55 2.45 -0.77
CA ALA C 80 36.87 1.08 -0.35
C ALA C 80 38.35 0.82 -0.17
N SER C 81 39.18 1.49 -0.97
CA SER C 81 40.64 1.28 -0.89
C SER C 81 41.29 1.78 0.42
N LYS C 82 40.54 2.54 1.21
CA LYS C 82 41.02 3.07 2.49
C LYS C 82 40.65 2.22 3.70
N LEU C 83 39.88 1.17 3.48
CA LEU C 83 39.43 0.31 4.58
C LEU C 83 40.57 -0.56 5.16
N PRO C 84 40.55 -0.78 6.49
CA PRO C 84 41.71 -1.43 7.06
C PRO C 84 41.58 -2.94 6.98
N TRP C 85 41.34 -3.44 5.76
CA TRP C 85 41.11 -4.87 5.56
C TRP C 85 42.36 -5.69 5.90
N LYS C 86 43.50 -5.19 5.45
CA LYS C 86 44.80 -5.80 5.70
C LYS C 86 45.04 -6.06 7.20
N ASP C 87 44.74 -5.07 8.02
CA ASP C 87 45.04 -5.12 9.45
C ASP C 87 44.11 -6.03 10.23
N LEU C 88 42.97 -6.36 9.63
CA LEU C 88 41.95 -7.18 10.27
C LEU C 88 41.92 -8.60 9.66
N ASN C 89 42.91 -8.90 8.79
CA ASN C 89 42.98 -10.13 7.97
C ASN C 89 41.64 -10.54 7.41
N ILE C 90 41.06 -9.68 6.60
CA ILE C 90 39.84 -10.02 5.91
C ILE C 90 40.13 -11.07 4.85
N ASP C 91 39.37 -12.16 4.91
CA ASP C 91 39.41 -13.20 3.89
C ASP C 91 38.55 -12.81 2.69
N VAL C 92 37.27 -12.52 2.93
CA VAL C 92 36.36 -12.14 1.85
C VAL C 92 35.50 -10.88 2.19
N VAL C 93 35.52 -9.90 1.30
CA VAL C 93 34.56 -8.81 1.37
C VAL C 93 33.27 -9.18 0.63
N LEU C 94 32.12 -9.04 1.28
CA LEU C 94 30.83 -9.01 0.57
C LEU C 94 30.55 -7.58 0.14
N GLU C 95 30.62 -7.33 -1.15
CA GLU C 95 30.45 -6.00 -1.67
C GLU C 95 28.97 -5.75 -2.00
N CYS C 96 28.29 -4.99 -1.14
CA CYS C 96 26.83 -4.80 -1.21
C CYS C 96 26.38 -3.35 -1.31
N THR C 97 27.24 -2.46 -1.78
CA THR C 97 26.92 -1.01 -1.84
C THR C 97 26.17 -0.61 -3.08
N GLY C 98 26.26 -1.44 -4.11
CA GLY C 98 25.70 -1.11 -5.39
C GLY C 98 26.61 -0.19 -6.19
N PHE C 99 27.76 0.22 -5.63
CA PHE C 99 28.69 1.16 -6.31
C PHE C 99 30.03 0.58 -6.78
N TYR C 100 30.22 -0.72 -6.61
CA TYR C 100 31.44 -1.37 -7.06
C TYR C 100 31.10 -2.58 -7.94
N THR C 101 30.10 -2.43 -8.80
CA THR C 101 29.66 -3.56 -9.62
C THR C 101 30.49 -3.75 -10.90
N ASP C 102 31.81 -3.66 -10.74
CA ASP C 102 32.74 -3.85 -11.84
C ASP C 102 34.01 -4.49 -11.33
N LYS C 103 34.55 -5.48 -12.05
CA LYS C 103 35.77 -6.17 -11.61
C LYS C 103 36.84 -5.16 -11.22
N ASP C 104 37.09 -4.16 -12.08
CA ASP C 104 38.18 -3.21 -11.81
C ASP C 104 37.95 -2.34 -10.59
N LYS C 105 36.72 -1.85 -10.42
CA LYS C 105 36.34 -1.14 -9.20
C LYS C 105 36.55 -1.95 -7.93
N ALA C 106 35.90 -3.11 -7.86
CA ALA C 106 35.97 -3.98 -6.68
C ALA C 106 37.40 -4.37 -6.28
N GLN C 107 38.35 -4.14 -7.20
CA GLN C 107 39.77 -4.43 -6.97
C GLN C 107 40.32 -3.56 -5.84
N ALA C 108 39.63 -2.45 -5.58
CA ALA C 108 39.95 -1.60 -4.43
C ALA C 108 40.02 -2.35 -3.09
N HIS C 109 39.11 -3.31 -2.86
CA HIS C 109 39.12 -4.09 -1.63
C HIS C 109 40.38 -4.92 -1.50
N ILE C 110 40.89 -5.36 -2.64
CA ILE C 110 42.04 -6.23 -2.62
C ILE C 110 43.26 -5.42 -2.24
N GLU C 111 43.32 -4.19 -2.75
CA GLU C 111 44.40 -3.25 -2.43
C GLU C 111 44.37 -2.84 -0.97
N ALA C 112 43.18 -2.74 -0.42
CA ALA C 112 43.00 -2.51 1.02
C ALA C 112 43.46 -3.71 1.89
N GLY C 113 43.54 -4.89 1.29
CA GLY C 113 44.10 -6.07 1.94
C GLY C 113 43.23 -7.31 2.02
N ALA C 114 42.00 -7.25 1.50
CA ALA C 114 41.14 -8.41 1.48
C ALA C 114 41.70 -9.42 0.48
N LYS C 115 41.32 -10.69 0.65
CA LYS C 115 41.86 -11.73 -0.21
C LYS C 115 40.92 -12.03 -1.39
N LYS C 116 39.62 -11.79 -1.19
CA LYS C 116 38.63 -12.05 -2.24
C LYS C 116 37.47 -11.11 -2.08
N VAL C 117 36.75 -10.87 -3.17
CA VAL C 117 35.54 -10.04 -3.16
C VAL C 117 34.40 -10.79 -3.83
N LEU C 118 33.24 -10.79 -3.21
CA LEU C 118 32.05 -11.31 -3.82
C LEU C 118 31.02 -10.18 -3.99
N ILE C 119 30.69 -9.86 -5.24
CA ILE C 119 29.78 -8.76 -5.51
C ILE C 119 28.32 -9.22 -5.46
N SER C 120 27.48 -8.48 -4.78
CA SER C 120 26.12 -8.93 -4.61
C SER C 120 25.24 -8.39 -5.71
N ALA C 121 25.70 -8.52 -6.96
CA ALA C 121 24.96 -8.06 -8.12
C ALA C 121 25.69 -8.47 -9.39
N PRO C 122 25.00 -8.42 -10.54
CA PRO C 122 25.74 -8.52 -11.78
C PRO C 122 26.86 -7.45 -11.87
N ALA C 123 28.00 -7.83 -12.41
CA ALA C 123 29.14 -6.97 -12.44
C ALA C 123 29.82 -7.06 -13.80
N THR C 124 30.25 -5.94 -14.35
CA THR C 124 30.92 -5.91 -15.63
C THR C 124 32.38 -6.36 -15.45
N GLY C 125 33.02 -6.80 -16.54
CA GLY C 125 34.42 -7.19 -16.54
C GLY C 125 34.71 -8.68 -16.59
N ASP C 126 35.99 -8.99 -16.48
CA ASP C 126 36.51 -10.33 -16.68
C ASP C 126 36.33 -11.24 -15.46
N LEU C 127 35.08 -11.50 -15.06
CA LEU C 127 34.87 -12.37 -13.88
C LEU C 127 33.73 -13.38 -14.07
N LYS C 128 33.72 -14.39 -13.22
CA LYS C 128 32.69 -15.43 -13.24
C LYS C 128 31.41 -14.97 -12.53
N THR C 129 30.27 -15.44 -13.03
CA THR C 129 29.01 -15.09 -12.43
C THR C 129 28.34 -16.34 -11.93
N ILE C 130 28.06 -16.35 -10.62
CA ILE C 130 27.63 -17.57 -9.94
C ILE C 130 26.19 -17.57 -9.42
N VAL C 131 25.42 -18.56 -9.89
CA VAL C 131 24.23 -18.99 -9.21
C VAL C 131 24.54 -20.34 -8.55
N PHE C 132 24.48 -20.34 -7.23
CA PHE C 132 24.67 -21.53 -6.47
C PHE C 132 23.71 -22.64 -6.86
N ASN C 133 24.31 -23.82 -7.04
CA ASN C 133 23.64 -25.06 -7.40
C ASN C 133 23.27 -25.13 -8.89
N THR C 134 23.59 -24.07 -9.62
CA THR C 134 23.55 -24.13 -11.06
C THR C 134 24.98 -24.18 -11.65
N ASN C 135 25.88 -23.28 -11.20
CA ASN C 135 27.22 -23.25 -11.79
C ASN C 135 28.37 -22.91 -10.84
N HIS C 136 28.19 -23.09 -9.54
CA HIS C 136 29.27 -22.81 -8.58
C HIS C 136 30.49 -23.73 -8.77
N GLN C 137 30.28 -24.83 -9.49
CA GLN C 137 31.34 -25.81 -9.78
C GLN C 137 32.37 -25.22 -10.74
N GLU C 138 32.03 -24.08 -11.35
CA GLU C 138 32.95 -23.33 -12.22
C GLU C 138 34.10 -22.76 -11.42
N LEU C 139 33.93 -22.70 -10.10
CA LEU C 139 34.93 -22.07 -9.25
C LEU C 139 36.05 -23.04 -8.88
N ASP C 140 37.30 -22.64 -9.18
CA ASP C 140 38.45 -23.46 -8.85
C ASP C 140 39.20 -22.92 -7.64
N GLY C 141 38.74 -21.77 -7.13
CA GLY C 141 39.38 -21.16 -5.95
C GLY C 141 40.54 -20.20 -6.21
N SER C 142 40.98 -20.04 -7.45
CA SER C 142 41.99 -19.02 -7.75
C SER C 142 41.35 -17.65 -8.06
N GLU C 143 40.01 -17.61 -8.03
CA GLU C 143 39.29 -16.39 -8.36
C GLU C 143 39.49 -15.33 -7.29
N THR C 144 39.66 -14.10 -7.72
CA THR C 144 39.91 -13.01 -6.80
C THR C 144 38.67 -12.12 -6.61
N VAL C 145 37.92 -11.92 -7.70
CA VAL C 145 36.65 -11.19 -7.69
C VAL C 145 35.58 -12.01 -8.40
N VAL C 146 34.44 -12.16 -7.74
CA VAL C 146 33.32 -12.95 -8.28
C VAL C 146 31.99 -12.18 -8.15
N SER C 147 31.09 -12.38 -9.10
CA SER C 147 29.71 -11.87 -8.96
C SER C 147 28.70 -12.94 -8.52
N GLY C 148 27.84 -12.59 -7.57
CA GLY C 148 26.74 -13.44 -7.16
C GLY C 148 25.46 -13.34 -8.01
N ALA C 149 25.56 -12.67 -9.16
CA ALA C 149 24.44 -12.45 -10.09
C ALA C 149 23.36 -11.62 -9.44
N SER C 150 22.15 -11.67 -9.97
CA SER C 150 21.06 -10.86 -9.43
C SER C 150 20.02 -11.79 -8.77
N SER C 151 19.01 -11.18 -8.14
CA SER C 151 17.91 -11.93 -7.60
C SER C 151 17.18 -12.74 -8.67
N THR C 152 16.71 -12.03 -9.69
CA THR C 152 16.03 -12.67 -10.82
C THR C 152 16.83 -13.82 -11.48
N THR C 153 18.13 -13.59 -11.72
CA THR C 153 18.98 -14.64 -12.29
C THR C 153 18.93 -15.93 -11.45
N ASN C 154 18.96 -15.77 -10.15
CA ASN C 154 18.94 -16.90 -9.23
C ASN C 154 17.58 -17.56 -9.20
N SER C 155 16.52 -16.82 -9.50
CA SER C 155 15.20 -17.44 -9.59
C SER C 155 15.01 -18.19 -10.91
N LEU C 156 15.83 -17.87 -11.89
CA LEU C 156 15.56 -18.27 -13.25
C LEU C 156 16.47 -19.40 -13.71
N ALA C 157 17.75 -19.27 -13.40
CA ALA C 157 18.75 -20.22 -13.83
C ALA C 157 18.38 -21.71 -13.61
N PRO C 158 17.99 -22.11 -12.37
CA PRO C 158 17.61 -23.51 -12.22
C PRO C 158 16.39 -23.96 -13.03
N VAL C 159 15.48 -23.03 -13.37
CA VAL C 159 14.29 -23.36 -14.18
C VAL C 159 14.72 -23.53 -15.63
N ALA C 160 15.47 -22.54 -16.14
CA ALA C 160 15.95 -22.60 -17.50
C ALA C 160 16.84 -23.84 -17.75
N LYS C 161 17.68 -24.21 -16.78
CA LYS C 161 18.56 -25.36 -16.96
C LYS C 161 17.75 -26.62 -17.21
N VAL C 162 16.68 -26.78 -16.43
CA VAL C 162 15.85 -27.96 -16.53
C VAL C 162 15.16 -28.01 -17.87
N LEU C 163 14.67 -26.87 -18.34
CA LEU C 163 13.99 -26.80 -19.64
C LEU C 163 14.98 -27.11 -20.76
N ASN C 164 16.15 -26.48 -20.72
CA ASN C 164 17.15 -26.72 -21.75
C ASN C 164 17.66 -28.15 -21.76
N ASP C 165 17.92 -28.70 -20.59
CA ASP C 165 18.42 -30.07 -20.52
C ASP C 165 17.42 -31.11 -20.98
N ASP C 166 16.17 -30.93 -20.59
CA ASP C 166 15.16 -31.99 -20.81
C ASP C 166 14.35 -31.84 -22.07
N PHE C 167 14.23 -30.62 -22.59
CA PHE C 167 13.35 -30.38 -23.74
C PHE C 167 14.03 -29.66 -24.90
N GLY C 168 15.17 -29.02 -24.61
CA GLY C 168 15.85 -28.16 -25.55
C GLY C 168 15.14 -26.82 -25.59
N LEU C 169 15.87 -25.75 -25.28
CA LEU C 169 15.31 -24.41 -25.33
C LEU C 169 15.59 -23.74 -26.66
N VAL C 170 14.54 -23.50 -27.44
CA VAL C 170 14.71 -22.70 -28.65
C VAL C 170 14.85 -21.21 -28.28
N GLU C 171 13.83 -20.66 -27.64
CA GLU C 171 13.83 -19.26 -27.27
C GLU C 171 12.75 -18.99 -26.22
N GLY C 172 12.94 -17.92 -25.44
CA GLY C 172 11.96 -17.56 -24.44
C GLY C 172 11.96 -16.12 -24.06
N LEU C 173 10.81 -15.64 -23.59
CA LEU C 173 10.69 -14.30 -23.04
C LEU C 173 10.23 -14.34 -21.60
N MET C 174 10.80 -13.46 -20.81
CA MET C 174 10.64 -13.48 -19.37
C MET C 174 9.95 -12.20 -18.90
N THR C 175 9.05 -12.33 -17.94
CA THR C 175 8.59 -11.18 -17.20
C THR C 175 8.77 -11.49 -15.72
N THR C 176 9.39 -10.57 -15.01
CA THR C 176 9.45 -10.69 -13.57
C THR C 176 8.58 -9.68 -12.82
N ILE C 177 7.64 -10.17 -12.00
CA ILE C 177 6.74 -9.31 -11.23
C ILE C 177 7.36 -9.13 -9.83
N ASN C 178 7.89 -7.95 -9.62
CA ASN C 178 9.02 -7.71 -8.72
C ASN C 178 8.65 -6.76 -7.58
N ALA C 179 9.13 -7.04 -6.37
CA ALA C 179 8.94 -6.08 -5.27
C ALA C 179 9.75 -4.80 -5.55
N TYR C 180 9.30 -3.68 -4.98
CA TYR C 180 10.05 -2.44 -5.19
C TYR C 180 11.33 -2.47 -4.32
N THR C 181 12.36 -1.72 -4.72
CA THR C 181 13.62 -1.75 -3.98
C THR C 181 14.11 -0.33 -3.65
N GLY C 182 15.20 -0.25 -2.91
CA GLY C 182 15.73 1.01 -2.43
C GLY C 182 16.17 1.95 -3.53
N ASP C 183 16.28 1.49 -4.75
CA ASP C 183 16.69 2.47 -5.71
C ASP C 183 15.49 3.13 -6.43
N GLN C 184 14.27 2.81 -5.97
CA GLN C 184 13.08 3.55 -6.34
C GLN C 184 12.70 4.66 -5.35
N ASN C 185 11.95 5.65 -5.85
CA ASN C 185 11.56 6.79 -5.06
C ASN C 185 10.24 6.57 -4.36
N THR C 186 10.16 7.08 -3.14
CA THR C 186 8.94 7.22 -2.35
C THR C 186 7.87 8.07 -3.01
N GLN C 187 8.23 9.27 -3.46
CA GLN C 187 7.30 10.15 -4.20
C GLN C 187 7.86 10.42 -5.60
N ASP C 188 7.00 10.72 -6.59
CA ASP C 188 7.47 11.16 -7.92
C ASP C 188 8.55 12.25 -7.79
N ALA C 189 9.76 11.97 -8.26
CA ALA C 189 10.93 12.87 -8.13
C ALA C 189 12.06 12.48 -9.07
N PRO C 190 12.95 13.44 -9.41
CA PRO C 190 14.14 13.14 -10.23
C PRO C 190 14.90 11.92 -9.74
N HIS C 191 15.39 11.11 -10.67
CA HIS C 191 16.11 9.89 -10.33
C HIS C 191 17.58 10.10 -10.66
N ARG C 192 18.43 9.65 -9.74
CA ARG C 192 19.89 9.71 -9.91
C ARG C 192 20.39 9.21 -11.28
N LYS C 193 19.89 8.06 -11.72
CA LYS C 193 20.32 7.45 -12.97
C LYS C 193 19.47 7.95 -14.15
N GLY C 194 18.52 8.85 -13.90
CA GLY C 194 17.71 9.41 -14.97
C GLY C 194 16.59 8.52 -15.50
N ASP C 195 16.29 7.46 -14.78
CA ASP C 195 15.26 6.54 -15.16
C ASP C 195 13.89 7.16 -14.84
N LYS C 196 13.11 7.46 -15.87
CA LYS C 196 11.84 8.14 -15.71
C LYS C 196 10.77 7.28 -15.04
N ARG C 197 11.05 5.99 -14.88
CA ARG C 197 10.08 5.10 -14.30
C ARG C 197 10.46 4.80 -12.83
N ARG C 198 11.73 4.51 -12.55
CA ARG C 198 12.15 4.38 -11.17
C ARG C 198 12.02 5.70 -10.40
N ALA C 199 11.71 6.78 -11.12
CA ALA C 199 11.50 8.10 -10.52
C ALA C 199 10.15 8.23 -9.78
N ARG C 200 9.24 7.31 -10.07
CA ARG C 200 7.85 7.46 -9.72
C ARG C 200 7.59 6.87 -8.34
N ALA C 201 6.53 7.33 -7.67
CA ALA C 201 6.05 6.69 -6.42
C ALA C 201 6.03 5.12 -6.48
N ALA C 202 6.91 4.49 -5.70
CA ALA C 202 7.13 3.06 -5.82
C ALA C 202 5.95 2.27 -5.32
N ALA C 203 5.23 2.81 -4.33
CA ALA C 203 4.22 2.00 -3.66
C ALA C 203 2.84 2.37 -4.16
N GLU C 204 2.81 3.06 -5.30
CA GLU C 204 1.54 3.48 -5.87
C GLU C 204 1.40 3.14 -7.34
N ASN C 205 2.22 2.24 -7.84
CA ASN C 205 2.36 2.08 -9.26
C ASN C 205 2.79 0.67 -9.67
N ILE C 206 2.31 0.24 -10.83
CA ILE C 206 2.98 -0.77 -11.63
C ILE C 206 4.02 -0.02 -12.50
N ILE C 207 5.29 -0.37 -12.37
CA ILE C 207 6.39 0.35 -12.99
C ILE C 207 7.24 -0.57 -13.86
N PRO C 208 7.11 -0.42 -15.20
CA PRO C 208 7.92 -1.28 -16.07
C PRO C 208 9.40 -0.94 -15.91
N ASN C 209 10.26 -1.94 -15.98
CA ASN C 209 11.69 -1.70 -15.96
C ASN C 209 12.53 -2.81 -16.58
N SER C 210 13.81 -2.52 -16.83
CA SER C 210 14.71 -3.51 -17.42
C SER C 210 15.23 -4.45 -16.35
N THR C 211 15.69 -5.63 -16.75
CA THR C 211 16.23 -6.55 -15.79
C THR C 211 17.62 -6.96 -16.27
N GLY C 212 18.53 -7.20 -15.32
CA GLY C 212 19.83 -7.84 -15.65
C GLY C 212 19.62 -9.26 -16.19
N ALA C 213 18.90 -10.07 -15.38
CA ALA C 213 18.66 -11.50 -15.55
C ALA C 213 18.55 -11.91 -16.97
N ALA C 214 17.63 -11.26 -17.68
CA ALA C 214 17.52 -11.33 -19.15
C ALA C 214 18.82 -11.80 -19.86
N LYS C 215 19.97 -11.23 -19.44
CA LYS C 215 21.26 -11.61 -20.08
C LYS C 215 22.44 -12.00 -19.17
N ALA C 216 22.42 -11.61 -17.89
CA ALA C 216 23.26 -12.30 -16.89
C ALA C 216 23.09 -13.83 -17.08
N ILE C 217 21.90 -14.28 -17.53
CA ILE C 217 21.62 -15.71 -17.69
C ILE C 217 22.59 -16.41 -18.65
N GLY C 218 23.07 -15.69 -19.66
CA GLY C 218 23.93 -16.30 -20.66
C GLY C 218 25.29 -16.62 -20.08
N LYS C 219 25.67 -15.86 -19.05
CA LYS C 219 26.95 -16.04 -18.36
C LYS C 219 26.93 -17.23 -17.42
N VAL C 220 25.74 -17.58 -16.90
CA VAL C 220 25.57 -18.69 -15.97
C VAL C 220 25.34 -20.05 -16.68
N ILE C 221 24.52 -20.04 -17.75
CA ILE C 221 24.25 -21.25 -18.57
C ILE C 221 24.69 -20.92 -20.02
N PRO C 222 25.99 -21.02 -20.32
CA PRO C 222 26.48 -20.56 -21.62
C PRO C 222 25.68 -21.05 -22.82
N GLU C 223 25.32 -22.33 -22.84
CA GLU C 223 24.62 -22.93 -23.99
C GLU C 223 23.22 -22.37 -24.33
N ILE C 224 22.68 -21.48 -23.49
CA ILE C 224 21.45 -20.77 -23.84
C ILE C 224 21.69 -19.27 -23.98
N ASP C 225 22.95 -18.88 -24.17
CA ASP C 225 23.31 -17.48 -24.30
C ASP C 225 22.49 -16.83 -25.41
N GLY C 226 21.94 -15.65 -25.16
CA GLY C 226 21.17 -14.95 -26.20
C GLY C 226 19.86 -15.63 -26.63
N LYS C 227 19.48 -16.69 -25.95
CA LYS C 227 18.18 -17.30 -26.18
C LYS C 227 17.01 -16.76 -25.35
N LEU C 228 17.33 -15.96 -24.32
CA LEU C 228 16.33 -15.35 -23.44
C LEU C 228 16.41 -13.82 -23.33
N ASP C 229 15.24 -13.19 -23.20
CA ASP C 229 15.14 -11.78 -22.86
C ASP C 229 13.89 -11.51 -22.05
N GLY C 230 13.66 -10.24 -21.72
CA GLY C 230 12.48 -9.84 -20.94
C GLY C 230 12.76 -8.75 -19.94
N GLY C 231 11.76 -8.37 -19.17
CA GLY C 231 11.90 -7.25 -18.26
C GLY C 231 11.24 -7.45 -16.91
N ALA C 232 11.11 -6.34 -16.17
CA ALA C 232 10.46 -6.35 -14.90
C ALA C 232 9.22 -5.49 -14.93
N GLN C 233 8.28 -5.85 -14.04
CA GLN C 233 7.23 -4.96 -13.56
C GLN C 233 7.39 -4.83 -12.05
N ARG C 234 7.84 -3.68 -11.58
CA ARG C 234 7.93 -3.41 -10.14
C ARG C 234 6.55 -3.04 -9.59
N VAL C 235 6.10 -3.73 -8.54
CA VAL C 235 4.77 -3.51 -7.98
C VAL C 235 4.85 -3.21 -6.46
N PRO C 236 3.76 -2.65 -5.86
CA PRO C 236 3.75 -2.27 -4.43
C PRO C 236 3.73 -3.35 -3.34
N VAL C 237 4.63 -4.31 -3.39
CA VAL C 237 4.92 -5.18 -2.24
C VAL C 237 6.35 -4.89 -1.88
N ALA C 238 6.69 -4.93 -0.61
CA ALA C 238 8.04 -4.49 -0.17
C ALA C 238 9.11 -5.59 -0.33
N THR C 239 8.66 -6.85 -0.40
CA THR C 239 9.56 -7.94 -0.77
C THR C 239 8.74 -9.14 -1.20
N GLY C 240 9.39 -10.06 -1.93
CA GLY C 240 8.69 -11.17 -2.59
C GLY C 240 8.42 -10.88 -4.06
N SER C 241 8.79 -11.84 -4.92
CA SER C 241 8.70 -11.64 -6.37
C SER C 241 8.39 -12.93 -7.11
N LEU C 242 8.09 -12.81 -8.40
CA LEU C 242 7.67 -13.92 -9.22
C LEU C 242 8.22 -13.78 -10.65
N THR C 243 8.95 -14.79 -11.13
CA THR C 243 9.44 -14.82 -12.49
C THR C 243 8.59 -15.72 -13.41
N GLU C 244 8.07 -15.13 -14.48
CA GLU C 244 7.21 -15.84 -15.42
C GLU C 244 8.05 -16.02 -16.63
N LEU C 245 8.03 -17.22 -17.19
CA LEU C 245 8.83 -17.53 -18.34
C LEU C 245 8.01 -18.25 -19.39
N THR C 246 8.09 -17.74 -20.60
CA THR C 246 7.29 -18.20 -21.73
C THR C 246 8.27 -18.57 -22.83
N VAL C 247 8.23 -19.86 -23.20
CA VAL C 247 9.26 -20.46 -24.04
C VAL C 247 8.78 -21.37 -25.17
N VAL C 248 9.65 -21.49 -26.17
CA VAL C 248 9.49 -22.41 -27.26
C VAL C 248 10.56 -23.47 -27.04
N LEU C 249 10.12 -24.73 -27.01
CA LEU C 249 11.04 -25.87 -26.78
C LEU C 249 11.29 -26.70 -28.03
N GLU C 250 12.36 -27.48 -28.00
CA GLU C 250 12.68 -28.35 -29.11
C GLU C 250 11.72 -29.51 -29.19
N LYS C 251 11.44 -30.15 -28.08
CA LYS C 251 10.37 -31.17 -28.06
C LYS C 251 9.01 -30.51 -28.18
N GLN C 252 8.17 -31.01 -29.07
CA GLN C 252 6.75 -30.70 -28.98
C GLN C 252 6.04 -31.90 -28.36
N ASP C 253 4.73 -31.83 -28.20
CA ASP C 253 4.00 -32.85 -27.43
C ASP C 253 4.44 -32.95 -25.97
N VAL C 254 4.87 -31.81 -25.45
CA VAL C 254 5.23 -31.69 -24.05
C VAL C 254 3.93 -31.55 -23.24
N THR C 255 3.88 -32.14 -22.05
CA THR C 255 2.69 -31.94 -21.21
C THR C 255 3.02 -31.15 -19.95
N VAL C 256 1.98 -30.58 -19.34
CA VAL C 256 2.07 -29.89 -18.05
C VAL C 256 2.67 -30.80 -16.99
N GLU C 257 2.25 -32.06 -17.04
CA GLU C 257 2.70 -33.09 -16.15
C GLU C 257 4.20 -33.40 -16.31
N GLN C 258 4.69 -33.46 -17.55
CA GLN C 258 6.13 -33.67 -17.79
C GLN C 258 6.97 -32.48 -17.29
N VAL C 259 6.53 -31.26 -17.61
CA VAL C 259 7.28 -30.09 -17.18
C VAL C 259 7.43 -30.06 -15.68
N ASN C 260 6.31 -30.18 -14.96
CA ASN C 260 6.32 -30.17 -13.48
C ASN C 260 7.25 -31.24 -12.84
N GLU C 261 7.01 -32.50 -13.23
CA GLU C 261 7.89 -33.60 -12.84
C GLU C 261 9.40 -33.40 -13.12
N ALA C 262 9.73 -32.80 -14.26
CA ALA C 262 11.12 -32.48 -14.57
C ALA C 262 11.69 -31.49 -13.52
N MET C 263 10.89 -30.52 -13.12
CA MET C 263 11.28 -29.54 -12.10
C MET C 263 11.44 -30.15 -10.71
N LYS C 264 10.43 -30.94 -10.29
CA LYS C 264 10.48 -31.63 -9.01
C LYS C 264 11.75 -32.47 -8.91
N ASN C 265 12.02 -33.29 -9.92
CA ASN C 265 13.22 -34.12 -9.96
C ASN C 265 14.54 -33.37 -9.86
N ALA C 266 14.49 -32.05 -10.08
CA ALA C 266 15.71 -31.24 -10.03
C ALA C 266 15.82 -30.45 -8.73
N SER C 267 14.86 -30.61 -7.83
CA SER C 267 14.83 -29.73 -6.65
C SER C 267 15.92 -30.07 -5.63
N ASN C 268 16.47 -29.02 -5.00
CA ASN C 268 17.45 -29.15 -3.95
C ASN C 268 17.27 -28.01 -2.98
N GLU C 269 18.33 -27.61 -2.27
CA GLU C 269 18.15 -26.55 -1.32
C GLU C 269 18.12 -25.16 -1.96
N SER C 270 18.58 -25.07 -3.21
CA SER C 270 18.53 -23.82 -3.97
C SER C 270 17.23 -23.70 -4.78
N PHE C 271 16.66 -24.84 -5.11
CA PHE C 271 15.53 -24.88 -6.00
C PHE C 271 14.45 -25.70 -5.33
N GLY C 272 13.39 -25.03 -4.84
CA GLY C 272 12.29 -25.70 -4.21
C GLY C 272 11.20 -26.00 -5.20
N TYR C 273 10.24 -26.83 -4.81
CA TYR C 273 9.11 -27.19 -5.64
C TYR C 273 7.83 -27.15 -4.79
N THR C 274 6.75 -26.53 -5.29
CA THR C 274 5.46 -26.49 -4.57
C THR C 274 4.25 -26.67 -5.47
N GLU C 275 3.16 -27.19 -4.91
CA GLU C 275 1.87 -27.34 -5.61
C GLU C 275 0.77 -26.65 -4.83
N ASP C 276 1.17 -25.88 -3.82
CA ASP C 276 0.27 -25.08 -3.01
C ASP C 276 0.02 -23.73 -3.66
N GLU C 277 -1.24 -23.28 -3.63
CA GLU C 277 -1.62 -21.99 -4.19
C GLU C 277 -1.16 -20.77 -3.37
N ILE C 278 0.16 -20.59 -3.25
CA ILE C 278 0.72 -19.60 -2.36
C ILE C 278 0.69 -18.24 -3.03
N VAL C 279 0.94 -17.19 -2.26
CA VAL C 279 1.08 -15.81 -2.80
C VAL C 279 2.41 -15.21 -2.35
N SER C 280 2.76 -14.03 -2.82
CA SER C 280 4.12 -13.48 -2.55
C SER C 280 4.54 -13.48 -1.08
N SER C 281 3.72 -12.95 -0.18
CA SER C 281 4.07 -12.93 1.25
C SER C 281 4.44 -14.31 1.83
N ASP C 282 3.96 -15.38 1.21
CA ASP C 282 4.31 -16.72 1.59
C ASP C 282 5.78 -17.09 1.37
N VAL C 283 6.49 -16.34 0.54
CA VAL C 283 7.90 -16.65 0.26
C VAL C 283 8.88 -15.72 0.96
N VAL C 284 8.37 -14.72 1.66
CA VAL C 284 9.19 -13.76 2.42
C VAL C 284 10.00 -14.55 3.44
N GLY C 285 11.31 -14.41 3.40
CA GLY C 285 12.14 -15.03 4.38
C GLY C 285 12.64 -16.42 4.01
N MET C 286 12.16 -16.95 2.88
CA MET C 286 12.59 -18.27 2.44
C MET C 286 14.02 -18.30 1.91
N THR C 287 14.65 -19.46 2.01
CA THR C 287 16.06 -19.59 1.65
C THR C 287 16.31 -20.47 0.42
N TYR C 288 15.26 -20.93 -0.24
CA TYR C 288 15.45 -21.42 -1.59
C TYR C 288 15.77 -20.21 -2.49
N GLY C 289 16.67 -20.38 -3.45
CA GLY C 289 16.97 -19.32 -4.40
C GLY C 289 15.88 -19.16 -5.44
N SER C 290 14.98 -20.13 -5.50
CA SER C 290 13.93 -20.18 -6.51
C SER C 290 12.95 -21.28 -6.08
N LEU C 291 11.66 -21.04 -6.26
CA LEU C 291 10.62 -21.99 -5.81
C LEU C 291 9.65 -22.17 -6.94
N PHE C 292 9.83 -23.25 -7.67
CA PHE C 292 8.93 -23.55 -8.78
C PHE C 292 7.49 -23.79 -8.28
N ASP C 293 6.57 -23.00 -8.82
CA ASP C 293 5.14 -23.12 -8.56
C ASP C 293 4.48 -23.89 -9.69
N ALA C 294 4.17 -25.16 -9.47
CA ALA C 294 3.58 -26.00 -10.50
C ALA C 294 2.12 -25.62 -10.85
N THR C 295 1.44 -24.87 -9.97
CA THR C 295 0.04 -24.52 -10.23
C THR C 295 -0.03 -23.49 -11.37
N GLN C 296 1.11 -22.89 -11.69
CA GLN C 296 1.17 -21.89 -12.73
C GLN C 296 1.68 -22.38 -14.12
N THR C 297 1.99 -23.68 -14.23
CA THR C 297 2.45 -24.25 -15.48
C THR C 297 1.34 -24.30 -16.53
N ARG C 298 1.63 -23.76 -17.71
CA ARG C 298 0.72 -23.77 -18.89
C ARG C 298 1.40 -24.24 -20.16
N VAL C 299 0.71 -25.08 -20.92
CA VAL C 299 1.15 -25.48 -22.25
C VAL C 299 0.05 -25.08 -23.25
N MET C 300 0.45 -24.34 -24.27
CA MET C 300 -0.46 -23.88 -25.31
C MET C 300 -0.11 -24.66 -26.59
N SER C 301 -1.05 -25.48 -27.05
CA SER C 301 -0.86 -26.32 -28.25
C SER C 301 -1.83 -25.93 -29.36
N VAL C 302 -1.29 -25.40 -30.45
CA VAL C 302 -2.07 -25.13 -31.66
C VAL C 302 -1.50 -25.97 -32.81
N GLY C 303 -2.28 -26.95 -33.25
CA GLY C 303 -1.81 -27.93 -34.22
C GLY C 303 -0.46 -28.51 -33.80
N ASP C 304 0.52 -28.36 -34.69
CA ASP C 304 1.88 -28.84 -34.49
C ASP C 304 2.69 -28.14 -33.35
N ARG C 305 2.33 -26.88 -33.02
CA ARG C 305 3.25 -25.96 -32.34
C ARG C 305 2.85 -25.55 -30.93
N GLN C 306 3.84 -25.53 -30.04
CA GLN C 306 3.58 -25.36 -28.63
C GLN C 306 4.31 -24.20 -28.04
N LEU C 307 3.60 -23.51 -27.13
CA LEU C 307 4.17 -22.50 -26.27
C LEU C 307 4.06 -22.95 -24.81
N VAL C 308 5.15 -22.82 -24.06
CA VAL C 308 5.16 -23.29 -22.67
C VAL C 308 5.42 -22.17 -21.69
N LYS C 309 4.62 -22.10 -20.62
CA LYS C 309 4.78 -21.07 -19.59
C LYS C 309 5.00 -21.69 -18.20
N VAL C 310 6.04 -21.18 -17.51
CA VAL C 310 6.28 -21.54 -16.10
C VAL C 310 6.54 -20.32 -15.23
N ALA C 311 6.51 -20.51 -13.91
CA ALA C 311 6.72 -19.44 -12.96
C ALA C 311 7.38 -19.95 -11.69
N ALA C 312 8.34 -19.19 -11.19
CA ALA C 312 9.05 -19.51 -9.98
C ALA C 312 9.01 -18.30 -9.02
N TRP C 313 8.73 -18.57 -7.76
CA TRP C 313 8.73 -17.52 -6.73
C TRP C 313 10.14 -17.34 -6.20
N TYR C 314 10.41 -16.13 -5.69
CA TYR C 314 11.64 -15.78 -4.96
C TYR C 314 11.53 -14.57 -3.99
N ASP C 315 12.02 -14.72 -2.76
CA ASP C 315 12.29 -13.55 -1.92
C ASP C 315 13.55 -12.86 -2.51
N ASN C 316 13.34 -11.74 -3.20
CA ASN C 316 14.46 -11.10 -3.84
C ASN C 316 15.50 -10.70 -2.78
N GLU C 317 15.04 -10.53 -1.54
CA GLU C 317 15.95 -10.27 -0.44
C GLU C 317 16.55 -11.58 0.10
N MET C 318 15.75 -12.42 0.77
CA MET C 318 16.32 -13.59 1.47
C MET C 318 16.75 -14.81 0.57
N SER C 319 16.00 -15.05 -0.51
CA SER C 319 16.37 -16.07 -1.47
C SER C 319 17.74 -15.79 -2.09
N TYR C 320 17.96 -14.53 -2.51
CA TYR C 320 19.24 -14.09 -3.04
C TYR C 320 20.33 -14.14 -1.97
N THR C 321 20.02 -13.68 -0.76
CA THR C 321 20.99 -13.69 0.34
C THR C 321 21.48 -15.13 0.70
N ALA C 322 20.54 -16.07 0.76
CA ALA C 322 20.84 -17.45 1.06
C ALA C 322 21.80 -17.99 0.01
N GLN C 323 21.52 -17.59 -1.23
CA GLN C 323 22.29 -18.07 -2.38
C GLN C 323 23.68 -17.47 -2.31
N LEU C 324 23.73 -16.17 -2.01
CA LEU C 324 24.99 -15.46 -1.92
C LEU C 324 25.91 -16.01 -0.83
N VAL C 325 25.32 -16.32 0.33
CA VAL C 325 26.08 -16.93 1.43
C VAL C 325 26.54 -18.37 1.11
N ARG C 326 25.78 -19.12 0.34
CA ARG C 326 26.27 -20.44 -0.02
C ARG C 326 27.49 -20.35 -0.91
N THR C 327 27.46 -19.37 -1.83
CA THR C 327 28.54 -19.06 -2.75
C THR C 327 29.74 -18.56 -1.97
N LEU C 328 29.48 -17.71 -0.97
CA LEU C 328 30.54 -17.25 -0.08
C LEU C 328 31.24 -18.45 0.56
N ALA C 329 30.47 -19.35 1.16
CA ALA C 329 31.02 -20.47 1.90
C ALA C 329 31.82 -21.40 1.00
N TYR C 330 31.38 -21.56 -0.24
CA TYR C 330 32.04 -22.45 -1.20
C TYR C 330 33.34 -21.85 -1.70
N LEU C 331 33.26 -20.59 -2.07
CA LEU C 331 34.42 -19.81 -2.48
C LEU C 331 35.51 -19.79 -1.40
N ALA C 332 35.10 -19.76 -0.12
CA ALA C 332 36.03 -19.74 1.00
C ALA C 332 36.67 -21.10 1.27
N GLU C 333 35.96 -22.18 0.96
CA GLU C 333 36.47 -23.51 1.27
C GLU C 333 37.51 -23.92 0.24
N LEU C 334 37.53 -23.23 -0.90
CA LEU C 334 38.50 -23.55 -1.96
C LEU C 334 39.85 -22.85 -1.80
N SER C 335 39.90 -21.79 -0.96
CA SER C 335 41.16 -21.14 -0.50
C SER C 335 40.85 -19.89 0.34
N ALA D 2 -34.66 11.16 -25.32
CA ALA D 2 -33.42 10.56 -24.75
C ALA D 2 -33.61 9.07 -24.44
N VAL D 3 -32.49 8.36 -24.35
CA VAL D 3 -32.49 6.92 -24.10
C VAL D 3 -32.48 6.62 -22.60
N LYS D 4 -33.52 5.90 -22.16
CA LYS D 4 -33.75 5.62 -20.75
C LYS D 4 -32.92 4.44 -20.21
N VAL D 5 -31.95 4.76 -19.35
CA VAL D 5 -31.02 3.77 -18.83
C VAL D 5 -31.30 3.53 -17.36
N ALA D 6 -31.25 2.26 -16.95
CA ALA D 6 -31.28 1.89 -15.53
C ALA D 6 -30.00 1.11 -15.25
N ILE D 7 -29.37 1.42 -14.13
CA ILE D 7 -28.18 0.70 -13.73
C ILE D 7 -28.51 -0.30 -12.61
N ASN D 8 -28.26 -1.57 -12.85
CA ASN D 8 -28.42 -2.59 -11.81
C ASN D 8 -27.05 -2.91 -11.20
N GLY D 9 -26.88 -2.52 -9.93
CA GLY D 9 -25.61 -2.65 -9.25
C GLY D 9 -24.78 -1.37 -9.36
N PHE D 10 -24.96 -0.49 -8.39
CA PHE D 10 -24.27 0.79 -8.36
C PHE D 10 -22.87 0.67 -7.73
N GLY D 11 -22.11 -0.32 -8.19
CA GLY D 11 -20.75 -0.54 -7.69
C GLY D 11 -19.76 0.28 -8.44
N ARG D 12 -18.54 -0.24 -8.52
CA ARG D 12 -17.47 0.46 -9.19
C ARG D 12 -17.83 0.80 -10.66
N ILE D 13 -18.17 -0.22 -11.45
CA ILE D 13 -18.53 -0.03 -12.84
C ILE D 13 -19.87 0.72 -13.00
N GLY D 14 -20.85 0.39 -12.17
CA GLY D 14 -22.12 1.08 -12.14
C GLY D 14 -22.02 2.58 -11.89
N ARG D 15 -21.26 2.97 -10.88
CA ARG D 15 -21.14 4.41 -10.57
C ARG D 15 -20.33 5.16 -11.63
N LEU D 16 -19.28 4.54 -12.14
CA LEU D 16 -18.50 5.21 -13.16
C LEU D 16 -19.29 5.33 -14.46
N ALA D 17 -20.04 4.27 -14.80
CA ALA D 17 -21.02 4.33 -15.91
C ALA D 17 -21.92 5.54 -15.75
N PHE D 18 -22.44 5.72 -14.54
CA PHE D 18 -23.25 6.88 -14.23
C PHE D 18 -22.51 8.18 -14.52
N ARG D 19 -21.29 8.33 -14.00
CA ARG D 19 -20.49 9.55 -14.26
C ARG D 19 -20.22 9.78 -15.74
N ARG D 20 -19.80 8.72 -16.44
CA ARG D 20 -19.44 8.80 -17.83
C ARG D 20 -20.64 9.21 -18.67
N ILE D 21 -21.82 8.71 -18.33
CA ILE D 21 -23.08 9.05 -19.00
C ILE D 21 -23.41 10.55 -18.90
N GLN D 22 -23.01 11.20 -17.81
CA GLN D 22 -23.22 12.64 -17.63
C GLN D 22 -22.44 13.44 -18.67
N GLU D 23 -21.24 12.97 -18.99
CA GLU D 23 -20.45 13.54 -20.10
C GLU D 23 -21.00 13.31 -21.51
N VAL D 24 -21.87 12.32 -21.68
CA VAL D 24 -22.33 11.89 -23.01
C VAL D 24 -23.79 12.24 -23.27
N GLU D 25 -23.98 13.14 -24.22
CA GLU D 25 -25.32 13.53 -24.64
C GLU D 25 -26.22 12.32 -24.97
N GLY D 26 -27.53 12.48 -24.72
CA GLY D 26 -28.55 11.56 -25.24
C GLY D 26 -28.78 10.25 -24.52
N LEU D 27 -27.97 10.03 -23.50
CA LEU D 27 -28.21 8.96 -22.56
C LEU D 27 -28.60 9.56 -21.22
N GLU D 28 -29.66 9.00 -20.63
CA GLU D 28 -30.16 9.48 -19.35
C GLU D 28 -30.36 8.31 -18.37
N VAL D 29 -29.63 8.33 -17.26
CA VAL D 29 -29.90 7.39 -16.16
C VAL D 29 -31.12 7.87 -15.36
N VAL D 30 -32.20 7.10 -15.41
CA VAL D 30 -33.40 7.46 -14.65
C VAL D 30 -33.57 6.67 -13.37
N ALA D 31 -32.85 5.55 -13.24
CA ALA D 31 -32.93 4.70 -12.04
C ALA D 31 -31.66 3.90 -11.76
N VAL D 32 -31.45 3.63 -10.47
CA VAL D 32 -30.41 2.69 -10.02
C VAL D 32 -31.02 1.69 -9.05
N ASN D 33 -30.45 0.50 -9.03
CA ASN D 33 -30.79 -0.52 -8.05
C ASN D 33 -29.54 -1.05 -7.37
N ASP D 34 -29.56 -1.16 -6.04
CA ASP D 34 -28.45 -1.77 -5.33
C ASP D 34 -28.98 -2.40 -4.05
N LEU D 35 -28.13 -2.65 -3.08
CA LEU D 35 -28.55 -3.32 -1.85
C LEU D 35 -28.35 -2.47 -0.57
N THR D 36 -28.57 -1.16 -0.67
CA THR D 36 -28.24 -0.26 0.44
C THR D 36 -29.17 0.94 0.41
N ASP D 37 -28.99 1.87 1.34
CA ASP D 37 -29.84 3.08 1.40
C ASP D 37 -29.37 4.18 0.45
N ASP D 38 -30.17 5.22 0.36
CA ASP D 38 -29.94 6.35 -0.53
C ASP D 38 -28.71 7.15 -0.16
N ASP D 39 -28.56 7.40 1.14
CA ASP D 39 -27.48 8.22 1.64
C ASP D 39 -26.16 7.63 1.17
N MET D 40 -26.05 6.30 1.27
CA MET D 40 -24.86 5.55 0.87
C MET D 40 -24.58 5.68 -0.63
N LEU D 41 -25.61 5.47 -1.44
CA LEU D 41 -25.48 5.57 -2.88
C LEU D 41 -24.98 6.95 -3.28
N ALA D 42 -25.62 7.99 -2.77
CA ALA D 42 -25.30 9.36 -3.13
C ALA D 42 -23.88 9.68 -2.68
N HIS D 43 -23.55 9.30 -1.45
CA HIS D 43 -22.21 9.50 -0.91
C HIS D 43 -21.11 8.89 -1.80
N LEU D 44 -21.32 7.65 -2.25
CA LEU D 44 -20.31 6.90 -3.02
C LEU D 44 -20.16 7.38 -4.47
N LEU D 45 -21.16 8.11 -4.92
CA LEU D 45 -21.10 8.79 -6.19
C LEU D 45 -20.33 10.10 -6.05
N LYS D 46 -20.57 10.84 -4.98
CA LYS D 46 -19.88 12.11 -4.79
C LYS D 46 -18.38 11.90 -4.60
N TYR D 47 -18.04 10.97 -3.71
CA TYR D 47 -16.67 10.72 -3.32
C TYR D 47 -16.14 9.44 -3.90
N ASP D 48 -14.93 9.48 -4.45
CA ASP D 48 -14.35 8.32 -5.12
C ASP D 48 -12.87 8.33 -4.85
N THR D 49 -12.38 7.26 -4.23
CA THR D 49 -11.00 7.15 -3.78
C THR D 49 -10.00 7.40 -4.90
N MET D 50 -10.18 6.68 -6.01
CA MET D 50 -9.23 6.64 -7.11
C MET D 50 -9.64 7.53 -8.26
N GLN D 51 -10.94 7.72 -8.43
CA GLN D 51 -11.44 8.41 -9.58
C GLN D 51 -11.76 9.88 -9.26
N GLY D 52 -11.69 10.26 -7.99
CA GLY D 52 -11.84 11.67 -7.61
C GLY D 52 -13.28 12.12 -7.39
N ARG D 53 -13.45 13.34 -6.86
CA ARG D 53 -14.77 13.85 -6.48
C ARG D 53 -15.65 14.07 -7.70
N PHE D 54 -16.93 13.78 -7.54
CA PHE D 54 -17.88 14.08 -8.58
C PHE D 54 -18.05 15.60 -8.64
N THR D 55 -17.94 16.14 -9.84
CA THR D 55 -17.93 17.57 -10.08
C THR D 55 -19.28 18.22 -9.70
N GLY D 56 -20.38 17.68 -10.22
CA GLY D 56 -21.69 18.26 -10.02
C GLY D 56 -22.24 18.16 -8.62
N GLU D 57 -23.49 18.59 -8.44
CA GLU D 57 -24.12 18.60 -7.12
C GLU D 57 -24.94 17.32 -6.92
N VAL D 58 -24.83 16.72 -5.74
CA VAL D 58 -25.55 15.51 -5.45
C VAL D 58 -26.35 15.69 -4.18
N GLU D 59 -27.65 15.47 -4.25
CA GLU D 59 -28.52 15.67 -3.12
C GLU D 59 -29.48 14.49 -2.94
N VAL D 60 -29.57 13.98 -1.71
CA VAL D 60 -30.48 12.87 -1.41
C VAL D 60 -31.92 13.36 -1.30
N VAL D 61 -32.83 12.70 -2.03
CA VAL D 61 -34.28 12.89 -1.83
C VAL D 61 -34.90 11.53 -1.46
N ASP D 62 -36.23 11.40 -1.44
CA ASP D 62 -36.81 10.08 -1.12
C ASP D 62 -36.90 9.12 -2.30
N GLY D 63 -37.31 9.61 -3.46
CA GLY D 63 -37.19 8.80 -4.69
C GLY D 63 -35.84 8.07 -4.75
N GLY D 64 -34.78 8.76 -4.31
CA GLY D 64 -33.41 8.31 -4.49
C GLY D 64 -32.52 9.52 -4.27
N PHE D 65 -31.98 10.07 -5.35
CA PHE D 65 -31.14 11.26 -5.26
C PHE D 65 -31.24 12.17 -6.48
N ARG D 66 -30.71 13.39 -6.32
CA ARG D 66 -30.76 14.43 -7.35
C ARG D 66 -29.34 14.80 -7.76
N VAL D 67 -29.07 14.77 -9.07
CA VAL D 67 -27.74 15.08 -9.59
C VAL D 67 -27.88 16.23 -10.56
N ASN D 68 -27.25 17.35 -10.23
CA ASN D 68 -27.41 18.58 -11.01
C ASN D 68 -28.87 18.77 -11.40
N GLY D 69 -29.76 18.73 -10.41
CA GLY D 69 -31.19 18.97 -10.63
C GLY D 69 -32.00 17.78 -11.12
N LYS D 70 -31.36 16.83 -11.81
CA LYS D 70 -32.08 15.69 -12.37
C LYS D 70 -32.35 14.62 -11.31
N GLU D 71 -33.61 14.18 -11.20
CA GLU D 71 -33.97 13.14 -10.23
C GLU D 71 -33.55 11.76 -10.68
N VAL D 72 -33.13 10.93 -9.74
CA VAL D 72 -32.77 9.54 -10.03
C VAL D 72 -33.46 8.65 -9.01
N LYS D 73 -34.37 7.81 -9.48
CA LYS D 73 -35.07 6.87 -8.61
C LYS D 73 -34.10 5.80 -8.23
N SER D 74 -34.17 5.33 -7.00
CA SER D 74 -33.28 4.28 -6.52
C SER D 74 -34.04 3.16 -5.84
N PHE D 75 -33.53 1.94 -5.99
CA PHE D 75 -34.21 0.76 -5.50
C PHE D 75 -33.28 -0.18 -4.76
N SER D 76 -33.90 -1.05 -3.97
CA SER D 76 -33.22 -1.84 -2.97
C SER D 76 -33.73 -3.28 -3.12
N GLU D 77 -33.65 -3.80 -4.34
CA GLU D 77 -34.33 -5.05 -4.69
C GLU D 77 -33.37 -6.08 -5.29
N PRO D 78 -33.09 -7.16 -4.55
CA PRO D 78 -32.09 -8.17 -4.92
C PRO D 78 -32.47 -8.98 -6.13
N ASP D 79 -33.76 -9.10 -6.38
CA ASP D 79 -34.31 -9.91 -7.46
C ASP D 79 -34.74 -9.03 -8.64
N ALA D 80 -34.00 -9.14 -9.73
CA ALA D 80 -34.11 -8.21 -10.87
C ALA D 80 -35.48 -8.20 -11.51
N SER D 81 -36.16 -9.34 -11.51
CA SER D 81 -37.46 -9.45 -12.16
C SER D 81 -38.55 -8.59 -11.48
N LYS D 82 -38.27 -8.13 -10.25
CA LYS D 82 -39.24 -7.33 -9.47
C LYS D 82 -39.14 -5.84 -9.69
N LEU D 83 -38.10 -5.41 -10.40
CA LEU D 83 -37.84 -3.99 -10.61
C LEU D 83 -38.87 -3.35 -11.54
N PRO D 84 -39.28 -2.10 -11.26
CA PRO D 84 -40.40 -1.53 -12.01
C PRO D 84 -39.96 -0.96 -13.37
N TRP D 85 -39.25 -1.76 -14.15
CA TRP D 85 -38.65 -1.29 -15.39
C TRP D 85 -39.70 -0.87 -16.40
N LYS D 86 -40.72 -1.70 -16.52
CA LYS D 86 -41.89 -1.45 -17.34
C LYS D 86 -42.56 -0.08 -17.07
N ASP D 87 -42.72 0.27 -15.79
CA ASP D 87 -43.40 1.52 -15.40
C ASP D 87 -42.56 2.79 -15.60
N LEU D 88 -41.26 2.63 -15.79
CA LEU D 88 -40.38 3.75 -15.99
C LEU D 88 -39.87 3.80 -17.44
N ASN D 89 -40.44 2.94 -18.30
CA ASN D 89 -40.01 2.77 -19.71
C ASN D 89 -38.50 2.73 -19.89
N ILE D 90 -37.87 1.75 -19.24
CA ILE D 90 -36.44 1.58 -19.35
C ILE D 90 -36.14 1.01 -20.72
N ASP D 91 -35.24 1.68 -21.43
CA ASP D 91 -34.77 1.22 -22.73
C ASP D 91 -33.68 0.16 -22.55
N VAL D 92 -32.64 0.46 -21.76
CA VAL D 92 -31.54 -0.47 -21.56
C VAL D 92 -31.10 -0.54 -20.08
N VAL D 93 -31.02 -1.75 -19.53
CA VAL D 93 -30.41 -1.96 -18.22
C VAL D 93 -28.93 -2.25 -18.37
N LEU D 94 -28.10 -1.51 -17.63
CA LEU D 94 -26.69 -1.81 -17.50
C LEU D 94 -26.57 -2.72 -16.29
N GLU D 95 -26.20 -3.97 -16.55
CA GLU D 95 -26.17 -5.02 -15.53
C GLU D 95 -24.76 -5.12 -14.91
N CYS D 96 -24.58 -4.55 -13.72
CA CYS D 96 -23.26 -4.43 -13.14
C CYS D 96 -23.12 -5.06 -11.77
N THR D 97 -24.02 -5.98 -11.42
CA THR D 97 -24.02 -6.59 -10.09
C THR D 97 -22.98 -7.68 -9.96
N GLY D 98 -22.60 -8.29 -11.07
CA GLY D 98 -21.75 -9.47 -11.01
C GLY D 98 -22.54 -10.76 -10.81
N PHE D 99 -23.86 -10.66 -10.65
CA PHE D 99 -24.67 -11.84 -10.35
C PHE D 99 -25.63 -12.28 -11.44
N TYR D 100 -25.58 -11.63 -12.60
CA TYR D 100 -26.47 -12.00 -13.70
C TYR D 100 -25.66 -12.25 -14.99
N THR D 101 -24.47 -12.82 -14.85
CA THR D 101 -23.57 -12.93 -16.00
C THR D 101 -23.89 -14.16 -16.84
N ASP D 102 -25.16 -14.31 -17.17
CA ASP D 102 -25.64 -15.38 -18.03
C ASP D 102 -26.86 -14.89 -18.81
N LYS D 103 -26.93 -15.20 -20.11
CA LYS D 103 -28.04 -14.73 -20.93
C LYS D 103 -29.39 -15.02 -20.26
N ASP D 104 -29.57 -16.24 -19.76
CA ASP D 104 -30.86 -16.65 -19.17
C ASP D 104 -31.21 -15.91 -17.90
N LYS D 105 -30.22 -15.71 -17.03
CA LYS D 105 -30.41 -14.92 -15.82
C LYS D 105 -30.78 -13.47 -16.10
N ALA D 106 -29.98 -12.81 -16.95
CA ALA D 106 -30.21 -11.41 -17.38
C ALA D 106 -31.56 -11.17 -18.03
N GLN D 107 -32.20 -12.25 -18.49
CA GLN D 107 -33.53 -12.18 -19.08
C GLN D 107 -34.58 -11.66 -18.08
N ALA D 108 -34.23 -11.73 -16.80
CA ALA D 108 -35.10 -11.23 -15.74
C ALA D 108 -35.47 -9.75 -15.95
N HIS D 109 -34.47 -8.96 -16.33
CA HIS D 109 -34.69 -7.53 -16.60
C HIS D 109 -35.73 -7.29 -17.69
N ILE D 110 -35.77 -8.19 -18.68
CA ILE D 110 -36.66 -8.02 -19.81
C ILE D 110 -38.10 -8.30 -19.37
N GLU D 111 -38.25 -9.32 -18.52
CA GLU D 111 -39.54 -9.67 -17.92
C GLU D 111 -40.05 -8.53 -17.04
N ALA D 112 -39.12 -7.84 -16.37
CA ALA D 112 -39.44 -6.65 -15.59
C ALA D 112 -39.89 -5.47 -16.47
N GLY D 113 -39.56 -5.49 -17.76
CA GLY D 113 -40.03 -4.48 -18.69
C GLY D 113 -38.97 -3.73 -19.49
N ALA D 114 -37.70 -3.98 -19.21
CA ALA D 114 -36.62 -3.35 -19.96
C ALA D 114 -36.55 -3.90 -21.38
N LYS D 115 -36.05 -3.10 -22.31
CA LYS D 115 -36.05 -3.49 -23.71
C LYS D 115 -34.76 -4.19 -24.11
N LYS D 116 -33.67 -3.90 -23.39
CA LYS D 116 -32.34 -4.48 -23.63
C LYS D 116 -31.50 -4.52 -22.34
N VAL D 117 -30.54 -5.44 -22.30
CA VAL D 117 -29.62 -5.59 -21.19
C VAL D 117 -28.18 -5.68 -21.71
N LEU D 118 -27.30 -4.87 -21.12
CA LEU D 118 -25.89 -4.91 -21.47
C LEU D 118 -25.12 -5.31 -20.22
N ILE D 119 -24.50 -6.49 -20.26
CA ILE D 119 -23.83 -7.05 -19.08
C ILE D 119 -22.38 -6.57 -19.03
N SER D 120 -22.00 -6.02 -17.89
CA SER D 120 -20.69 -5.44 -17.76
C SER D 120 -19.61 -6.48 -17.41
N ALA D 121 -19.61 -7.60 -18.13
CA ALA D 121 -18.68 -8.70 -17.90
C ALA D 121 -18.91 -9.77 -18.95
N PRO D 122 -17.91 -10.64 -19.17
CA PRO D 122 -18.21 -11.88 -19.93
C PRO D 122 -19.43 -12.63 -19.30
N ALA D 123 -20.27 -13.20 -20.16
CA ALA D 123 -21.52 -13.83 -19.74
C ALA D 123 -21.70 -15.09 -20.56
N THR D 124 -22.12 -16.17 -19.90
CA THR D 124 -22.36 -17.45 -20.56
C THR D 124 -23.66 -17.36 -21.38
N GLY D 125 -23.79 -18.24 -22.39
CA GLY D 125 -25.03 -18.34 -23.16
C GLY D 125 -24.97 -17.84 -24.60
N ASP D 126 -26.15 -17.75 -25.20
CA ASP D 126 -26.27 -17.51 -26.63
C ASP D 126 -26.30 -16.03 -26.96
N LEU D 127 -25.19 -15.34 -26.75
CA LEU D 127 -25.15 -13.89 -26.96
C LEU D 127 -23.83 -13.39 -27.53
N LYS D 128 -23.86 -12.17 -28.08
CA LYS D 128 -22.67 -11.56 -28.66
C LYS D 128 -21.85 -10.85 -27.61
N THR D 129 -20.53 -10.87 -27.78
CA THR D 129 -19.62 -10.27 -26.82
C THR D 129 -18.83 -9.18 -27.52
N ILE D 130 -19.00 -7.94 -27.03
CA ILE D 130 -18.56 -6.78 -27.78
C ILE D 130 -17.42 -6.02 -27.12
N VAL D 131 -16.36 -5.81 -27.89
CA VAL D 131 -15.36 -4.81 -27.55
C VAL D 131 -15.51 -3.72 -28.60
N PHE D 132 -15.87 -2.53 -28.13
CA PHE D 132 -16.11 -1.40 -29.00
C PHE D 132 -14.87 -1.01 -29.82
N ASN D 133 -15.13 -0.77 -31.10
CA ASN D 133 -14.11 -0.48 -32.10
C ASN D 133 -13.28 -1.71 -32.51
N THR D 134 -13.67 -2.89 -32.02
CA THR D 134 -13.08 -4.10 -32.56
C THR D 134 -14.17 -4.91 -33.25
N ASN D 135 -15.35 -5.04 -32.64
CA ASN D 135 -16.41 -5.88 -33.23
C ASN D 135 -17.85 -5.44 -32.94
N HIS D 136 -18.05 -4.16 -32.60
CA HIS D 136 -19.40 -3.64 -32.37
C HIS D 136 -20.27 -3.65 -33.62
N GLN D 137 -19.65 -3.82 -34.77
CA GLN D 137 -20.34 -3.83 -36.08
C GLN D 137 -21.15 -5.12 -36.25
N GLU D 138 -20.90 -6.09 -35.37
CA GLU D 138 -21.61 -7.35 -35.32
C GLU D 138 -23.03 -7.14 -34.84
N LEU D 139 -23.30 -5.98 -34.26
CA LEU D 139 -24.62 -5.70 -33.71
C LEU D 139 -25.54 -5.21 -34.82
N ASP D 140 -26.70 -5.84 -34.95
CA ASP D 140 -27.70 -5.43 -35.92
C ASP D 140 -28.91 -4.76 -35.27
N GLY D 141 -28.94 -4.70 -33.95
CA GLY D 141 -30.04 -4.04 -33.24
C GLY D 141 -31.28 -4.88 -32.91
N SER D 142 -31.27 -6.17 -33.27
CA SER D 142 -32.29 -7.09 -32.81
C SER D 142 -31.88 -7.82 -31.54
N GLU D 143 -30.65 -7.61 -31.07
CA GLU D 143 -30.17 -8.27 -29.87
C GLU D 143 -30.93 -7.75 -28.66
N THR D 144 -31.16 -8.65 -27.71
CA THR D 144 -31.91 -8.34 -26.49
C THR D 144 -31.02 -8.35 -25.23
N VAL D 145 -30.03 -9.26 -25.20
CA VAL D 145 -29.03 -9.34 -24.16
C VAL D 145 -27.63 -9.42 -24.79
N VAL D 146 -26.74 -8.51 -24.38
CA VAL D 146 -25.36 -8.41 -24.91
C VAL D 146 -24.33 -8.33 -23.77
N SER D 147 -23.13 -8.86 -23.99
CA SER D 147 -22.01 -8.74 -23.04
C SER D 147 -20.99 -7.71 -23.53
N GLY D 148 -20.50 -6.89 -22.61
CA GLY D 148 -19.47 -5.91 -22.92
C GLY D 148 -18.06 -6.42 -22.71
N ALA D 149 -17.94 -7.74 -22.60
CA ALA D 149 -16.66 -8.41 -22.35
C ALA D 149 -16.07 -8.02 -21.01
N SER D 150 -14.76 -8.18 -20.84
CA SER D 150 -14.08 -7.82 -19.60
C SER D 150 -13.14 -6.66 -19.88
N SER D 151 -12.52 -6.12 -18.85
CA SER D 151 -11.58 -5.05 -19.05
CA SER D 151 -11.55 -5.06 -19.02
C SER D 151 -10.32 -5.57 -19.76
N THR D 152 -9.84 -6.75 -19.38
CA THR D 152 -8.65 -7.33 -20.04
C THR D 152 -8.91 -7.57 -21.54
N THR D 153 -10.08 -8.12 -21.87
CA THR D 153 -10.46 -8.37 -23.24
C THR D 153 -10.42 -7.08 -24.06
N ASN D 154 -10.94 -5.99 -23.48
CA ASN D 154 -10.90 -4.65 -24.13
C ASN D 154 -9.48 -4.09 -24.26
N SER D 155 -8.57 -4.47 -23.36
CA SER D 155 -7.19 -4.00 -23.51
C SER D 155 -6.45 -4.80 -24.54
N LEU D 156 -6.93 -6.02 -24.79
CA LEU D 156 -6.19 -7.00 -25.59
C LEU D 156 -6.66 -7.08 -27.05
N ALA D 157 -7.98 -7.14 -27.25
CA ALA D 157 -8.61 -7.27 -28.59
C ALA D 157 -8.00 -6.39 -29.70
N PRO D 158 -7.89 -5.04 -29.46
CA PRO D 158 -7.28 -4.20 -30.51
C PRO D 158 -5.78 -4.49 -30.77
N VAL D 159 -5.06 -4.98 -29.76
CA VAL D 159 -3.65 -5.38 -29.93
C VAL D 159 -3.55 -6.68 -30.72
N ALA D 160 -4.37 -7.68 -30.36
CA ALA D 160 -4.40 -8.97 -31.07
C ALA D 160 -4.85 -8.82 -32.54
N LYS D 161 -5.84 -7.96 -32.78
CA LYS D 161 -6.38 -7.82 -34.12
C LYS D 161 -5.26 -7.37 -35.05
N VAL D 162 -4.48 -6.39 -34.58
CA VAL D 162 -3.42 -5.80 -35.39
C VAL D 162 -2.32 -6.82 -35.69
N LEU D 163 -1.92 -7.58 -34.69
CA LEU D 163 -0.94 -8.66 -34.90
C LEU D 163 -1.43 -9.73 -35.87
N ASN D 164 -2.69 -10.17 -35.68
CA ASN D 164 -3.25 -11.20 -36.52
C ASN D 164 -3.42 -10.72 -37.94
N ASP D 165 -3.92 -9.50 -38.11
CA ASP D 165 -4.14 -8.95 -39.46
C ASP D 165 -2.80 -8.78 -40.18
N ASP D 166 -1.83 -8.18 -39.50
CA ASP D 166 -0.62 -7.73 -40.17
C ASP D 166 0.51 -8.75 -40.24
N PHE D 167 0.52 -9.70 -39.32
CA PHE D 167 1.63 -10.64 -39.22
C PHE D 167 1.22 -12.12 -39.22
N GLY D 168 -0.05 -12.37 -38.89
CA GLY D 168 -0.58 -13.72 -38.78
C GLY D 168 -0.21 -14.23 -37.42
N LEU D 169 -1.20 -14.50 -36.59
CA LEU D 169 -0.96 -14.98 -35.24
C LEU D 169 -1.00 -16.50 -35.17
N VAL D 170 0.15 -17.11 -34.91
CA VAL D 170 0.25 -18.55 -34.71
C VAL D 170 -0.30 -18.93 -33.34
N GLU D 171 0.30 -18.37 -32.28
CA GLU D 171 -0.10 -18.66 -30.89
C GLU D 171 0.54 -17.66 -29.95
N GLY D 172 -0.06 -17.49 -28.78
CA GLY D 172 0.44 -16.55 -27.83
C GLY D 172 0.00 -16.82 -26.42
N LEU D 173 0.78 -16.30 -25.48
CA LEU D 173 0.46 -16.37 -24.07
C LEU D 173 0.47 -14.98 -23.46
N MET D 174 -0.45 -14.79 -22.53
CA MET D 174 -0.79 -13.48 -22.03
C MET D 174 -0.54 -13.49 -20.53
N THR D 175 -0.04 -12.38 -20.01
CA THR D 175 -0.07 -12.15 -18.58
C THR D 175 -0.59 -10.76 -18.33
N THR D 176 -1.60 -10.66 -17.49
CA THR D 176 -2.09 -9.36 -17.13
C THR D 176 -1.65 -8.96 -15.69
N ILE D 177 -0.95 -7.84 -15.56
CA ILE D 177 -0.58 -7.35 -14.23
C ILE D 177 -1.67 -6.34 -13.83
N ASN D 178 -2.47 -6.74 -12.85
CA ASN D 178 -3.83 -6.26 -12.65
C ASN D 178 -4.04 -5.56 -11.30
N ALA D 179 -4.84 -4.50 -11.24
CA ALA D 179 -5.23 -3.91 -9.96
C ALA D 179 -6.15 -4.86 -9.22
N TYR D 180 -6.17 -4.75 -7.89
CA TYR D 180 -7.02 -5.60 -7.09
C TYR D 180 -8.43 -5.10 -7.20
N THR D 181 -9.40 -6.00 -7.04
CA THR D 181 -10.81 -5.62 -7.19
C THR D 181 -11.64 -6.01 -6.00
N GLY D 182 -12.92 -5.65 -6.04
CA GLY D 182 -13.78 -5.82 -4.90
C GLY D 182 -14.09 -7.26 -4.58
N ASP D 183 -13.74 -8.18 -5.48
CA ASP D 183 -14.00 -9.55 -5.12
C ASP D 183 -12.78 -10.25 -4.50
N GLN D 184 -11.80 -9.43 -4.16
CA GLN D 184 -10.74 -9.85 -3.26
C GLN D 184 -11.01 -9.40 -1.79
N ASN D 185 -10.38 -10.08 -0.84
CA ASN D 185 -10.49 -9.76 0.57
C ASN D 185 -9.44 -8.75 1.04
N THR D 186 -9.86 -7.92 1.98
CA THR D 186 -8.97 -7.04 2.75
C THR D 186 -7.90 -7.74 3.57
N GLN D 187 -8.29 -8.76 4.36
CA GLN D 187 -7.37 -9.60 5.14
C GLN D 187 -7.56 -11.06 4.69
N ASP D 188 -6.56 -11.92 4.89
CA ASP D 188 -6.71 -13.35 4.61
C ASP D 188 -8.01 -13.83 5.24
N ALA D 189 -8.94 -14.32 4.43
CA ALA D 189 -10.22 -14.83 4.93
C ALA D 189 -10.87 -15.79 3.93
N PRO D 190 -11.81 -16.64 4.40
CA PRO D 190 -12.56 -17.47 3.43
C PRO D 190 -13.15 -16.67 2.26
N HIS D 191 -13.11 -17.24 1.07
CA HIS D 191 -13.66 -16.61 -0.11
C HIS D 191 -14.93 -17.33 -0.54
N ARG D 192 -15.95 -16.53 -0.89
CA ARG D 192 -17.29 -17.03 -1.30
C ARG D 192 -17.19 -18.10 -2.36
N LYS D 193 -16.37 -17.85 -3.36
CA LYS D 193 -16.22 -18.78 -4.48
C LYS D 193 -15.17 -19.85 -4.23
N GLY D 194 -14.54 -19.85 -3.06
CA GLY D 194 -13.58 -20.88 -2.70
C GLY D 194 -12.21 -20.78 -3.34
N ASP D 195 -11.90 -19.61 -3.90
CA ASP D 195 -10.60 -19.32 -4.50
C ASP D 195 -9.60 -19.00 -3.41
N LYS D 196 -8.60 -19.89 -3.26
CA LYS D 196 -7.61 -19.80 -2.18
C LYS D 196 -6.65 -18.63 -2.37
N ARG D 197 -6.68 -18.01 -3.53
CA ARG D 197 -5.80 -16.90 -3.81
C ARG D 197 -6.48 -15.52 -3.66
N ARG D 198 -7.68 -15.38 -4.24
CA ARG D 198 -8.54 -14.21 -3.97
C ARG D 198 -8.98 -14.09 -2.50
N ALA D 199 -8.71 -15.12 -1.70
CA ALA D 199 -8.98 -15.13 -0.24
C ALA D 199 -7.98 -14.28 0.54
N ARG D 200 -6.83 -13.99 -0.08
CA ARG D 200 -5.66 -13.46 0.62
C ARG D 200 -5.68 -11.92 0.65
N ALA D 201 -4.91 -11.34 1.56
CA ALA D 201 -4.83 -9.88 1.67
C ALA D 201 -4.53 -9.22 0.32
N ALA D 202 -5.48 -8.46 -0.19
CA ALA D 202 -5.35 -7.92 -1.54
C ALA D 202 -4.24 -6.90 -1.70
N ALA D 203 -4.00 -6.08 -0.71
CA ALA D 203 -3.01 -5.01 -0.85
C ALA D 203 -1.67 -5.35 -0.22
N GLU D 204 -1.38 -6.64 -0.05
CA GLU D 204 -0.11 -7.06 0.57
C GLU D 204 0.55 -8.18 -0.20
N ASN D 205 0.12 -8.37 -1.44
CA ASN D 205 0.42 -9.59 -2.14
C ASN D 205 0.40 -9.43 -3.67
N ILE D 206 1.27 -10.19 -4.34
CA ILE D 206 1.14 -10.51 -5.76
C ILE D 206 0.36 -11.82 -5.75
N ILE D 207 -0.80 -11.83 -6.41
CA ILE D 207 -1.78 -12.93 -6.32
C ILE D 207 -2.05 -13.51 -7.70
N PRO D 208 -1.53 -14.72 -7.99
CA PRO D 208 -1.86 -15.26 -9.30
C PRO D 208 -3.35 -15.56 -9.40
N ASN D 209 -3.93 -15.31 -10.57
CA ASN D 209 -5.33 -15.68 -10.83
C ASN D 209 -5.65 -15.91 -12.30
N SER D 210 -6.84 -16.45 -12.57
CA SER D 210 -7.29 -16.77 -13.93
C SER D 210 -7.87 -15.52 -14.55
N THR D 211 -7.96 -15.49 -15.88
CA THR D 211 -8.54 -14.34 -16.56
C THR D 211 -9.62 -14.79 -17.53
N GLY D 212 -10.67 -13.98 -17.64
CA GLY D 212 -11.72 -14.25 -18.63
C GLY D 212 -11.15 -14.11 -20.03
N ALA D 213 -10.54 -12.94 -20.24
CA ALA D 213 -9.92 -12.51 -21.49
C ALA D 213 -9.28 -13.62 -22.29
N ALA D 214 -8.44 -14.41 -21.62
CA ALA D 214 -7.79 -15.59 -22.20
C ALA D 214 -8.68 -16.21 -23.28
N LYS D 215 -9.98 -16.27 -22.99
CA LYS D 215 -10.87 -16.96 -23.90
C LYS D 215 -12.22 -16.27 -24.25
N ALA D 216 -12.59 -15.22 -23.52
CA ALA D 216 -13.51 -14.24 -24.09
C ALA D 216 -12.97 -13.70 -25.46
N ILE D 217 -11.65 -13.67 -25.61
CA ILE D 217 -11.02 -13.18 -26.82
C ILE D 217 -11.46 -13.93 -28.09
N GLY D 218 -11.65 -15.23 -27.98
CA GLY D 218 -12.09 -16.02 -29.12
C GLY D 218 -13.47 -15.63 -29.65
N LYS D 219 -14.31 -15.13 -28.76
CA LYS D 219 -15.66 -14.70 -29.10
C LYS D 219 -15.70 -13.35 -29.79
N VAL D 220 -14.65 -12.55 -29.61
CA VAL D 220 -14.56 -11.19 -30.17
C VAL D 220 -13.86 -11.21 -31.53
N ILE D 221 -12.81 -12.01 -31.65
CA ILE D 221 -12.03 -12.16 -32.88
C ILE D 221 -12.02 -13.67 -33.24
N PRO D 222 -13.11 -14.14 -33.89
CA PRO D 222 -13.25 -15.57 -34.09
C PRO D 222 -12.04 -16.29 -34.71
N GLU D 223 -11.36 -15.66 -35.66
CA GLU D 223 -10.26 -16.30 -36.41
C GLU D 223 -8.99 -16.57 -35.58
N ILE D 224 -8.96 -16.08 -34.35
CA ILE D 224 -7.86 -16.41 -33.44
C ILE D 224 -8.34 -17.17 -32.20
N ASP D 225 -9.57 -17.70 -32.27
CA ASP D 225 -10.16 -18.51 -31.22
C ASP D 225 -9.22 -19.65 -30.85
N GLY D 226 -8.97 -19.80 -29.56
CA GLY D 226 -8.14 -20.89 -29.06
C GLY D 226 -6.67 -20.75 -29.35
N LYS D 227 -6.24 -19.61 -29.90
CA LYS D 227 -4.83 -19.38 -30.15
C LYS D 227 -4.15 -18.63 -29.02
N LEU D 228 -4.94 -18.16 -28.06
CA LEU D 228 -4.41 -17.41 -26.91
C LEU D 228 -4.84 -17.98 -25.57
N ASP D 229 -3.95 -17.87 -24.59
CA ASP D 229 -4.27 -18.18 -23.21
C ASP D 229 -3.40 -17.31 -22.30
N GLY D 230 -3.59 -17.45 -20.99
CA GLY D 230 -2.81 -16.68 -20.04
C GLY D 230 -3.59 -16.43 -18.78
N GLY D 231 -2.97 -15.72 -17.83
CA GLY D 231 -3.62 -15.47 -16.56
C GLY D 231 -3.35 -14.09 -16.04
N ALA D 232 -3.71 -13.87 -14.78
CA ALA D 232 -3.56 -12.60 -14.12
C ALA D 232 -2.55 -12.72 -12.99
N GLN D 233 -1.92 -11.58 -12.65
CA GLN D 233 -1.24 -11.33 -11.39
C GLN D 233 -1.88 -10.08 -10.78
N ARG D 234 -2.61 -10.24 -9.68
CA ARG D 234 -3.26 -9.13 -9.03
C ARG D 234 -2.28 -8.48 -8.03
N VAL D 235 -2.05 -7.19 -8.18
CA VAL D 235 -1.03 -6.50 -7.36
C VAL D 235 -1.60 -5.29 -6.60
N PRO D 236 -0.96 -4.86 -5.51
CA PRO D 236 -1.42 -3.75 -4.67
C PRO D 236 -1.46 -2.32 -5.27
N VAL D 237 -2.06 -2.14 -6.45
CA VAL D 237 -2.61 -0.82 -6.86
C VAL D 237 -4.15 -0.94 -6.89
N ALA D 238 -4.86 0.15 -6.53
CA ALA D 238 -6.34 0.11 -6.45
C ALA D 238 -7.03 0.20 -7.82
N THR D 239 -6.35 0.76 -8.80
CA THR D 239 -6.80 0.75 -10.19
C THR D 239 -5.63 1.02 -11.17
N GLY D 240 -5.82 0.61 -12.42
CA GLY D 240 -4.78 0.69 -13.45
C GLY D 240 -4.08 -0.65 -13.61
N SER D 241 -3.94 -1.08 -14.86
CA SER D 241 -3.45 -2.42 -15.15
C SER D 241 -2.62 -2.46 -16.44
N LEU D 242 -2.06 -3.62 -16.76
CA LEU D 242 -1.12 -3.75 -17.89
C LEU D 242 -1.18 -5.18 -18.45
N THR D 243 -1.47 -5.32 -19.74
CA THR D 243 -1.55 -6.63 -20.38
C THR D 243 -0.28 -6.85 -21.17
N GLU D 244 0.44 -7.90 -20.83
CA GLU D 244 1.65 -8.30 -21.55
C GLU D 244 1.32 -9.48 -22.43
N LEU D 245 1.74 -9.43 -23.69
CA LEU D 245 1.40 -10.48 -24.65
C LEU D 245 2.65 -10.93 -25.36
N THR D 246 2.87 -12.25 -25.32
CA THR D 246 4.03 -12.90 -25.91
C THR D 246 3.55 -13.89 -27.00
N VAL D 247 3.99 -13.67 -28.25
CA VAL D 247 3.39 -14.34 -29.38
C VAL D 247 4.39 -14.84 -30.41
N VAL D 248 3.96 -15.89 -31.12
CA VAL D 248 4.64 -16.39 -32.29
C VAL D 248 3.83 -15.99 -33.53
N LEU D 249 4.46 -15.33 -34.49
CA LEU D 249 3.77 -14.79 -35.66
C LEU D 249 4.09 -15.60 -36.90
N GLU D 250 3.28 -15.45 -37.95
CA GLU D 250 3.54 -16.14 -39.20
C GLU D 250 4.71 -15.55 -39.97
N LYS D 251 4.75 -14.22 -40.12
CA LYS D 251 5.94 -13.55 -40.65
C LYS D 251 7.08 -13.62 -39.65
N GLN D 252 8.24 -14.02 -40.15
CA GLN D 252 9.46 -13.79 -39.38
C GLN D 252 10.17 -12.59 -39.99
N ASP D 253 11.31 -12.21 -39.42
CA ASP D 253 11.99 -10.96 -39.80
C ASP D 253 11.12 -9.74 -39.48
N VAL D 254 10.34 -9.86 -38.41
CA VAL D 254 9.54 -8.75 -37.91
C VAL D 254 10.44 -7.82 -37.07
N THR D 255 10.28 -6.50 -37.19
CA THR D 255 11.05 -5.60 -36.33
C THR D 255 10.18 -4.94 -35.26
N VAL D 256 10.85 -4.43 -34.22
CA VAL D 256 10.20 -3.64 -33.17
C VAL D 256 9.47 -2.45 -33.80
N GLU D 257 10.17 -1.80 -34.74
CA GLU D 257 9.68 -0.66 -35.50
C GLU D 257 8.42 -0.96 -36.34
N GLN D 258 8.34 -2.16 -36.91
CA GLN D 258 7.16 -2.56 -37.69
C GLN D 258 5.96 -2.76 -36.80
N VAL D 259 6.20 -3.45 -35.69
CA VAL D 259 5.12 -3.74 -34.74
C VAL D 259 4.53 -2.45 -34.21
N ASN D 260 5.38 -1.52 -33.79
CA ASN D 260 4.96 -0.25 -33.23
C ASN D 260 4.11 0.55 -34.20
N GLU D 261 4.68 0.81 -35.38
CA GLU D 261 3.96 1.50 -36.45
C GLU D 261 2.63 0.84 -36.81
N ALA D 262 2.59 -0.49 -36.82
CA ALA D 262 1.33 -1.21 -37.07
C ALA D 262 0.27 -0.84 -36.02
N MET D 263 0.68 -0.74 -34.76
CA MET D 263 -0.22 -0.30 -33.68
C MET D 263 -0.67 1.14 -33.79
N LYS D 264 0.28 2.06 -33.98
CA LYS D 264 -0.01 3.49 -34.20
C LYS D 264 -1.04 3.70 -35.31
N ASN D 265 -0.80 3.07 -36.45
CA ASN D 265 -1.72 3.15 -37.56
C ASN D 265 -3.13 2.74 -37.27
N ALA D 266 -3.31 1.92 -36.26
CA ALA D 266 -4.64 1.41 -35.92
C ALA D 266 -5.30 2.19 -34.78
N SER D 267 -4.67 3.24 -34.29
CA SER D 267 -5.20 3.91 -33.10
C SER D 267 -6.48 4.70 -33.39
N ASN D 268 -7.37 4.77 -32.41
CA ASN D 268 -8.58 5.56 -32.49
C ASN D 268 -8.93 6.00 -31.09
N GLU D 269 -10.20 6.30 -30.86
CA GLU D 269 -10.63 6.65 -29.50
C GLU D 269 -10.66 5.48 -28.52
N SER D 270 -10.75 4.24 -29.01
CA SER D 270 -10.70 3.02 -28.16
C SER D 270 -9.29 2.49 -27.89
N PHE D 271 -8.35 2.87 -28.76
CA PHE D 271 -7.03 2.27 -28.78
C PHE D 271 -6.04 3.37 -28.94
N GLY D 272 -5.36 3.70 -27.85
CA GLY D 272 -4.40 4.81 -27.82
C GLY D 272 -3.00 4.31 -28.08
N TYR D 273 -2.08 5.23 -28.29
CA TYR D 273 -0.71 4.87 -28.62
C TYR D 273 0.20 5.83 -27.86
N THR D 274 1.24 5.32 -27.20
CA THR D 274 2.17 6.19 -26.51
C THR D 274 3.60 5.72 -26.59
N GLU D 275 4.55 6.65 -26.50
CA GLU D 275 5.96 6.33 -26.45
C GLU D 275 6.57 6.92 -25.17
N ASP D 276 5.70 7.37 -24.28
CA ASP D 276 6.15 7.94 -23.03
C ASP D 276 6.33 6.83 -21.99
N GLU D 277 7.36 6.96 -21.16
CA GLU D 277 7.61 5.99 -20.11
C GLU D 277 6.64 6.21 -18.94
N ILE D 278 5.37 5.98 -19.20
CA ILE D 278 4.36 6.14 -18.17
C ILE D 278 4.35 4.98 -17.14
N VAL D 279 3.62 5.15 -16.04
CA VAL D 279 3.41 4.06 -15.09
C VAL D 279 1.91 3.94 -14.82
N SER D 280 1.44 2.91 -14.11
CA SER D 280 -0.01 2.65 -13.95
C SER D 280 -0.91 3.85 -13.54
N SER D 281 -0.49 4.63 -12.54
CA SER D 281 -1.31 5.74 -12.08
C SER D 281 -1.54 6.79 -13.18
N ASP D 282 -0.65 6.81 -14.18
CA ASP D 282 -0.80 7.67 -15.34
C ASP D 282 -2.00 7.37 -16.20
N VAL D 283 -2.54 6.15 -16.10
CA VAL D 283 -3.70 5.77 -16.91
C VAL D 283 -5.00 5.82 -16.14
N VAL D 284 -4.94 6.11 -14.86
CA VAL D 284 -6.15 6.21 -14.01
C VAL D 284 -7.04 7.30 -14.58
N GLY D 285 -8.29 6.93 -14.88
CA GLY D 285 -9.26 7.88 -15.40
C GLY D 285 -9.31 7.98 -16.92
N MET D 286 -8.42 7.29 -17.61
CA MET D 286 -8.40 7.41 -19.07
C MET D 286 -9.56 6.68 -19.76
N THR D 287 -9.93 7.17 -20.93
CA THR D 287 -11.09 6.65 -21.63
C THR D 287 -10.75 5.87 -22.89
N TYR D 288 -9.47 5.72 -23.22
CA TYR D 288 -9.11 4.65 -24.16
C TYR D 288 -9.42 3.32 -23.52
N GLY D 289 -9.92 2.37 -24.30
CA GLY D 289 -10.09 0.99 -23.81
C GLY D 289 -8.77 0.23 -23.72
N SER D 290 -7.72 0.76 -24.35
CA SER D 290 -6.43 0.11 -24.37
C SER D 290 -5.40 1.15 -24.77
N LEU D 291 -4.23 1.14 -24.14
CA LEU D 291 -3.19 2.07 -24.55
C LEU D 291 -1.86 1.37 -24.86
N PHE D 292 -1.56 1.19 -26.13
CA PHE D 292 -0.34 0.52 -26.51
C PHE D 292 0.90 1.30 -26.08
N ASP D 293 1.77 0.64 -25.32
CA ASP D 293 3.04 1.22 -24.86
C ASP D 293 4.19 0.75 -25.72
N ALA D 294 4.67 1.60 -26.62
CA ALA D 294 5.68 1.18 -27.59
C ALA D 294 7.06 1.01 -26.96
N THR D 295 7.26 1.53 -25.76
CA THR D 295 8.56 1.39 -25.09
C THR D 295 8.78 -0.07 -24.61
N GLN D 296 7.69 -0.83 -24.56
CA GLN D 296 7.73 -2.14 -24.02
C GLN D 296 7.79 -3.26 -25.10
N THR D 297 7.80 -2.85 -26.37
CA THR D 297 7.85 -3.82 -27.44
C THR D 297 9.22 -4.52 -27.49
N ARG D 298 9.20 -5.86 -27.54
CA ARG D 298 10.43 -6.66 -27.69
C ARG D 298 10.31 -7.71 -28.77
N VAL D 299 11.42 -7.97 -29.45
CA VAL D 299 11.46 -9.00 -30.50
C VAL D 299 12.68 -9.83 -30.22
N MET D 300 12.49 -11.14 -30.09
CA MET D 300 13.57 -12.06 -29.71
C MET D 300 13.81 -12.95 -30.95
N SER D 301 14.99 -12.82 -31.55
CA SER D 301 15.31 -13.55 -32.79
C SER D 301 16.46 -14.51 -32.56
N VAL D 302 16.18 -15.82 -32.67
CA VAL D 302 17.23 -16.83 -32.55
C VAL D 302 17.27 -17.65 -33.85
N GLY D 303 18.32 -17.42 -34.64
CA GLY D 303 18.39 -17.94 -35.99
C GLY D 303 17.13 -17.57 -36.76
N ASP D 304 16.44 -18.60 -37.25
CA ASP D 304 15.24 -18.45 -38.08
C ASP D 304 14.01 -17.96 -37.34
N ARG D 305 13.98 -18.16 -36.02
CA ARG D 305 12.73 -18.12 -35.24
C ARG D 305 12.58 -16.95 -34.24
N GLN D 306 11.37 -16.39 -34.21
CA GLN D 306 11.10 -15.15 -33.49
C GLN D 306 10.00 -15.25 -32.48
N LEU D 307 10.24 -14.64 -31.33
CA LEU D 307 9.23 -14.40 -30.31
C LEU D 307 8.99 -12.91 -30.18
N VAL D 308 7.73 -12.50 -30.14
CA VAL D 308 7.40 -11.07 -30.03
C VAL D 308 6.67 -10.76 -28.74
N LYS D 309 7.06 -9.69 -28.08
CA LYS D 309 6.34 -9.25 -26.88
C LYS D 309 5.84 -7.80 -26.98
N VAL D 310 4.59 -7.59 -26.59
CA VAL D 310 3.97 -6.27 -26.55
C VAL D 310 3.17 -6.06 -25.24
N ALA D 311 2.78 -4.82 -24.99
CA ALA D 311 2.12 -4.48 -23.74
C ALA D 311 1.21 -3.29 -23.93
N ALA D 312 0.01 -3.38 -23.34
CA ALA D 312 -0.96 -2.30 -23.43
C ALA D 312 -1.51 -1.96 -22.04
N TRP D 313 -1.60 -0.66 -21.72
CA TRP D 313 -2.16 -0.21 -20.42
C TRP D 313 -3.67 -0.12 -20.52
N TYR D 314 -4.36 -0.18 -19.38
CA TYR D 314 -5.79 0.06 -19.30
C TYR D 314 -6.21 0.35 -17.85
N ASP D 315 -7.06 1.35 -17.64
CA ASP D 315 -7.68 1.55 -16.35
C ASP D 315 -8.85 0.56 -16.34
N ASN D 316 -8.71 -0.48 -15.52
CA ASN D 316 -9.68 -1.53 -15.59
C ASN D 316 -11.05 -0.98 -15.26
N GLU D 317 -11.06 0.16 -14.58
CA GLU D 317 -12.30 0.77 -14.19
C GLU D 317 -12.76 1.67 -15.33
N MET D 318 -12.04 2.78 -15.61
CA MET D 318 -12.57 3.79 -16.54
C MET D 318 -12.43 3.45 -18.01
N SER D 319 -11.32 2.80 -18.37
CA SER D 319 -11.17 2.30 -19.75
C SER D 319 -12.33 1.39 -20.13
N TYR D 320 -12.63 0.42 -19.26
CA TYR D 320 -13.75 -0.49 -19.51
C TYR D 320 -15.08 0.24 -19.54
N THR D 321 -15.27 1.16 -18.60
CA THR D 321 -16.49 1.92 -18.48
C THR D 321 -16.75 2.75 -19.73
N ALA D 322 -15.70 3.42 -20.22
CA ALA D 322 -15.81 4.23 -21.45
C ALA D 322 -16.25 3.37 -22.63
N GLN D 323 -15.62 2.20 -22.75
CA GLN D 323 -15.92 1.20 -23.77
C GLN D 323 -17.33 0.67 -23.65
N LEU D 324 -17.77 0.38 -22.43
CA LEU D 324 -19.14 -0.08 -22.16
C LEU D 324 -20.20 0.94 -22.53
N VAL D 325 -19.91 2.20 -22.24
CA VAL D 325 -20.83 3.31 -22.60
C VAL D 325 -20.89 3.58 -24.10
N ARG D 326 -19.79 3.41 -24.82
CA ARG D 326 -19.82 3.54 -26.26
C ARG D 326 -20.69 2.45 -26.88
N THR D 327 -20.53 1.22 -26.38
CA THR D 327 -21.33 0.09 -26.77
C THR D 327 -22.81 0.31 -26.41
N LEU D 328 -23.07 0.84 -25.21
CA LEU D 328 -24.43 1.25 -24.82
C LEU D 328 -25.03 2.19 -25.85
N ALA D 329 -24.30 3.27 -26.17
CA ALA D 329 -24.81 4.29 -27.09
C ALA D 329 -25.09 3.74 -28.49
N TYR D 330 -24.28 2.80 -28.95
CA TYR D 330 -24.41 2.24 -30.30
C TYR D 330 -25.58 1.28 -30.34
N LEU D 331 -25.66 0.45 -29.30
CA LEU D 331 -26.76 -0.50 -29.12
C LEU D 331 -28.11 0.21 -29.04
N ALA D 332 -28.13 1.38 -28.41
CA ALA D 332 -29.34 2.19 -28.31
C ALA D 332 -29.73 2.84 -29.64
N GLU D 333 -28.74 3.22 -30.45
CA GLU D 333 -29.02 3.90 -31.71
C GLU D 333 -29.58 2.96 -32.77
N LEU D 334 -29.42 1.66 -32.56
CA LEU D 334 -29.90 0.65 -33.51
C LEU D 334 -31.41 0.30 -33.34
PA NAD E . 11.00 17.22 -3.38
O1A NAD E . 12.05 16.25 -2.98
O2A NAD E . 9.84 16.59 -4.06
O5B NAD E . 11.63 18.46 -4.24
C5B NAD E . 12.88 19.02 -3.90
C4B NAD E . 13.60 19.19 -5.22
O4B NAD E . 14.74 20.03 -5.11
C3B NAD E . 14.08 17.89 -5.81
O3B NAD E . 13.44 17.82 -7.06
C2B NAD E . 15.60 18.04 -5.93
O2B NAD E . 16.10 17.52 -7.13
C1B NAD E . 15.73 19.53 -5.99
N9A NAD E . 16.94 20.06 -5.41
C8A NAD E . 17.57 19.64 -4.26
N7A NAD E . 18.60 20.48 -4.09
C5A NAD E . 18.62 21.44 -5.07
C6A NAD E . 19.45 22.52 -5.38
N6A NAD E . 20.47 22.87 -4.60
N1A NAD E . 19.23 23.30 -6.49
C2A NAD E . 18.14 23.02 -7.30
N3A NAD E . 17.32 21.94 -6.98
C4A NAD E . 17.56 21.17 -5.90
O3 NAD E . 10.63 17.91 -1.98
PN NAD E . 9.18 18.46 -1.55
O1N NAD E . 8.48 17.35 -0.81
O2N NAD E . 8.55 18.97 -2.81
O5D NAD E . 9.62 19.59 -0.48
C5D NAD E . 10.24 20.80 -0.84
C4D NAD E . 10.21 21.78 0.33
O4D NAD E . 8.84 22.06 0.62
C3D NAD E . 10.74 21.17 1.61
O3D NAD E . 11.28 22.18 2.44
C2D NAD E . 9.50 20.57 2.26
O2D NAD E . 9.62 20.34 3.65
C1D NAD E . 8.49 21.65 1.93
N1N NAD E . 7.11 21.14 1.94
C2N NAD E . 6.78 19.84 1.64
C3N NAD E . 5.44 19.44 1.66
C7N NAD E . 5.02 18.03 1.22
O7N NAD E . 5.84 17.44 0.23
N7N NAD E . 3.93 17.39 1.73
C4N NAD E . 4.46 20.38 2.01
C5N NAD E . 4.80 21.69 2.32
C6N NAD E . 6.13 22.06 2.29
C1 3PG F . 5.01 19.51 7.54
O1 3PG F . 5.23 19.74 8.75
C2 3PG F . 6.07 19.77 6.44
O3 3PG F . 5.53 20.73 5.48
C3 3PG F . 6.50 18.45 5.73
O1P 3PG F . 7.94 18.17 5.81
P 3PG F . 8.84 17.23 4.73
O2P 3PG F . 8.24 17.47 3.26
O3P 3PG F . 10.31 17.48 4.78
O4P 3PG F . 8.48 15.69 5.03
PA NAD G . -12.75 -12.29 10.20
O1A NAD G . -13.71 -11.75 9.25
O2A NAD G . -11.41 -12.47 9.62
O5B NAD G . -13.39 -13.70 10.52
C5B NAD G . -14.74 -13.87 10.91
C4B NAD G . -14.93 -15.33 10.56
O4B NAD G . -16.09 -15.86 11.14
C3B NAD G . -15.01 -15.48 9.06
O3B NAD G . -14.19 -16.55 8.67
C2B NAD G . -16.41 -15.95 8.82
O2B NAD G . -16.38 -16.83 7.75
C1B NAD G . -16.75 -16.60 10.14
N9A NAD G . -18.17 -16.44 10.39
C8A NAD G . -18.96 -15.33 10.24
N7A NAD G . -20.23 -15.66 10.63
C5A NAD G . -20.24 -16.97 11.02
C6A NAD G . -21.23 -17.82 11.51
N6A NAD G . -22.48 -17.40 11.76
N1A NAD G . -20.90 -19.09 11.83
C2A NAD G . -19.60 -19.56 11.67
N3A NAD G . -18.61 -18.72 11.21
C4A NAD G . -18.94 -17.46 10.88
O3 NAD G . -12.90 -11.36 11.54
PN NAD G . -11.80 -11.01 12.66
O1N NAD G . -11.01 -9.79 12.36
O2N NAD G . -11.02 -12.25 12.85
O5D NAD G . -12.68 -10.65 13.94
C5D NAD G . -13.45 -11.68 14.60
C4D NAD G . -14.07 -11.08 15.85
O4D NAD G . -13.00 -10.76 16.76
C3D NAD G . -14.72 -9.75 15.44
O3D NAD G . -15.84 -9.53 16.26
C2D NAD G . -13.62 -8.72 15.69
O2D NAD G . -14.03 -7.48 16.20
C1D NAD G . -12.87 -9.32 16.85
N1N NAD G . -11.50 -8.76 16.90
C2N NAD G . -10.74 -8.50 15.78
C3N NAD G . -9.46 -7.98 15.93
C7N NAD G . -8.69 -7.50 14.76
O7N NAD G . -8.83 -8.34 13.65
N7N NAD G . -7.93 -6.37 14.79
C4N NAD G . -8.95 -7.73 17.18
C5N NAD G . -9.74 -7.99 18.29
C6N NAD G . -11.02 -8.50 18.14
C1 3PG H . -11.58 -2.12 18.45
O1 3PG H . -11.36 -0.81 18.99
O2 3PG H . -10.35 -2.82 18.68
C2 3PG H . -12.05 -2.14 16.92
O3 3PG H . -13.35 -1.52 16.77
C3 3PG H . -12.06 -3.56 16.17
O1P 3PG H . -12.79 -3.62 14.80
P 3PG H . -13.25 -5.01 13.89
O2P 3PG H . -14.06 -4.58 12.58
O3P 3PG H . -14.36 -5.74 14.76
O4P 3PG H . -12.15 -5.92 13.50
PA NAD I . 20.49 -0.55 0.04
O1A NAD I . 20.32 0.84 -0.38
O2A NAD I . 19.43 -0.99 0.97
O5B NAD I . 21.94 -0.77 0.69
C5B NAD I . 23.05 -0.07 0.14
C4B NAD I . 23.91 0.37 1.31
O4B NAD I . 25.17 0.88 0.95
C3B NAD I . 23.25 1.46 2.10
O3B NAD I . 23.23 1.02 3.46
C2B NAD I . 24.11 2.68 1.93
O2B NAD I . 24.15 3.33 3.17
C1B NAD I . 25.46 2.04 1.67
N9A NAD I . 26.46 2.76 0.86
C8A NAD I . 26.29 3.55 -0.26
N7A NAD I . 27.54 3.96 -0.69
C5A NAD I . 28.47 3.42 0.14
C6A NAD I . 29.86 3.50 0.21
N6A NAD I . 30.60 3.89 -0.83
N1A NAD I . 30.50 2.85 1.23
C2A NAD I . 29.82 2.12 2.18
N3A NAD I . 28.44 2.07 2.09
C4A NAD I . 27.79 2.70 1.11
O3 NAD I . 20.58 -1.38 -1.32
PN NAD I . 20.33 -2.96 -1.34
O1N NAD I . 18.93 -3.17 -1.75
O2N NAD I . 20.87 -3.51 -0.08
O5D NAD I . 21.19 -3.39 -2.62
C5D NAD I . 22.59 -3.46 -2.56
C4D NAD I . 23.00 -4.29 -3.79
O4D NAD I . 22.38 -5.57 -3.77
C3D NAD I . 22.56 -3.63 -5.07
O3D NAD I . 23.57 -3.82 -6.01
C2D NAD I . 21.46 -4.49 -5.58
O2D NAD I . 21.48 -4.40 -6.97
C1D NAD I . 21.84 -5.87 -5.02
N1N NAD I . 20.66 -6.73 -4.81
C2N NAD I . 19.45 -6.23 -4.33
C3N NAD I . 18.39 -7.10 -4.16
C7N NAD I . 17.10 -6.64 -3.56
O7N NAD I . 17.15 -5.53 -2.75
N7N NAD I . 15.95 -7.27 -3.83
C4N NAD I . 18.52 -8.46 -4.47
C5N NAD I . 19.74 -8.94 -4.94
C6N NAD I . 20.81 -8.05 -5.11
C1 3PG J . 17.59 -6.51 -10.83
O1 3PG J . 16.79 -7.37 -11.20
C2 3PG J . 17.77 -5.16 -11.59
O3 3PG J . 18.53 -5.38 -12.80
C3 3PG J . 18.43 -4.02 -10.73
O1P 3PG J . 18.13 -4.04 -9.26
P 3PG J . 18.42 -2.74 -8.22
O2P 3PG J . 18.43 -3.25 -6.67
O3P 3PG J . 19.63 -1.93 -8.55
O4P 3PG J . 17.06 -1.89 -8.33
PA NAD K . -18.92 -3.96 -7.09
O1A NAD K . -18.83 -4.83 -5.91
O2A NAD K . -18.28 -2.64 -6.92
O5B NAD K . -20.45 -3.72 -7.41
C5B NAD K . -21.52 -4.63 -7.25
C4B NAD K . -22.61 -3.72 -6.76
O4B NAD K . -23.89 -4.25 -6.90
C3B NAD K . -22.42 -3.39 -5.30
O3B NAD K . -22.68 -1.99 -5.20
C2B NAD K . -23.46 -4.30 -4.61
O2B NAD K . -23.96 -3.77 -3.42
C1B NAD K . -24.56 -4.44 -5.64
N9A NAD K . -25.21 -5.78 -5.70
C8A NAD K . -24.58 -6.99 -5.57
N7A NAD K . -25.50 -7.98 -5.76
C5A NAD K . -26.69 -7.43 -6.03
C6A NAD K . -27.96 -7.97 -6.31
N6A NAD K . -28.15 -9.28 -6.23
N1A NAD K . -29.03 -7.16 -6.58
C2A NAD K . -28.83 -5.81 -6.56
N3A NAD K . -27.57 -5.26 -6.29
C4A NAD K . -26.51 -6.05 -6.03
O3 NAD K . -18.34 -4.80 -8.32
PN NAD K . -17.72 -4.09 -9.62
O1N NAD K . -16.25 -4.21 -9.44
O2N NAD K . -18.46 -2.80 -9.82
O5D NAD K . -18.07 -5.05 -10.89
C5D NAD K . -19.29 -5.73 -11.08
C4D NAD K . -19.25 -6.59 -12.37
O4D NAD K . -18.52 -5.90 -13.37
C3D NAD K . -18.54 -7.92 -12.18
O3D NAD K . -19.08 -8.95 -12.98
C2D NAD K . -17.15 -7.66 -12.71
O2D NAD K . -16.55 -8.82 -13.22
C1D NAD K . -17.41 -6.65 -13.83
N1N NAD K . -16.21 -5.84 -14.16
C2N NAD K . -15.35 -5.36 -13.17
C3N NAD K . -14.22 -4.62 -13.51
C7N NAD K . -13.45 -3.93 -12.43
O7N NAD K . -14.13 -3.57 -11.27
N7N NAD K . -12.14 -3.67 -12.56
C4N NAD K . -13.95 -4.35 -14.85
C5N NAD K . -14.79 -4.82 -15.84
C6N NAD K . -15.92 -5.57 -15.48
C1 3PG L . -10.67 -8.94 -16.01
O1 3PG L . -10.58 -8.38 -17.28
O2 3PG L . -10.41 -10.30 -16.35
C2 3PG L . -12.08 -8.54 -15.33
O3 3PG L . -12.68 -7.43 -16.05
C3 3PG L . -12.08 -8.20 -13.75
O1P 3PG L . -13.38 -8.47 -12.96
P 3PG L . -13.58 -9.07 -11.30
O2P 3PG L . -14.62 -8.15 -10.47
O3P 3PG L . -13.95 -10.49 -11.17
O4P 3PG L . -12.24 -8.78 -10.49
#